data_4F93
#
_entry.id   4F93
#
_cell.length_a   147.120
_cell.length_b   154.586
_cell.length_c   143.280
_cell.angle_alpha   90.00
_cell.angle_beta   120.62
_cell.angle_gamma   90.00
#
_symmetry.space_group_name_H-M   'C 1 2 1'
#
loop_
_entity.id
_entity.type
_entity.pdbx_description
1 polymer 'U5 small nuclear ribonucleoprotein 200 kDa helicase'
2 non-polymer "ADENOSINE-5'-DIPHOSPHATE"
3 non-polymer "ADENOSINE-5'-TRIPHOSPHATE"
4 non-polymer 'MAGNESIUM ION'
5 non-polymer SULFANILAMIDE
6 water water
#
_entity_poly.entity_id   1
_entity_poly.type   'polypeptide(L)'
_entity_poly.pdbx_seq_one_letter_code
;ALAPRQVLDLEDLVFTQGSHFMANKRCQLPDGSFRRQRKGYEEVHVPALKPKPFGSEEQLLPVEKLPKYAQAGFEGFKTL
NRIQSKLYRAALETDENLLLCAPTGAGKTNVALMCMLREIGKHINMDGTINVDDFKIIYIAPMRSLVQEMVGSFGKRLAT
YGITVAELTGDHQLCKEEISATQIIVCTPEKWDIITRKGGERTYTQLVRLIILDEIHLLHDDRGPVLEALVARAIRNIEM
TQEDVRLIGLSATLPNYEDVATFLRVDPAKGLFYFDNSFRPVPLEQTYVGITEKKAIKRFQIMNEIVYEKIMEHAGKNQV
LVFVHSRKETGKTARAIRDMCLEKDTLGLFLREGSASTEVLRTEAEQCKNLELKDLLPYGFAIHHAGMTRVDRTLVEDLF
ADKHIQVLVSTATLAWGVNLPAHTVIIKGTQVYSPEKGRWTELGALDILQMLGRAGRPQYDTKGEGILITSHGELQYYLS
LLNQQLPIESQMVSKLPDMLNAEIVLGNVQNAKDAVNWLGYAYLYIRMLRSPTLYGISHDDLKGDPLLDQRRLDLVHTAA
LMLDKNNLVKYDKKTGNFQVTELGRIASHYYITNDTVQTYNQLLKPTLSEIELFRVFSLSSEFKNITVREEEKLELQKLL
ERVPIPVKESIEEPSAKINVLLQAFISQLKLEGFALMADMVYVTQLAGRLMRAIFEIVLNRGWAQLTDKTLNLCKMIDKR
MWQSMCPLRQFRKLPEEVVKKIEKKNFPFERLYDLNHNEIGELIRMPKMGKTIHKYVHLFPKLELSVHLQPITRSTLKVE
LTITPDFQWDEKVHGSSEAFWILVEDVDSEVILHHEYFLLKAKYAQDEHLITFFVPVFEPLPPQYFIRVVSDRWLSCETQ
LPVSFRHLILPEKYPPPTELLDLQPLPVSALRNSAFESLYQDKFPFFNPIQTQVFNTVYNSDDNVFVGAPTGSGKTICAE
FAILRMLLQSSEGRCVYITPMEALAEQVYMDWYEKFQDRLNKKVVLLTGETSTDLKLLGKGNIIISTPEKWDILSRRWKQ
RKNVQNINLFVVDEVHLIGGENGPVLEVICSRMRYISSQIERPIRIVALSSSLSNAKDVAHWLGCSATSTFNFHPNVRPV
PLELHIQGFNISHTQTRLLSMAKPVYHAITKHSPKKPVIVFVPSRKQTRLTAIDILTTCAADIQRQRFLHCTEKDLIPYL
EKLSDSTLKETLLNGVGYLHEGLSPMERRLVEQLFSSGAIQVVVASRSLCWGMNVAAHLVIIMDTQYYNGKIHAYVDYPI
YDVLQMVGHANRPLQDDEGRCVIMCQGSKKDFFKKFLYEPLPVESHLDHCMHDHFNAEIVTKTIENKQDAVDYLTWTFLY
RRMTQNPNYYNLQGISHRHLSDHLSELVEQTLSDLEQSKCISIEDEMDVAPLNLGMIAAYYYINYTTIELFSMSLNAKTK
VRGLIEIISNAAEYENIPIRHHEDNLLRQLAQKVPHKLNNPKFNDPHVKTNLLLQAHLSRMQLSAELQSDTEEILSKAIR
LIQACVDVLSSNGWLSPALAAMELAQMVTQAMWSKDSYLKQLPHFTSEHIKRCTDKGVESVFDIMEMEDEERNALLQLTD
SQIADVARFCNRYPNIELSYEVVDKDSIRSGGPVVVLVQLEREEEVTGPVIAPLFPQKREEGWWVVIGDAKSNSLISIKR
LTLQQKAKVKLDFVAPATGAHNYTLYFMSDAYMGCDQEYKFSVD
;
_entity_poly.pdbx_strand_id   B
#
# COMPACT_ATOMS: atom_id res chain seq x y z
N LEU A 2 21.90 34.54 1.30
CA LEU A 2 21.08 34.33 0.11
C LEU A 2 20.78 35.65 -0.60
N ALA A 3 20.18 35.57 -1.77
CA ALA A 3 19.99 36.74 -2.64
C ALA A 3 18.77 37.60 -2.26
N PRO A 4 18.94 38.94 -2.28
CA PRO A 4 17.88 39.91 -2.01
C PRO A 4 16.68 39.75 -2.95
N ARG A 5 15.49 40.05 -2.44
CA ARG A 5 14.25 39.84 -3.20
C ARG A 5 13.42 41.12 -3.31
N GLN A 6 12.41 41.09 -4.16
CA GLN A 6 11.56 42.25 -4.41
C GLN A 6 10.09 41.85 -4.50
N VAL A 7 9.25 42.47 -3.65
CA VAL A 7 7.82 42.20 -3.69
C VAL A 7 7.21 42.77 -4.97
N LEU A 8 6.48 41.94 -5.70
CA LEU A 8 6.01 42.33 -7.03
C LEU A 8 4.53 42.69 -7.09
N ASP A 9 4.24 43.74 -7.86
CA ASP A 9 2.88 44.07 -8.24
C ASP A 9 2.43 42.96 -9.19
N LEU A 10 1.97 41.85 -8.62
CA LEU A 10 1.67 40.65 -9.39
C LEU A 10 0.54 40.87 -10.38
N GLU A 11 -0.48 41.62 -9.96
CA GLU A 11 -1.65 41.87 -10.79
C GLU A 11 -1.30 42.66 -12.05
N ASP A 12 -0.21 43.42 -11.98
CA ASP A 12 0.26 44.21 -13.12
C ASP A 12 0.92 43.34 -14.19
N LEU A 13 1.80 42.44 -13.75
CA LEU A 13 2.56 41.59 -14.66
C LEU A 13 1.71 40.61 -15.43
N VAL A 14 0.49 40.39 -14.95
CA VAL A 14 -0.36 39.33 -15.47
C VAL A 14 -1.09 39.73 -16.76
N PHE A 15 -1.53 38.73 -17.53
CA PHE A 15 -2.27 38.98 -18.77
C PHE A 15 -3.77 38.99 -18.47
N THR A 16 -4.31 40.18 -18.24
CA THR A 16 -5.68 40.35 -17.76
C THR A 16 -6.75 39.77 -18.70
N GLN A 17 -6.51 39.90 -20.01
CA GLN A 17 -7.49 39.46 -21.00
C GLN A 17 -7.67 37.94 -21.07
N GLY A 18 -6.89 37.19 -20.31
CA GLY A 18 -6.98 35.74 -20.36
C GLY A 18 -6.69 35.17 -21.74
N SER A 19 -7.57 34.30 -22.22
CA SER A 19 -7.35 33.62 -23.51
C SER A 19 -7.49 34.56 -24.69
N HIS A 20 -8.07 35.73 -24.41
CA HIS A 20 -8.46 36.69 -25.44
C HIS A 20 -7.31 37.64 -25.73
N PHE A 21 -6.31 37.63 -24.86
CA PHE A 21 -5.15 38.51 -24.96
C PHE A 21 -4.40 38.34 -26.29
N MET A 22 -4.11 39.44 -26.97
CA MET A 22 -3.28 39.39 -28.17
C MET A 22 -2.15 40.41 -28.17
N ALA A 23 -0.92 39.90 -28.13
CA ALA A 23 0.27 40.71 -28.32
C ALA A 23 0.61 40.63 -29.79
N ASN A 24 -0.39 40.88 -30.64
CA ASN A 24 -0.29 40.57 -32.05
C ASN A 24 -0.10 41.80 -32.94
N LYS A 25 -0.51 42.97 -32.44
CA LYS A 25 -0.35 44.25 -33.16
C LYS A 25 -1.00 44.25 -34.55
N ARG A 26 -0.16 44.15 -35.58
CA ARG A 26 -0.63 44.14 -36.96
C ARG A 26 -1.30 42.80 -37.30
N CYS A 27 -1.94 42.74 -38.45
CA CYS A 27 -2.54 41.50 -38.92
C CYS A 27 -2.66 41.48 -40.44
N GLN A 28 -1.79 40.70 -41.09
CA GLN A 28 -1.78 40.66 -42.56
C GLN A 28 -2.72 39.60 -43.12
N LEU A 29 -3.53 40.02 -44.08
CA LEU A 29 -4.47 39.13 -44.73
C LEU A 29 -3.81 38.56 -45.97
N PRO A 30 -4.16 37.31 -46.35
CA PRO A 30 -3.73 36.68 -47.61
C PRO A 30 -4.18 37.46 -48.86
N ASP A 31 -4.08 36.85 -50.03
CA ASP A 31 -4.31 37.58 -51.28
C ASP A 31 -5.73 38.17 -51.41
N GLY A 32 -6.75 37.39 -51.04
CA GLY A 32 -8.11 37.88 -51.03
C GLY A 32 -8.33 38.78 -49.84
N SER A 33 -8.45 40.08 -50.11
CA SER A 33 -8.51 41.07 -49.04
C SER A 33 -9.90 41.66 -48.96
N PHE A 34 -10.68 41.45 -50.02
CA PHE A 34 -11.87 42.26 -50.29
C PHE A 34 -12.82 42.45 -49.12
N ARG A 35 -13.13 43.71 -48.86
CA ARG A 35 -14.00 44.10 -47.77
C ARG A 35 -15.30 44.63 -48.34
N ARG A 36 -16.41 44.06 -47.88
CA ARG A 36 -17.74 44.40 -48.40
C ARG A 36 -18.57 45.04 -47.30
N GLN A 37 -18.47 46.36 -47.15
CA GLN A 37 -19.21 47.06 -46.10
C GLN A 37 -20.72 46.98 -46.32
N ARG A 38 -21.45 46.96 -45.22
CA ARG A 38 -22.92 46.92 -45.24
C ARG A 38 -23.46 47.92 -44.22
N LYS A 39 -22.67 48.97 -43.98
CA LYS A 39 -23.02 50.04 -43.05
C LYS A 39 -23.25 49.54 -41.62
N GLY A 40 -24.29 48.72 -41.44
CA GLY A 40 -24.57 48.11 -40.15
C GLY A 40 -23.53 47.10 -39.70
N TYR A 41 -22.83 46.52 -40.66
CA TYR A 41 -21.79 45.54 -40.37
C TYR A 41 -20.78 45.40 -41.52
N GLU A 42 -19.52 45.20 -41.16
CA GLU A 42 -18.43 45.10 -42.14
C GLU A 42 -18.11 43.64 -42.43
N GLU A 43 -17.89 43.31 -43.71
CA GLU A 43 -17.55 41.95 -44.12
C GLU A 43 -16.10 41.84 -44.53
N VAL A 44 -15.43 40.79 -44.07
CA VAL A 44 -14.04 40.53 -44.47
C VAL A 44 -13.87 39.09 -44.91
N HIS A 45 -13.31 38.91 -46.11
CA HIS A 45 -13.08 37.59 -46.67
C HIS A 45 -11.60 37.28 -46.81
N VAL A 46 -11.25 36.02 -46.53
CA VAL A 46 -9.98 35.49 -47.00
C VAL A 46 -10.29 34.17 -47.70
N PRO A 47 -9.70 33.99 -48.89
CA PRO A 47 -10.05 32.92 -49.81
C PRO A 47 -9.38 31.61 -49.46
N ALA A 48 -9.89 30.53 -50.02
CA ALA A 48 -9.33 29.21 -49.79
C ALA A 48 -7.92 29.17 -50.35
N LEU A 49 -7.10 28.27 -49.81
CA LEU A 49 -5.71 28.15 -50.25
C LEU A 49 -5.56 27.01 -51.24
N LYS A 50 -4.80 27.23 -52.30
CA LYS A 50 -4.41 26.15 -53.20
C LYS A 50 -3.44 25.21 -52.45
N PRO A 51 -3.52 23.91 -52.74
CA PRO A 51 -2.65 22.90 -52.11
C PRO A 51 -1.19 22.93 -52.60
N LYS A 52 -0.24 23.01 -51.67
CA LYS A 52 1.21 23.04 -51.98
C LYS A 52 1.65 21.86 -52.86
N PRO A 53 2.74 22.05 -53.64
CA PRO A 53 3.18 21.01 -54.58
C PRO A 53 3.91 19.84 -53.92
N PHE A 54 3.69 18.63 -54.43
CA PHE A 54 4.39 17.44 -53.98
C PHE A 54 5.89 17.54 -54.21
N GLY A 55 6.66 17.36 -53.13
CA GLY A 55 8.10 17.48 -53.21
C GLY A 55 8.79 16.22 -53.72
N SER A 56 10.09 16.33 -53.96
CA SER A 56 10.88 15.19 -54.45
C SER A 56 10.81 14.04 -53.48
N GLU A 57 10.26 12.92 -53.94
CA GLU A 57 9.99 11.76 -53.10
C GLU A 57 9.14 12.14 -51.90
N GLU A 58 8.00 12.78 -52.18
CA GLU A 58 7.02 13.08 -51.14
C GLU A 58 5.73 12.35 -51.48
N GLN A 59 5.74 11.03 -51.34
CA GLN A 59 4.58 10.22 -51.67
C GLN A 59 3.78 9.89 -50.41
N LEU A 60 2.61 9.28 -50.60
CA LEU A 60 1.77 8.88 -49.47
C LEU A 60 1.94 7.39 -49.15
N LEU A 61 2.52 7.11 -47.99
CA LEU A 61 2.79 5.73 -47.56
C LEU A 61 1.49 4.96 -47.37
N PRO A 62 1.39 3.76 -47.98
CA PRO A 62 0.26 2.87 -47.75
C PRO A 62 0.51 1.95 -46.56
N VAL A 63 -0.55 1.48 -45.93
CA VAL A 63 -0.45 0.59 -44.77
C VAL A 63 0.33 -0.67 -45.12
N GLU A 64 0.27 -1.06 -46.39
CA GLU A 64 1.05 -2.19 -46.89
C GLU A 64 2.52 -2.07 -46.52
N LYS A 65 3.10 -0.90 -46.77
CA LYS A 65 4.52 -0.68 -46.52
C LYS A 65 4.82 -0.48 -45.03
N LEU A 66 3.83 0.04 -44.31
CA LEU A 66 3.96 0.20 -42.86
C LEU A 66 4.15 -1.16 -42.21
N PRO A 67 5.05 -1.24 -41.21
CA PRO A 67 5.41 -2.45 -40.45
C PRO A 67 4.23 -3.36 -40.13
N LYS A 68 4.42 -4.66 -40.36
CA LYS A 68 3.34 -5.63 -40.32
C LYS A 68 2.63 -5.73 -38.96
N TYR A 69 3.22 -5.13 -37.93
CA TYR A 69 2.61 -5.19 -36.60
C TYR A 69 1.74 -3.98 -36.30
N ALA A 70 1.85 -2.94 -37.13
CA ALA A 70 1.09 -1.71 -36.92
C ALA A 70 -0.15 -1.68 -37.79
N GLN A 71 -0.34 -2.75 -38.57
CA GLN A 71 -1.46 -2.85 -39.50
C GLN A 71 -2.81 -2.75 -38.78
N ALA A 72 -2.96 -3.54 -37.71
CA ALA A 72 -4.20 -3.52 -36.93
C ALA A 72 -4.47 -2.12 -36.39
N GLY A 73 -5.75 -1.79 -36.25
CA GLY A 73 -6.13 -0.44 -35.86
C GLY A 73 -6.00 0.52 -37.03
N PHE A 74 -6.06 -0.04 -38.24
CA PHE A 74 -5.99 0.76 -39.46
C PHE A 74 -6.86 0.19 -40.57
N GLU A 75 -7.63 -0.85 -40.28
CA GLU A 75 -8.63 -1.28 -41.23
C GLU A 75 -9.67 -0.17 -41.26
N GLY A 76 -10.06 0.25 -42.46
CA GLY A 76 -10.86 1.44 -42.64
C GLY A 76 -9.96 2.54 -43.16
N PHE A 77 -8.70 2.18 -43.40
CA PHE A 77 -7.72 3.09 -43.97
C PHE A 77 -6.83 2.36 -44.97
N LYS A 78 -6.80 2.84 -46.20
CA LYS A 78 -5.97 2.22 -47.25
C LYS A 78 -4.57 2.86 -47.25
N THR A 79 -4.52 4.18 -47.14
CA THR A 79 -3.23 4.90 -47.17
C THR A 79 -3.11 5.93 -46.06
N LEU A 80 -1.94 6.59 -46.00
CA LEU A 80 -1.67 7.61 -44.99
C LEU A 80 -1.82 9.02 -45.55
N ASN A 81 -2.22 9.94 -44.67
CA ASN A 81 -2.42 11.35 -45.02
C ASN A 81 -1.13 12.03 -45.48
N ARG A 82 -1.25 13.24 -46.01
CA ARG A 82 -0.10 14.01 -46.46
C ARG A 82 0.79 14.38 -45.28
N ILE A 83 0.18 14.76 -44.17
CA ILE A 83 0.92 15.05 -42.94
C ILE A 83 1.55 13.78 -42.41
N GLN A 84 0.72 12.74 -42.33
CA GLN A 84 1.09 11.49 -41.68
C GLN A 84 2.22 10.76 -42.39
N SER A 85 2.55 11.22 -43.58
CA SER A 85 3.63 10.64 -44.35
C SER A 85 4.99 11.17 -43.89
N LYS A 86 5.07 12.48 -43.62
CA LYS A 86 6.32 13.07 -43.12
C LYS A 86 6.70 12.55 -41.74
N LEU A 87 5.76 11.89 -41.09
CA LEU A 87 5.89 11.58 -39.68
C LEU A 87 5.96 10.10 -39.34
N TYR A 88 5.83 9.24 -40.35
CA TYR A 88 5.88 7.81 -40.10
C TYR A 88 7.20 7.41 -39.46
N ARG A 89 8.31 7.89 -40.01
CA ARG A 89 9.61 7.60 -39.42
C ARG A 89 9.69 8.24 -38.04
N ALA A 90 9.24 9.48 -37.95
CA ALA A 90 9.28 10.23 -36.70
C ALA A 90 8.52 9.51 -35.59
N ALA A 91 7.32 9.02 -35.91
CA ALA A 91 6.45 8.44 -34.91
C ALA A 91 6.80 7.01 -34.54
N LEU A 92 6.98 6.18 -35.56
CA LEU A 92 7.11 4.74 -35.36
C LEU A 92 8.56 4.23 -35.35
N GLU A 93 9.49 5.04 -35.82
CA GLU A 93 10.87 4.59 -35.94
C GLU A 93 11.84 5.33 -35.02
N THR A 94 11.33 6.31 -34.26
CA THR A 94 12.15 7.04 -33.30
C THR A 94 11.39 7.27 -32.00
N ASP A 95 12.13 7.45 -30.91
CA ASP A 95 11.54 7.72 -29.61
C ASP A 95 11.71 9.19 -29.28
N GLU A 96 11.95 9.99 -30.32
CA GLU A 96 12.16 11.42 -30.16
C GLU A 96 10.87 12.13 -29.75
N ASN A 97 11.00 13.13 -28.89
CA ASN A 97 9.88 14.00 -28.56
C ASN A 97 9.45 14.82 -29.78
N LEU A 98 8.15 14.82 -30.06
CA LEU A 98 7.60 15.50 -31.25
C LEU A 98 6.69 16.67 -30.89
N LEU A 99 6.69 17.68 -31.75
CA LEU A 99 5.72 18.77 -31.68
C LEU A 99 5.15 18.95 -33.08
N LEU A 100 3.86 18.67 -33.23
CA LEU A 100 3.20 18.71 -34.54
C LEU A 100 2.25 19.88 -34.63
N CYS A 101 2.45 20.73 -35.63
CA CYS A 101 1.51 21.80 -35.91
C CYS A 101 0.84 21.61 -37.25
N ALA A 102 -0.49 21.67 -37.26
CA ALA A 102 -1.25 21.46 -38.47
C ALA A 102 -2.60 22.15 -38.37
N PRO A 103 -3.24 22.38 -39.53
CA PRO A 103 -4.62 22.87 -39.47
C PRO A 103 -5.46 21.88 -38.70
N THR A 104 -6.42 22.37 -37.93
CA THR A 104 -7.35 21.47 -37.27
C THR A 104 -8.08 20.71 -38.38
N GLY A 105 -8.17 19.39 -38.22
CA GLY A 105 -8.79 18.55 -39.21
C GLY A 105 -7.77 17.89 -40.14
N ALA A 106 -6.50 18.24 -39.98
CA ALA A 106 -5.45 17.73 -40.86
C ALA A 106 -5.10 16.26 -40.60
N GLY A 107 -5.29 15.81 -39.36
CA GLY A 107 -5.09 14.42 -39.03
C GLY A 107 -3.91 14.18 -38.09
N LYS A 108 -3.71 15.10 -37.16
CA LYS A 108 -2.62 14.98 -36.19
C LYS A 108 -2.87 13.79 -35.27
N THR A 109 -4.14 13.42 -35.13
CA THR A 109 -4.51 12.33 -34.22
C THR A 109 -3.89 11.00 -34.63
N ASN A 110 -4.08 10.59 -35.88
CA ASN A 110 -3.47 9.36 -36.37
C ASN A 110 -1.95 9.31 -36.16
N VAL A 111 -1.33 10.48 -36.16
CA VAL A 111 0.09 10.58 -35.88
C VAL A 111 0.36 10.21 -34.43
N ALA A 112 -0.50 10.69 -33.53
CA ALA A 112 -0.41 10.30 -32.13
C ALA A 112 -0.66 8.81 -31.97
N LEU A 113 -1.55 8.27 -32.80
CA LEU A 113 -1.85 6.84 -32.80
C LEU A 113 -0.62 6.01 -33.14
N MET A 114 0.15 6.47 -34.12
CA MET A 114 1.34 5.75 -34.55
C MET A 114 2.39 5.72 -33.46
N CYS A 115 2.44 6.78 -32.65
CA CYS A 115 3.39 6.84 -31.55
C CYS A 115 3.01 5.84 -30.48
N MET A 116 1.70 5.71 -30.25
CA MET A 116 1.17 4.72 -29.33
C MET A 116 1.59 3.33 -29.77
N LEU A 117 1.38 3.06 -31.05
CA LEU A 117 1.70 1.76 -31.64
C LEU A 117 3.15 1.38 -31.38
N ARG A 118 4.03 2.36 -31.44
CA ARG A 118 5.45 2.10 -31.20
C ARG A 118 5.70 1.62 -29.79
N GLU A 119 5.09 2.30 -28.82
CA GLU A 119 5.27 1.93 -27.41
C GLU A 119 4.71 0.54 -27.17
N ILE A 120 3.59 0.23 -27.83
CA ILE A 120 3.02 -1.10 -27.82
C ILE A 120 3.93 -2.08 -28.56
N GLY A 121 4.67 -1.57 -29.55
CA GLY A 121 5.51 -2.39 -30.39
C GLY A 121 6.60 -3.16 -29.66
N LYS A 122 7.03 -2.63 -28.52
CA LYS A 122 8.07 -3.26 -27.72
C LYS A 122 7.50 -4.04 -26.52
N HIS A 123 6.33 -4.63 -26.71
CA HIS A 123 5.71 -5.49 -25.71
C HIS A 123 4.99 -6.62 -26.43
N ILE A 124 5.69 -7.25 -27.38
CA ILE A 124 5.07 -8.27 -28.23
C ILE A 124 5.23 -9.69 -27.68
N ASN A 125 6.20 -9.88 -26.79
CA ASN A 125 6.30 -11.09 -25.97
C ASN A 125 6.32 -12.43 -26.74
N MET A 126 7.05 -12.48 -27.85
CA MET A 126 7.27 -13.71 -28.63
C MET A 126 5.96 -14.39 -29.08
N ASP A 127 5.60 -15.48 -28.39
CA ASP A 127 4.38 -16.23 -28.72
C ASP A 127 3.14 -15.54 -28.15
N GLY A 128 3.14 -15.29 -26.84
CA GLY A 128 2.07 -14.55 -26.21
C GLY A 128 1.98 -13.18 -26.86
N THR A 129 0.79 -12.80 -27.29
CA THR A 129 0.60 -11.64 -28.15
C THR A 129 1.10 -10.29 -27.61
N ILE A 130 0.66 -9.90 -26.42
CA ILE A 130 1.07 -8.60 -25.87
C ILE A 130 1.29 -8.58 -24.35
N ASN A 131 2.16 -7.69 -23.90
CA ASN A 131 2.38 -7.45 -22.47
C ASN A 131 1.50 -6.30 -21.97
N VAL A 132 0.22 -6.59 -21.81
CA VAL A 132 -0.77 -5.59 -21.44
C VAL A 132 -0.47 -4.92 -20.09
N ASP A 133 0.11 -5.66 -19.16
CA ASP A 133 0.30 -5.17 -17.80
C ASP A 133 1.66 -4.51 -17.57
N ASP A 134 2.41 -4.30 -18.64
CA ASP A 134 3.79 -3.81 -18.53
C ASP A 134 3.96 -2.30 -18.61
N PHE A 135 2.97 -1.60 -19.16
CA PHE A 135 3.11 -0.19 -19.47
C PHE A 135 1.79 0.58 -19.37
N LYS A 136 1.82 1.86 -19.75
CA LYS A 136 0.64 2.73 -19.76
C LYS A 136 0.89 4.00 -20.61
N ILE A 137 -0.18 4.48 -21.25
CA ILE A 137 -0.13 5.69 -22.07
C ILE A 137 -1.14 6.75 -21.57
N ILE A 138 -0.68 7.99 -21.44
CA ILE A 138 -1.58 9.08 -21.04
C ILE A 138 -1.95 9.94 -22.24
N TYR A 139 -3.25 10.09 -22.49
CA TYR A 139 -3.75 10.98 -23.54
C TYR A 139 -4.51 12.18 -22.96
N ILE A 140 -3.89 13.35 -23.01
CA ILE A 140 -4.46 14.55 -22.41
C ILE A 140 -5.18 15.41 -23.43
N ALA A 141 -6.50 15.48 -23.30
CA ALA A 141 -7.34 16.26 -24.20
C ALA A 141 -7.98 17.41 -23.42
N PRO A 142 -8.27 18.52 -24.11
CA PRO A 142 -8.74 19.70 -23.38
C PRO A 142 -10.23 19.68 -23.00
N MET A 143 -11.04 18.84 -23.63
CA MET A 143 -12.50 18.86 -23.39
C MET A 143 -13.08 17.49 -23.06
N ARG A 144 -13.92 17.47 -22.03
CA ARG A 144 -14.55 16.24 -21.55
C ARG A 144 -15.28 15.51 -22.66
N SER A 145 -15.91 16.27 -23.55
CA SER A 145 -16.66 15.72 -24.67
C SER A 145 -15.75 15.06 -25.71
N LEU A 146 -14.58 15.66 -25.89
CA LEU A 146 -13.58 15.13 -26.82
C LEU A 146 -12.98 13.86 -26.24
N VAL A 147 -12.80 13.82 -24.93
CA VAL A 147 -12.22 12.65 -24.28
C VAL A 147 -13.06 11.39 -24.51
N GLN A 148 -14.36 11.49 -24.24
CA GLN A 148 -15.26 10.36 -24.46
C GLN A 148 -15.29 9.99 -25.95
N GLU A 149 -15.24 11.01 -26.81
CA GLU A 149 -15.10 10.79 -28.25
C GLU A 149 -13.85 9.99 -28.57
N MET A 150 -12.76 10.27 -27.86
CA MET A 150 -11.49 9.59 -28.12
C MET A 150 -11.46 8.15 -27.59
N VAL A 151 -12.02 7.95 -26.40
CA VAL A 151 -12.04 6.62 -25.80
C VAL A 151 -12.83 5.69 -26.71
N GLY A 152 -13.86 6.24 -27.35
CA GLY A 152 -14.64 5.51 -28.31
C GLY A 152 -13.80 5.11 -29.51
N SER A 153 -13.30 6.11 -30.24
CA SER A 153 -12.55 5.86 -31.47
C SER A 153 -11.33 4.99 -31.22
N PHE A 154 -10.47 5.39 -30.28
CA PHE A 154 -9.26 4.63 -29.95
C PHE A 154 -9.57 3.21 -29.47
N GLY A 155 -10.72 3.07 -28.79
CA GLY A 155 -11.12 1.80 -28.24
C GLY A 155 -11.38 0.74 -29.30
N LYS A 156 -11.97 1.18 -30.41
CA LYS A 156 -12.23 0.28 -31.53
C LYS A 156 -10.93 -0.17 -32.18
N ARG A 157 -10.06 0.80 -32.48
CA ARG A 157 -8.81 0.57 -33.18
C ARG A 157 -7.92 -0.45 -32.46
N LEU A 158 -7.73 -0.24 -31.17
CA LEU A 158 -6.82 -1.07 -30.38
C LEU A 158 -7.52 -2.22 -29.66
N ALA A 159 -8.78 -2.49 -30.02
CA ALA A 159 -9.51 -3.60 -29.42
C ALA A 159 -8.91 -4.92 -29.89
N THR A 160 -8.36 -4.91 -31.10
CA THR A 160 -7.74 -6.08 -31.69
C THR A 160 -6.40 -6.41 -31.02
N TYR A 161 -6.01 -5.59 -30.05
CA TYR A 161 -4.75 -5.79 -29.32
C TYR A 161 -4.98 -6.29 -27.91
N GLY A 162 -6.23 -6.49 -27.54
CA GLY A 162 -6.58 -6.88 -26.18
C GLY A 162 -6.22 -5.79 -25.20
N ILE A 163 -6.16 -4.57 -25.73
CA ILE A 163 -5.79 -3.39 -24.97
C ILE A 163 -7.06 -2.63 -24.59
N THR A 164 -7.07 -2.10 -23.36
CA THR A 164 -8.21 -1.33 -22.91
C THR A 164 -7.85 0.15 -22.77
N VAL A 165 -8.72 1.01 -23.29
CA VAL A 165 -8.60 2.45 -23.09
C VAL A 165 -9.87 2.93 -22.40
N ALA A 166 -9.71 3.70 -21.33
CA ALA A 166 -10.87 4.08 -20.51
C ALA A 166 -10.89 5.55 -20.12
N GLU A 167 -12.09 6.10 -20.00
CA GLU A 167 -12.26 7.50 -19.62
C GLU A 167 -11.86 7.68 -18.16
N LEU A 168 -11.48 8.91 -17.82
CA LEU A 168 -11.16 9.23 -16.44
C LEU A 168 -11.09 10.74 -16.23
N THR A 169 -12.25 11.39 -16.28
CA THR A 169 -12.30 12.82 -16.02
C THR A 169 -13.61 13.21 -15.34
N GLY A 170 -13.51 14.08 -14.35
CA GLY A 170 -14.67 14.56 -13.62
C GLY A 170 -14.39 14.73 -12.14
N ASP A 171 -15.25 14.14 -11.32
CA ASP A 171 -15.14 14.26 -9.87
C ASP A 171 -14.65 12.97 -9.21
N HIS A 172 -13.84 12.21 -9.95
CA HIS A 172 -13.33 10.94 -9.44
C HIS A 172 -12.22 11.14 -8.42
N GLN A 173 -12.59 11.18 -7.14
CA GLN A 173 -11.65 11.35 -6.04
C GLN A 173 -11.06 10.00 -5.63
N LEU A 174 -9.76 9.83 -5.81
CA LEU A 174 -9.09 8.54 -5.57
C LEU A 174 -9.79 7.41 -6.34
N CYS A 175 -9.57 7.38 -7.65
CA CYS A 175 -10.32 6.50 -8.55
C CYS A 175 -10.18 5.01 -8.24
N LYS A 176 -11.05 4.21 -8.86
CA LYS A 176 -11.10 2.77 -8.59
C LYS A 176 -10.05 2.01 -9.39
N GLU A 177 -10.13 0.68 -9.35
CA GLU A 177 -9.17 -0.19 -10.02
C GLU A 177 -9.39 -0.24 -11.54
N GLU A 178 -10.33 0.57 -12.02
CA GLU A 178 -10.57 0.67 -13.46
C GLU A 178 -9.45 1.42 -14.17
N ILE A 179 -8.54 2.01 -13.39
CA ILE A 179 -7.39 2.71 -13.94
C ILE A 179 -6.15 1.80 -13.89
N SER A 180 -6.20 0.76 -13.07
CA SER A 180 -5.11 -0.19 -12.96
C SER A 180 -5.21 -1.25 -14.04
N ALA A 181 -6.42 -1.45 -14.54
CA ALA A 181 -6.68 -2.46 -15.56
C ALA A 181 -6.40 -1.89 -16.95
N THR A 182 -6.57 -0.59 -17.08
CA THR A 182 -6.46 0.08 -18.38
C THR A 182 -5.00 0.36 -18.77
N GLN A 183 -4.75 0.48 -20.07
CA GLN A 183 -3.42 0.78 -20.58
C GLN A 183 -3.32 2.10 -21.35
N ILE A 184 -4.47 2.65 -21.78
CA ILE A 184 -4.49 4.02 -22.29
C ILE A 184 -5.48 4.88 -21.51
N ILE A 185 -4.96 5.78 -20.70
CA ILE A 185 -5.79 6.69 -19.92
C ILE A 185 -6.03 7.97 -20.71
N VAL A 186 -7.30 8.31 -20.88
CA VAL A 186 -7.67 9.51 -21.62
C VAL A 186 -8.33 10.48 -20.65
N CYS A 187 -7.87 11.73 -20.63
CA CYS A 187 -8.39 12.67 -19.64
C CYS A 187 -8.04 14.12 -19.93
N THR A 188 -8.61 14.99 -19.12
CA THR A 188 -8.36 16.42 -19.20
C THR A 188 -7.18 16.79 -18.31
N PRO A 189 -6.50 17.90 -18.64
CA PRO A 189 -5.41 18.46 -17.85
C PRO A 189 -5.69 18.54 -16.37
N GLU A 190 -6.76 19.23 -16.00
CA GLU A 190 -7.01 19.50 -14.60
C GLU A 190 -7.37 18.23 -13.85
N LYS A 191 -7.85 17.24 -14.58
CA LYS A 191 -8.08 15.94 -13.98
C LYS A 191 -6.74 15.33 -13.65
N TRP A 192 -5.88 15.25 -14.66
CA TRP A 192 -4.58 14.63 -14.50
C TRP A 192 -3.76 15.35 -13.44
N ASP A 193 -3.77 16.67 -13.48
CA ASP A 193 -3.17 17.48 -12.41
C ASP A 193 -3.63 17.04 -11.00
N ILE A 194 -4.95 16.94 -10.79
CA ILE A 194 -5.50 16.47 -9.51
C ILE A 194 -4.96 15.10 -9.10
N ILE A 195 -4.90 14.18 -10.05
CA ILE A 195 -4.35 12.84 -9.80
C ILE A 195 -2.89 12.90 -9.35
N THR A 196 -2.08 13.67 -10.08
CA THR A 196 -0.65 13.71 -9.82
C THR A 196 -0.25 14.70 -8.73
N ARG A 197 -1.22 15.11 -7.93
CA ARG A 197 -0.97 16.04 -6.82
C ARG A 197 -1.02 15.24 -5.54
N LYS A 198 -1.58 14.04 -5.64
CA LYS A 198 -2.08 13.30 -4.49
C LYS A 198 -1.00 12.74 -3.56
N GLY A 199 0.26 12.95 -3.92
CA GLY A 199 1.38 12.50 -3.10
C GLY A 199 1.72 11.04 -3.36
N GLY A 200 0.68 10.19 -3.32
CA GLY A 200 0.76 8.84 -3.84
C GLY A 200 0.30 8.90 -5.28
N GLU A 201 1.26 8.85 -6.19
CA GLU A 201 0.98 9.10 -7.59
C GLU A 201 1.80 8.17 -8.47
N ARG A 202 2.94 7.74 -7.96
CA ARG A 202 3.83 6.85 -8.71
C ARG A 202 3.26 5.45 -8.82
N THR A 203 1.99 5.27 -8.48
CA THR A 203 1.33 3.98 -8.67
C THR A 203 0.52 4.06 -9.96
N TYR A 204 0.09 5.27 -10.29
CA TYR A 204 -0.63 5.51 -11.54
C TYR A 204 0.38 5.73 -12.65
N THR A 205 1.52 6.33 -12.29
CA THR A 205 2.42 6.91 -13.28
C THR A 205 3.73 6.17 -13.52
N GLN A 206 4.08 5.25 -12.61
CA GLN A 206 5.35 4.52 -12.71
C GLN A 206 5.49 3.83 -14.05
N LEU A 207 4.39 3.26 -14.53
CA LEU A 207 4.40 2.44 -15.72
C LEU A 207 4.26 3.28 -16.98
N VAL A 208 3.92 4.55 -16.80
CA VAL A 208 3.66 5.45 -17.92
C VAL A 208 4.89 5.68 -18.76
N ARG A 209 4.80 5.33 -20.05
CA ARG A 209 5.94 5.44 -20.94
C ARG A 209 5.78 6.54 -21.98
N LEU A 210 4.55 6.96 -22.22
CA LEU A 210 4.26 7.94 -23.26
C LEU A 210 3.04 8.78 -22.90
N ILE A 211 3.22 10.09 -22.85
CA ILE A 211 2.09 11.01 -22.63
C ILE A 211 1.90 11.95 -23.82
N ILE A 212 0.65 12.17 -24.21
CA ILE A 212 0.33 12.96 -25.39
C ILE A 212 -0.51 14.18 -25.03
N LEU A 213 -0.02 15.37 -25.41
CA LEU A 213 -0.72 16.62 -25.15
C LEU A 213 -1.48 17.08 -26.38
N ASP A 214 -2.77 16.75 -26.45
CA ASP A 214 -3.60 17.17 -27.58
C ASP A 214 -4.07 18.61 -27.39
N GLU A 215 -4.10 19.36 -28.49
CA GLU A 215 -4.44 20.79 -28.48
C GLU A 215 -3.63 21.54 -27.43
N ILE A 216 -2.32 21.53 -27.58
CA ILE A 216 -1.44 22.07 -26.55
C ILE A 216 -1.40 23.61 -26.59
N HIS A 217 -2.05 24.20 -27.59
CA HIS A 217 -2.17 25.66 -27.62
C HIS A 217 -3.04 26.19 -26.48
N LEU A 218 -3.72 25.28 -25.79
CA LEU A 218 -4.47 25.58 -24.58
C LEU A 218 -3.60 26.32 -23.56
N LEU A 219 -2.28 26.18 -23.72
CA LEU A 219 -1.27 26.96 -23.02
C LEU A 219 -1.65 28.45 -22.94
N HIS A 220 -2.30 28.93 -23.98
CA HIS A 220 -2.66 30.33 -24.09
C HIS A 220 -3.88 30.66 -23.23
N ASP A 221 -4.66 29.65 -22.92
CA ASP A 221 -5.88 29.81 -22.14
C ASP A 221 -5.62 30.00 -20.64
N ASP A 222 -6.66 30.40 -19.90
CA ASP A 222 -6.57 30.55 -18.46
C ASP A 222 -6.46 29.20 -17.78
N ARG A 223 -6.75 28.14 -18.54
CA ARG A 223 -6.49 26.78 -18.10
C ARG A 223 -5.03 26.45 -18.41
N GLY A 224 -4.38 27.35 -19.13
CA GLY A 224 -2.99 27.20 -19.55
C GLY A 224 -1.98 26.73 -18.51
N PRO A 225 -1.91 27.42 -17.36
CA PRO A 225 -1.01 27.01 -16.28
C PRO A 225 -1.03 25.51 -16.01
N VAL A 226 -2.22 24.94 -15.85
CA VAL A 226 -2.37 23.51 -15.57
C VAL A 226 -1.56 22.62 -16.53
N LEU A 227 -1.46 23.04 -17.78
CA LEU A 227 -0.60 22.35 -18.72
C LEU A 227 0.87 22.53 -18.38
N GLU A 228 1.27 23.77 -18.18
CA GLU A 228 2.64 24.09 -17.77
C GLU A 228 2.99 23.29 -16.52
N ALA A 229 2.14 23.41 -15.50
CA ALA A 229 2.29 22.66 -14.25
C ALA A 229 2.48 21.18 -14.53
N LEU A 230 1.63 20.64 -15.40
CA LEU A 230 1.65 19.22 -15.73
C LEU A 230 2.99 18.77 -16.28
N VAL A 231 3.42 19.46 -17.33
CA VAL A 231 4.64 19.13 -18.09
C VAL A 231 5.92 19.38 -17.30
N ALA A 232 5.97 20.51 -16.60
CA ALA A 232 7.07 20.80 -15.72
C ALA A 232 7.17 19.64 -14.74
N ARG A 233 6.02 19.25 -14.19
CA ARG A 233 6.02 18.17 -13.22
C ARG A 233 6.54 16.86 -13.80
N ALA A 234 6.11 16.53 -15.01
CA ALA A 234 6.49 15.27 -15.65
C ALA A 234 7.96 15.27 -16.00
N ILE A 235 8.38 16.29 -16.74
CA ILE A 235 9.76 16.43 -17.19
C ILE A 235 10.75 16.26 -16.04
N ARG A 236 10.51 17.02 -14.97
CA ARG A 236 11.32 16.91 -13.77
C ARG A 236 11.35 15.47 -13.24
N ASN A 237 10.27 14.73 -13.41
CA ASN A 237 10.22 13.36 -12.91
C ASN A 237 11.09 12.39 -13.70
N ILE A 238 11.10 12.59 -15.01
CA ILE A 238 11.96 11.82 -15.90
C ILE A 238 13.41 11.95 -15.46
N GLU A 239 13.79 13.15 -15.03
CA GLU A 239 15.13 13.37 -14.53
C GLU A 239 15.36 12.61 -13.23
N MET A 240 14.40 12.71 -12.32
CA MET A 240 14.51 12.05 -11.02
C MET A 240 14.68 10.55 -11.19
N THR A 241 13.64 9.88 -11.67
CA THR A 241 13.69 8.42 -11.81
C THR A 241 14.67 7.94 -12.88
N GLN A 242 15.11 8.87 -13.73
CA GLN A 242 15.93 8.55 -14.89
C GLN A 242 15.24 7.51 -15.79
N GLU A 243 13.92 7.55 -15.80
CA GLU A 243 13.12 6.71 -16.67
C GLU A 243 12.59 7.56 -17.81
N ASP A 244 13.02 7.24 -19.03
CA ASP A 244 12.63 8.00 -20.21
C ASP A 244 11.12 7.93 -20.47
N VAL A 245 10.50 9.09 -20.63
CA VAL A 245 9.10 9.16 -21.04
C VAL A 245 8.94 10.08 -22.25
N ARG A 246 8.33 9.55 -23.31
CA ARG A 246 8.16 10.29 -24.56
C ARG A 246 7.03 11.32 -24.48
N LEU A 247 7.34 12.56 -24.81
CA LEU A 247 6.35 13.62 -24.86
C LEU A 247 5.93 13.89 -26.30
N ILE A 248 4.65 14.07 -26.53
CA ILE A 248 4.16 14.41 -27.88
C ILE A 248 3.14 15.54 -27.83
N GLY A 249 3.47 16.63 -28.52
CA GLY A 249 2.62 17.80 -28.56
C GLY A 249 1.84 17.91 -29.87
N LEU A 250 0.54 18.12 -29.76
CA LEU A 250 -0.30 18.37 -30.93
C LEU A 250 -0.95 19.74 -30.83
N SER A 251 -0.62 20.63 -31.76
CA SER A 251 -1.09 22.00 -31.67
C SER A 251 -1.68 22.49 -32.99
N ALA A 252 -2.29 23.67 -32.92
CA ALA A 252 -2.78 24.36 -34.10
C ALA A 252 -1.71 25.34 -34.56
N THR A 253 -1.81 25.75 -35.82
CA THR A 253 -0.81 26.61 -36.44
C THR A 253 -0.83 28.03 -35.88
N LEU A 254 -0.13 28.25 -34.78
CA LEU A 254 -0.12 29.54 -34.11
C LEU A 254 1.30 29.98 -33.77
N PRO A 255 1.54 31.30 -33.69
CA PRO A 255 2.87 31.82 -33.40
C PRO A 255 3.43 31.33 -32.06
N ASN A 256 4.77 31.28 -31.96
CA ASN A 256 5.51 30.82 -30.78
C ASN A 256 5.73 29.31 -30.68
N TYR A 257 5.18 28.57 -31.64
CA TYR A 257 5.23 27.09 -31.66
C TYR A 257 6.56 26.47 -31.28
N GLU A 258 7.64 27.14 -31.63
CA GLU A 258 8.98 26.64 -31.33
C GLU A 258 9.30 26.82 -29.85
N ASP A 259 8.81 27.91 -29.27
CA ASP A 259 8.99 28.12 -27.84
C ASP A 259 8.31 26.98 -27.10
N VAL A 260 7.22 26.52 -27.67
CA VAL A 260 6.48 25.39 -27.15
C VAL A 260 7.27 24.09 -27.33
N ALA A 261 7.99 24.00 -28.44
CA ALA A 261 8.80 22.82 -28.72
C ALA A 261 9.97 22.75 -27.75
N THR A 262 10.49 23.92 -27.39
CA THR A 262 11.52 24.02 -26.37
C THR A 262 10.95 23.44 -25.08
N PHE A 263 9.84 24.01 -24.65
CA PHE A 263 9.08 23.62 -23.47
C PHE A 263 8.95 22.09 -23.36
N LEU A 264 8.82 21.44 -24.51
CA LEU A 264 8.60 20.00 -24.56
C LEU A 264 9.87 19.21 -24.81
N ARG A 265 11.02 19.88 -24.76
CA ARG A 265 12.29 19.24 -25.04
C ARG A 265 12.23 18.53 -26.39
N VAL A 266 11.78 19.24 -27.40
CA VAL A 266 11.74 18.71 -28.75
C VAL A 266 13.00 19.22 -29.47
N ASP A 267 13.57 18.37 -30.33
CA ASP A 267 14.72 18.77 -31.12
C ASP A 267 14.23 19.43 -32.39
N PRO A 268 14.51 20.74 -32.54
CA PRO A 268 14.07 21.53 -33.69
C PRO A 268 14.45 20.90 -35.02
N ALA A 269 15.59 20.23 -35.03
CA ALA A 269 16.04 19.57 -36.25
C ALA A 269 15.27 18.27 -36.52
N LYS A 270 14.88 17.57 -35.46
CA LYS A 270 14.41 16.20 -35.61
C LYS A 270 12.96 15.92 -35.17
N GLY A 271 12.37 16.81 -34.39
CA GLY A 271 11.04 16.59 -33.86
C GLY A 271 9.98 17.65 -34.14
N LEU A 272 10.41 18.82 -34.61
CA LEU A 272 9.51 19.92 -34.92
C LEU A 272 8.91 19.71 -36.31
N PHE A 273 7.59 19.52 -36.38
CA PHE A 273 6.89 19.44 -37.65
C PHE A 273 5.81 20.52 -37.71
N TYR A 274 5.95 21.45 -38.65
CA TYR A 274 5.02 22.57 -38.79
C TYR A 274 4.39 22.63 -40.18
N PHE A 275 3.06 22.63 -40.23
CA PHE A 275 2.34 22.67 -41.51
C PHE A 275 1.37 23.84 -41.55
N ASP A 276 1.69 24.87 -42.34
CA ASP A 276 0.78 26.01 -42.49
C ASP A 276 -0.58 25.59 -43.07
N ASN A 277 -1.51 26.55 -43.13
CA ASN A 277 -2.91 26.23 -43.44
C ASN A 277 -3.17 25.75 -44.85
N SER A 278 -2.11 25.65 -45.65
CA SER A 278 -2.18 25.09 -46.99
C SER A 278 -2.33 23.57 -46.93
N PHE A 279 -2.43 23.04 -45.71
CA PHE A 279 -2.47 21.60 -45.46
C PHE A 279 -3.80 21.16 -44.84
N ARG A 280 -4.82 22.00 -44.95
CA ARG A 280 -6.16 21.66 -44.47
C ARG A 280 -6.65 20.36 -45.11
N PRO A 281 -7.55 19.64 -44.43
CA PRO A 281 -8.24 18.55 -45.12
C PRO A 281 -8.97 19.09 -46.37
N VAL A 282 -9.96 19.95 -46.16
CA VAL A 282 -10.63 20.66 -47.26
C VAL A 282 -10.22 22.14 -47.23
N PRO A 283 -9.94 22.73 -48.40
CA PRO A 283 -9.61 24.16 -48.47
C PRO A 283 -10.74 25.03 -47.93
N LEU A 284 -10.40 26.13 -47.25
CA LEU A 284 -11.40 26.88 -46.49
C LEU A 284 -11.67 28.31 -46.97
N GLU A 285 -12.91 28.55 -47.42
CA GLU A 285 -13.37 29.89 -47.76
C GLU A 285 -13.99 30.57 -46.55
N GLN A 286 -13.21 31.37 -45.85
CA GLN A 286 -13.64 31.92 -44.57
C GLN A 286 -14.20 33.34 -44.69
N THR A 287 -15.31 33.57 -43.99
CA THR A 287 -15.93 34.89 -43.97
C THR A 287 -16.18 35.41 -42.55
N TYR A 288 -15.67 36.61 -42.27
CA TYR A 288 -15.79 37.20 -40.95
C TYR A 288 -16.65 38.46 -41.02
N VAL A 289 -17.61 38.57 -40.10
CA VAL A 289 -18.49 39.74 -40.06
C VAL A 289 -18.61 40.31 -38.65
N GLY A 290 -18.40 41.62 -38.54
CA GLY A 290 -18.50 42.30 -37.26
C GLY A 290 -19.61 43.34 -37.26
N ILE A 291 -20.56 43.19 -36.34
CA ILE A 291 -21.65 44.15 -36.21
C ILE A 291 -21.15 45.49 -35.68
N THR A 292 -21.35 46.55 -36.46
CA THR A 292 -20.82 47.86 -36.13
C THR A 292 -21.64 48.56 -35.05
N GLU A 293 -22.96 48.54 -35.21
CA GLU A 293 -23.85 49.24 -34.29
C GLU A 293 -24.17 48.39 -33.07
N LYS A 294 -24.56 49.05 -31.98
CA LYS A 294 -24.75 48.39 -30.70
C LYS A 294 -26.21 48.34 -30.23
N LYS A 295 -27.15 48.70 -31.10
CA LYS A 295 -28.57 48.58 -30.77
C LYS A 295 -28.89 47.11 -30.45
N ALA A 296 -28.94 46.79 -29.16
CA ALA A 296 -28.94 45.40 -28.66
C ALA A 296 -30.17 44.55 -29.00
N ILE A 297 -31.36 45.16 -29.01
CA ILE A 297 -32.55 44.45 -29.46
C ILE A 297 -32.41 44.21 -30.95
N LYS A 298 -32.07 45.28 -31.67
CA LYS A 298 -31.82 45.23 -33.10
C LYS A 298 -30.63 44.31 -33.42
N ARG A 299 -29.78 44.09 -32.42
CA ARG A 299 -28.61 43.22 -32.56
C ARG A 299 -29.01 41.81 -33.02
N PHE A 300 -29.90 41.17 -32.25
CA PHE A 300 -30.44 39.86 -32.64
C PHE A 300 -31.08 39.94 -34.01
N GLN A 301 -31.83 41.02 -34.25
CA GLN A 301 -32.50 41.23 -35.52
C GLN A 301 -31.50 41.37 -36.67
N ILE A 302 -30.43 42.12 -36.43
CA ILE A 302 -29.35 42.24 -37.38
C ILE A 302 -28.67 40.89 -37.58
N MET A 303 -28.32 40.27 -36.45
CA MET A 303 -27.64 38.98 -36.43
C MET A 303 -28.44 37.88 -37.12
N ASN A 304 -29.76 37.87 -36.92
CA ASN A 304 -30.60 36.85 -37.53
C ASN A 304 -30.84 37.11 -39.03
N GLU A 305 -30.67 38.36 -39.45
CA GLU A 305 -30.76 38.71 -40.86
C GLU A 305 -29.51 38.26 -41.62
N ILE A 306 -28.39 38.23 -40.90
CA ILE A 306 -27.12 37.87 -41.51
C ILE A 306 -27.05 36.37 -41.75
N VAL A 307 -27.61 35.61 -40.80
CA VAL A 307 -27.62 34.17 -40.94
C VAL A 307 -28.53 33.78 -42.09
N TYR A 308 -29.67 34.48 -42.16
CA TYR A 308 -30.67 34.26 -43.18
C TYR A 308 -30.05 34.21 -44.58
N GLU A 309 -29.55 35.35 -45.06
CA GLU A 309 -29.06 35.45 -46.42
C GLU A 309 -27.89 34.51 -46.68
N LYS A 310 -27.11 34.26 -45.65
CA LYS A 310 -25.96 33.37 -45.77
C LYS A 310 -26.37 31.93 -46.06
N ILE A 311 -27.46 31.48 -45.45
CA ILE A 311 -27.92 30.12 -45.66
C ILE A 311 -28.53 29.97 -47.05
N MET A 312 -29.20 31.02 -47.51
CA MET A 312 -29.93 30.98 -48.77
C MET A 312 -29.04 30.59 -49.95
N GLU A 313 -27.76 30.90 -49.87
CA GLU A 313 -26.84 30.67 -50.98
C GLU A 313 -26.39 29.22 -51.06
N HIS A 314 -27.28 28.30 -50.73
CA HIS A 314 -26.94 26.88 -50.68
C HIS A 314 -28.10 25.95 -51.03
N ALA A 315 -29.21 26.10 -50.31
CA ALA A 315 -30.47 25.41 -50.63
C ALA A 315 -30.43 23.89 -50.74
N GLY A 316 -30.70 23.37 -51.94
CA GLY A 316 -30.96 21.97 -52.16
C GLY A 316 -29.83 20.96 -51.96
N LYS A 317 -28.64 21.26 -52.47
CA LYS A 317 -27.55 20.28 -52.48
C LYS A 317 -26.58 20.45 -51.30
N ASN A 318 -26.71 21.54 -50.58
CA ASN A 318 -25.73 21.89 -49.55
C ASN A 318 -26.19 21.64 -48.11
N GLN A 319 -25.23 21.52 -47.20
CA GLN A 319 -25.51 21.20 -45.79
C GLN A 319 -24.85 22.22 -44.85
N VAL A 320 -25.62 22.74 -43.89
CA VAL A 320 -25.16 23.83 -43.03
C VAL A 320 -25.07 23.44 -41.55
N LEU A 321 -24.06 23.94 -40.86
CA LEU A 321 -23.95 23.80 -39.41
C LEU A 321 -23.88 25.17 -38.73
N VAL A 322 -24.79 25.41 -37.79
CA VAL A 322 -24.83 26.67 -37.07
C VAL A 322 -24.50 26.44 -35.60
N PHE A 323 -23.51 27.16 -35.08
CA PHE A 323 -23.13 27.02 -33.68
C PHE A 323 -23.59 28.20 -32.85
N VAL A 324 -24.33 27.92 -31.78
CA VAL A 324 -24.62 28.95 -30.81
C VAL A 324 -24.31 28.57 -29.38
N HIS A 325 -24.69 29.44 -28.46
CA HIS A 325 -24.14 29.41 -27.12
C HIS A 325 -25.18 29.39 -26.01
N SER A 326 -26.20 28.56 -26.18
CA SER A 326 -27.17 28.27 -25.12
C SER A 326 -27.85 26.95 -25.43
N ARG A 327 -28.04 26.13 -24.40
CA ARG A 327 -28.75 24.85 -24.54
C ARG A 327 -30.07 25.06 -25.27
N LYS A 328 -30.71 26.18 -24.99
CA LYS A 328 -32.00 26.51 -25.57
C LYS A 328 -31.93 27.40 -26.82
N GLU A 329 -30.75 27.94 -27.13
CA GLU A 329 -30.62 28.83 -28.29
C GLU A 329 -30.68 28.08 -29.61
N THR A 330 -30.42 26.77 -29.56
CA THR A 330 -30.52 25.93 -30.75
C THR A 330 -31.95 25.93 -31.28
N GLY A 331 -32.91 25.84 -30.37
CA GLY A 331 -34.32 25.87 -30.72
C GLY A 331 -34.80 27.20 -31.23
N LYS A 332 -34.50 28.27 -30.49
CA LYS A 332 -34.84 29.63 -30.90
C LYS A 332 -34.35 29.89 -32.33
N THR A 333 -33.06 29.67 -32.56
CA THR A 333 -32.45 29.99 -33.84
C THR A 333 -33.00 29.17 -35.01
N ALA A 334 -33.17 27.86 -34.82
CA ALA A 334 -33.71 26.99 -35.86
C ALA A 334 -35.11 27.43 -36.27
N ARG A 335 -35.93 27.78 -35.29
CA ARG A 335 -37.28 28.25 -35.56
C ARG A 335 -37.30 29.70 -36.03
N ALA A 336 -36.37 30.52 -35.54
CA ALA A 336 -36.30 31.92 -35.93
C ALA A 336 -35.99 32.09 -37.42
N ILE A 337 -35.10 31.26 -37.93
CA ILE A 337 -34.76 31.28 -39.35
C ILE A 337 -35.89 30.68 -40.18
N ARG A 338 -36.48 29.59 -39.66
CA ARG A 338 -37.56 28.89 -40.35
C ARG A 338 -38.79 29.79 -40.52
N ASP A 339 -39.06 30.63 -39.52
CA ASP A 339 -40.12 31.61 -39.62
C ASP A 339 -39.66 32.76 -40.49
N MET A 340 -38.42 33.19 -40.28
CA MET A 340 -37.82 34.25 -41.10
C MET A 340 -37.97 33.94 -42.58
N CYS A 341 -37.63 32.71 -42.96
CA CYS A 341 -37.69 32.29 -44.35
C CYS A 341 -39.06 31.70 -44.70
N LEU A 342 -40.09 32.20 -44.02
CA LEU A 342 -41.46 31.80 -44.31
C LEU A 342 -42.38 33.02 -44.31
N GLU A 343 -41.87 34.13 -43.78
CA GLU A 343 -42.58 35.42 -43.82
C GLU A 343 -41.81 36.46 -44.65
N LYS A 344 -40.49 36.36 -44.68
CA LYS A 344 -39.68 37.18 -45.59
C LYS A 344 -39.67 36.50 -46.95
N ASP A 345 -40.65 36.83 -47.79
CA ASP A 345 -40.76 36.25 -49.13
C ASP A 345 -40.85 34.73 -49.14
N THR A 346 -41.25 34.16 -47.99
CA THR A 346 -41.32 32.71 -47.76
C THR A 346 -40.41 31.85 -48.65
N LEU A 347 -39.10 32.07 -48.53
CA LEU A 347 -38.12 31.35 -49.33
C LEU A 347 -38.15 29.88 -48.98
N GLY A 348 -38.33 29.05 -50.01
CA GLY A 348 -38.73 27.67 -49.85
C GLY A 348 -37.93 26.81 -48.91
N LEU A 349 -38.62 26.18 -47.97
CA LEU A 349 -38.09 25.03 -47.27
C LEU A 349 -38.33 23.83 -48.19
N PHE A 350 -39.20 24.04 -49.16
CA PHE A 350 -39.46 23.07 -50.22
C PHE A 350 -38.24 23.06 -51.15
N LEU A 351 -37.48 24.15 -51.09
CA LEU A 351 -36.23 24.29 -51.84
C LEU A 351 -35.16 23.41 -51.21
N ARG A 352 -35.45 22.90 -50.02
CA ARG A 352 -34.48 22.14 -49.24
C ARG A 352 -34.57 20.63 -49.44
N GLU A 353 -35.78 20.07 -49.28
CA GLU A 353 -35.95 18.61 -49.24
C GLU A 353 -35.61 17.89 -50.55
N GLY A 354 -34.55 17.09 -50.48
CA GLY A 354 -33.91 16.46 -51.62
C GLY A 354 -34.78 15.70 -52.62
N SER A 355 -34.56 16.03 -53.90
CA SER A 355 -35.33 15.58 -55.08
C SER A 355 -36.46 16.54 -55.46
N ALA A 356 -37.70 16.12 -55.22
CA ALA A 356 -38.85 17.00 -55.38
C ALA A 356 -39.77 16.66 -54.21
N SER A 357 -39.55 15.47 -53.65
CA SER A 357 -40.27 14.96 -52.49
C SER A 357 -39.84 13.54 -52.13
N THR A 358 -38.56 13.36 -51.81
CA THR A 358 -38.07 12.06 -51.32
C THR A 358 -37.12 12.28 -50.14
N GLU A 359 -36.84 11.20 -49.41
CA GLU A 359 -36.12 11.26 -48.13
C GLU A 359 -36.93 12.09 -47.13
N VAL A 360 -38.14 12.46 -47.55
CA VAL A 360 -39.05 13.25 -46.75
C VAL A 360 -39.83 12.28 -45.88
N LEU A 361 -39.91 11.03 -46.34
CA LEU A 361 -40.58 9.99 -45.58
C LEU A 361 -39.67 9.39 -44.52
N ARG A 362 -38.36 9.48 -44.73
CA ARG A 362 -37.43 9.05 -43.69
C ARG A 362 -37.42 10.10 -42.57
N THR A 363 -37.40 11.37 -42.96
CA THR A 363 -37.41 12.45 -42.01
C THR A 363 -38.78 12.56 -41.32
N GLU A 364 -39.79 11.92 -41.91
CA GLU A 364 -41.11 11.88 -41.28
C GLU A 364 -41.29 10.60 -40.47
N ALA A 365 -40.65 9.51 -40.88
CA ALA A 365 -40.72 8.25 -40.15
C ALA A 365 -39.90 8.29 -38.86
N GLU A 366 -39.09 9.32 -38.70
CA GLU A 366 -38.36 9.55 -37.46
C GLU A 366 -38.98 10.69 -36.67
N GLN A 367 -40.05 11.28 -37.21
CA GLN A 367 -40.68 12.46 -36.61
C GLN A 367 -41.29 12.20 -35.22
N CYS A 368 -41.59 10.94 -34.92
CA CYS A 368 -42.16 10.61 -33.61
C CYS A 368 -41.12 10.63 -32.48
N LYS A 369 -40.51 11.80 -32.26
CA LYS A 369 -39.52 12.00 -31.20
C LYS A 369 -39.70 13.40 -30.59
N ASN A 370 -39.65 13.49 -29.27
CA ASN A 370 -39.94 14.75 -28.56
C ASN A 370 -38.93 15.87 -28.77
N LEU A 371 -38.93 16.82 -27.85
CA LEU A 371 -37.92 17.87 -27.73
C LEU A 371 -37.85 18.85 -28.89
N GLU A 372 -38.99 19.30 -29.39
CA GLU A 372 -39.06 20.26 -30.49
C GLU A 372 -38.34 19.75 -31.75
N LEU A 373 -38.03 18.47 -31.78
CA LEU A 373 -37.36 17.86 -32.91
C LEU A 373 -38.43 17.40 -33.90
N LYS A 374 -39.54 16.95 -33.34
CA LYS A 374 -40.72 16.58 -34.09
C LYS A 374 -41.16 17.74 -35.00
N ASP A 375 -40.97 18.96 -34.52
CA ASP A 375 -41.42 20.15 -35.23
C ASP A 375 -40.52 20.56 -36.39
N LEU A 376 -39.24 20.24 -36.29
CA LEU A 376 -38.26 20.67 -37.28
C LEU A 376 -37.94 19.61 -38.33
N LEU A 377 -38.03 18.33 -37.93
CA LEU A 377 -37.64 17.22 -38.80
C LEU A 377 -38.42 17.06 -40.13
N PRO A 378 -39.76 17.17 -40.11
CA PRO A 378 -40.47 17.16 -41.40
C PRO A 378 -39.95 18.23 -42.37
N TYR A 379 -39.66 19.42 -41.86
CA TYR A 379 -39.01 20.46 -42.66
C TYR A 379 -37.53 20.12 -42.83
N GLY A 380 -36.69 21.14 -43.05
CA GLY A 380 -35.28 20.89 -43.28
C GLY A 380 -34.34 21.12 -42.10
N PHE A 381 -34.93 21.45 -40.96
CA PHE A 381 -34.16 21.92 -39.81
C PHE A 381 -34.03 20.84 -38.72
N ALA A 382 -32.96 20.94 -37.92
CA ALA A 382 -32.76 20.04 -36.77
C ALA A 382 -31.85 20.64 -35.69
N ILE A 383 -31.90 20.08 -34.48
CA ILE A 383 -31.13 20.60 -33.35
C ILE A 383 -30.37 19.55 -32.55
N HIS A 384 -29.25 19.98 -31.97
CA HIS A 384 -28.36 19.10 -31.24
C HIS A 384 -27.72 19.85 -30.08
N HIS A 385 -27.98 19.38 -28.87
CA HIS A 385 -27.42 19.98 -27.67
C HIS A 385 -27.20 18.87 -26.67
N ALA A 386 -26.25 19.06 -25.76
CA ALA A 386 -25.93 18.04 -24.77
C ALA A 386 -27.03 17.95 -23.73
N GLY A 387 -27.46 19.11 -23.24
CA GLY A 387 -28.43 19.21 -22.17
C GLY A 387 -29.71 18.41 -22.40
N MET A 388 -29.89 17.37 -21.59
CA MET A 388 -31.09 16.52 -21.54
C MET A 388 -31.74 16.27 -22.90
N THR A 389 -31.08 15.47 -23.73
CA THR A 389 -31.57 15.24 -25.09
C THR A 389 -31.65 13.75 -25.43
N ARG A 390 -30.99 12.93 -24.62
CA ARG A 390 -31.20 11.48 -24.64
C ARG A 390 -30.71 10.81 -25.92
N VAL A 391 -31.51 9.87 -26.43
CA VAL A 391 -31.13 9.07 -27.60
C VAL A 391 -31.35 9.84 -28.90
N ASP A 392 -32.28 10.80 -28.87
CA ASP A 392 -32.53 11.70 -30.00
C ASP A 392 -31.23 12.30 -30.51
N ARG A 393 -30.39 12.70 -29.57
CA ARG A 393 -29.06 13.23 -29.85
C ARG A 393 -28.32 12.35 -30.84
N THR A 394 -28.35 11.04 -30.57
CA THR A 394 -27.55 10.11 -31.36
C THR A 394 -28.29 9.63 -32.61
N LEU A 395 -29.44 10.25 -32.89
CA LEU A 395 -30.21 9.90 -34.07
C LEU A 395 -30.30 11.07 -35.04
N VAL A 396 -30.24 12.29 -34.52
CA VAL A 396 -30.03 13.47 -35.35
C VAL A 396 -28.67 13.36 -36.01
N GLU A 397 -27.71 12.81 -35.26
CA GLU A 397 -26.37 12.50 -35.77
C GLU A 397 -26.42 11.60 -37.01
N ASP A 398 -27.24 10.56 -36.95
CA ASP A 398 -27.37 9.60 -38.04
C ASP A 398 -27.83 10.26 -39.33
N LEU A 399 -28.99 10.91 -39.27
CA LEU A 399 -29.65 11.46 -40.45
C LEU A 399 -28.86 12.60 -41.09
N PHE A 400 -28.06 13.29 -40.30
CA PHE A 400 -27.19 14.34 -40.84
C PHE A 400 -26.01 13.71 -41.58
N ALA A 401 -25.41 12.69 -40.97
CA ALA A 401 -24.26 11.99 -41.55
C ALA A 401 -24.65 11.28 -42.84
N ASP A 402 -25.86 10.76 -42.89
CA ASP A 402 -26.39 10.08 -44.07
C ASP A 402 -27.02 11.09 -45.04
N LYS A 403 -26.68 12.37 -44.84
CA LYS A 403 -27.21 13.51 -45.61
C LYS A 403 -28.73 13.55 -45.88
N HIS A 404 -29.52 13.60 -44.81
CA HIS A 404 -30.97 13.78 -44.94
C HIS A 404 -31.37 15.11 -44.33
N ILE A 405 -30.85 15.36 -43.13
CA ILE A 405 -31.04 16.65 -42.45
C ILE A 405 -30.25 17.72 -43.19
N GLN A 406 -30.90 18.84 -43.48
CA GLN A 406 -30.29 19.88 -44.29
C GLN A 406 -29.72 21.04 -43.48
N VAL A 407 -30.43 21.48 -42.45
CA VAL A 407 -29.91 22.53 -41.59
C VAL A 407 -29.92 22.13 -40.13
N LEU A 408 -28.72 22.05 -39.55
CA LEU A 408 -28.54 21.67 -38.16
C LEU A 408 -27.93 22.83 -37.40
N VAL A 409 -28.67 23.36 -36.43
CA VAL A 409 -28.10 24.32 -35.49
C VAL A 409 -27.88 23.61 -34.16
N SER A 410 -26.69 23.78 -33.59
CA SER A 410 -26.29 23.00 -32.44
C SER A 410 -25.35 23.75 -31.50
N THR A 411 -25.23 23.24 -30.28
CA THR A 411 -24.31 23.78 -29.28
C THR A 411 -22.89 23.37 -29.62
N ALA A 412 -21.93 24.06 -29.02
CA ALA A 412 -20.51 23.87 -29.33
C ALA A 412 -20.01 22.46 -29.07
N THR A 413 -20.60 21.80 -28.07
CA THR A 413 -20.13 20.49 -27.63
C THR A 413 -20.12 19.44 -28.75
N LEU A 414 -20.90 19.68 -29.79
CA LEU A 414 -21.00 18.75 -30.91
C LEU A 414 -19.72 18.73 -31.72
N ALA A 415 -19.01 19.85 -31.73
CA ALA A 415 -17.74 19.95 -32.44
C ALA A 415 -16.68 19.04 -31.83
N TRP A 416 -16.77 18.83 -30.51
CA TRP A 416 -15.82 17.99 -29.80
C TRP A 416 -16.30 16.55 -29.68
N GLY A 417 -17.60 16.38 -29.44
CA GLY A 417 -18.16 15.09 -29.11
C GLY A 417 -18.22 14.10 -30.26
N VAL A 418 -18.50 14.60 -31.45
CA VAL A 418 -18.71 13.73 -32.61
C VAL A 418 -18.05 14.34 -33.84
N ASN A 419 -17.50 13.48 -34.70
CA ASN A 419 -16.92 13.92 -35.96
C ASN A 419 -17.94 13.99 -37.09
N LEU A 420 -18.88 14.94 -37.00
CA LEU A 420 -19.68 15.25 -38.19
C LEU A 420 -19.43 16.67 -38.69
N PRO A 421 -18.73 16.78 -39.84
CA PRO A 421 -18.44 18.06 -40.47
C PRO A 421 -19.56 18.42 -41.42
N ALA A 422 -19.64 19.69 -41.79
CA ALA A 422 -20.61 20.12 -42.78
C ALA A 422 -19.89 20.99 -43.82
N HIS A 423 -20.55 21.22 -44.94
CA HIS A 423 -19.94 22.02 -46.01
C HIS A 423 -19.64 23.44 -45.54
N THR A 424 -20.67 24.11 -45.04
CA THR A 424 -20.54 25.47 -44.55
C THR A 424 -20.81 25.54 -43.04
N VAL A 425 -19.96 26.25 -42.29
CA VAL A 425 -20.21 26.48 -40.87
C VAL A 425 -20.31 27.97 -40.53
N ILE A 426 -21.38 28.32 -39.82
CA ILE A 426 -21.58 29.71 -39.41
C ILE A 426 -21.70 29.82 -37.89
N ILE A 427 -20.74 30.51 -37.29
CA ILE A 427 -20.74 30.77 -35.86
C ILE A 427 -21.48 32.07 -35.57
N LYS A 428 -22.47 31.98 -34.68
CA LYS A 428 -23.31 33.12 -34.36
C LYS A 428 -22.91 33.82 -33.05
N GLY A 429 -22.63 35.11 -33.13
CA GLY A 429 -22.49 35.95 -31.96
C GLY A 429 -21.15 35.96 -31.25
N THR A 430 -20.67 34.77 -30.87
CA THR A 430 -19.39 34.55 -30.17
C THR A 430 -19.31 35.04 -28.71
N GLN A 431 -20.47 35.32 -28.11
CA GLN A 431 -20.53 35.69 -26.71
C GLN A 431 -20.93 34.48 -25.89
N VAL A 432 -20.42 34.40 -24.67
CA VAL A 432 -20.76 33.29 -23.79
C VAL A 432 -20.90 33.82 -22.39
N TYR A 433 -21.88 33.33 -21.65
CA TYR A 433 -21.97 33.69 -20.25
C TYR A 433 -21.02 32.80 -19.47
N SER A 434 -20.05 33.41 -18.80
CA SER A 434 -19.10 32.68 -17.98
C SER A 434 -19.32 32.96 -16.49
N PRO A 435 -19.86 31.95 -15.79
CA PRO A 435 -20.15 32.01 -14.36
C PRO A 435 -19.01 32.50 -13.48
N GLU A 436 -17.82 31.92 -13.63
CA GLU A 436 -16.70 32.28 -12.77
C GLU A 436 -16.23 33.72 -13.00
N LYS A 437 -16.36 34.19 -14.23
CA LYS A 437 -16.05 35.58 -14.54
C LYS A 437 -17.20 36.48 -14.10
N GLY A 438 -18.38 35.87 -13.92
CA GLY A 438 -19.54 36.57 -13.40
C GLY A 438 -20.25 37.46 -14.39
N ARG A 439 -20.03 37.19 -15.69
CA ARG A 439 -20.52 38.08 -16.73
C ARG A 439 -20.45 37.44 -18.11
N TRP A 440 -20.50 38.27 -19.14
CA TRP A 440 -20.42 37.81 -20.52
C TRP A 440 -19.07 38.16 -21.10
N THR A 441 -18.40 37.17 -21.67
CA THR A 441 -17.15 37.44 -22.39
C THR A 441 -17.06 36.65 -23.68
N GLU A 442 -16.05 36.98 -24.48
CA GLU A 442 -15.85 36.32 -25.75
C GLU A 442 -15.46 34.90 -25.44
N LEU A 443 -15.89 33.96 -26.28
CA LEU A 443 -15.61 32.56 -25.99
C LEU A 443 -14.17 32.20 -26.33
N GLY A 444 -13.78 30.99 -25.96
CA GLY A 444 -12.39 30.56 -26.08
C GLY A 444 -11.84 30.42 -27.49
N ALA A 445 -10.61 30.87 -27.67
CA ALA A 445 -9.86 30.65 -28.90
C ALA A 445 -9.82 29.17 -29.28
N LEU A 446 -9.74 28.31 -28.27
CA LEU A 446 -9.76 26.87 -28.51
C LEU A 446 -11.08 26.39 -29.13
N ASP A 447 -12.20 26.91 -28.65
CA ASP A 447 -13.51 26.49 -29.14
C ASP A 447 -13.75 26.94 -30.57
N ILE A 448 -13.42 28.20 -30.84
CA ILE A 448 -13.61 28.77 -32.18
C ILE A 448 -12.93 27.90 -33.23
N LEU A 449 -11.65 27.60 -32.99
CA LEU A 449 -10.86 26.76 -33.88
C LEU A 449 -11.51 25.40 -34.16
N GLN A 450 -11.96 24.73 -33.10
CA GLN A 450 -12.51 23.39 -33.21
C GLN A 450 -13.72 23.34 -34.12
N MET A 451 -14.69 24.19 -33.84
CA MET A 451 -15.93 24.15 -34.59
C MET A 451 -15.75 24.67 -36.02
N LEU A 452 -15.01 25.77 -36.16
CA LEU A 452 -14.72 26.29 -37.48
C LEU A 452 -13.75 25.37 -38.26
N GLY A 453 -13.26 24.34 -37.59
CA GLY A 453 -12.47 23.31 -38.25
C GLY A 453 -13.32 22.16 -38.74
N ARG A 454 -14.64 22.35 -38.74
CA ARG A 454 -15.56 21.34 -39.21
C ARG A 454 -16.13 21.72 -40.57
N ALA A 455 -15.62 22.83 -41.11
CA ALA A 455 -16.05 23.32 -42.41
C ALA A 455 -15.57 22.40 -43.52
N GLY A 456 -16.51 21.75 -44.20
CA GLY A 456 -16.19 20.93 -45.35
C GLY A 456 -15.94 19.45 -45.05
N ARG A 457 -16.85 18.61 -45.51
CA ARG A 457 -16.74 17.16 -45.28
C ARG A 457 -15.61 16.57 -46.14
N PRO A 458 -14.67 15.86 -45.50
CA PRO A 458 -13.44 15.39 -46.12
C PRO A 458 -13.62 14.58 -47.42
N GLN A 459 -14.70 13.81 -47.52
CA GLN A 459 -14.86 12.95 -48.69
C GLN A 459 -15.95 13.41 -49.68
N TYR A 460 -16.77 14.36 -49.27
CA TYR A 460 -17.86 14.83 -50.13
C TYR A 460 -17.75 16.30 -50.55
N ASP A 461 -16.77 17.01 -50.02
CA ASP A 461 -16.61 18.44 -50.34
C ASP A 461 -15.32 18.78 -51.09
N THR A 462 -15.33 19.98 -51.68
CA THR A 462 -14.18 20.50 -52.39
C THR A 462 -13.74 21.80 -51.73
N LYS A 463 -14.71 22.61 -51.32
CA LYS A 463 -14.44 23.81 -50.56
C LYS A 463 -15.25 23.80 -49.27
N GLY A 464 -14.75 24.49 -48.25
CA GLY A 464 -15.49 24.68 -47.02
C GLY A 464 -15.78 26.15 -46.81
N GLU A 465 -16.90 26.46 -46.16
CA GLU A 465 -17.28 27.85 -45.93
C GLU A 465 -17.49 28.15 -44.45
N GLY A 466 -16.58 28.93 -43.87
CA GLY A 466 -16.68 29.30 -42.46
C GLY A 466 -17.10 30.74 -42.27
N ILE A 467 -18.29 30.94 -41.71
CA ILE A 467 -18.79 32.29 -41.44
C ILE A 467 -18.76 32.60 -39.94
N LEU A 468 -18.13 33.71 -39.59
CA LEU A 468 -17.94 34.06 -38.19
C LEU A 468 -18.57 35.40 -37.85
N ILE A 469 -19.73 35.35 -37.18
CA ILE A 469 -20.48 36.57 -36.84
C ILE A 469 -20.23 36.99 -35.40
N THR A 470 -19.74 38.22 -35.24
CA THR A 470 -19.34 38.68 -33.93
C THR A 470 -19.36 40.21 -33.90
N SER A 471 -18.97 40.77 -32.76
CA SER A 471 -18.88 42.23 -32.62
C SER A 471 -17.75 42.80 -33.48
N HIS A 472 -17.99 43.94 -34.11
CA HIS A 472 -16.94 44.65 -34.83
C HIS A 472 -15.92 45.16 -33.83
N GLY A 473 -16.42 45.57 -32.67
CA GLY A 473 -15.60 46.15 -31.62
C GLY A 473 -14.43 45.29 -31.15
N GLU A 474 -13.23 45.67 -31.57
CA GLU A 474 -11.99 45.05 -31.10
C GLU A 474 -11.94 43.55 -31.35
N LEU A 475 -12.56 43.07 -32.42
CA LEU A 475 -12.53 41.65 -32.73
C LEU A 475 -12.05 41.35 -34.17
N GLN A 476 -10.96 42.00 -34.55
CA GLN A 476 -10.13 41.57 -35.67
C GLN A 476 -9.15 40.57 -35.06
N TYR A 477 -9.15 40.54 -33.72
CA TYR A 477 -8.56 39.48 -32.92
C TYR A 477 -8.81 38.10 -33.52
N TYR A 478 -10.02 37.87 -34.04
CA TYR A 478 -10.38 36.57 -34.60
C TYR A 478 -9.67 36.26 -35.93
N LEU A 479 -9.44 37.30 -36.72
CA LEU A 479 -8.64 37.15 -37.93
C LEU A 479 -7.26 36.59 -37.57
N SER A 480 -6.67 37.15 -36.52
CA SER A 480 -5.39 36.70 -36.01
C SER A 480 -5.43 35.21 -35.70
N LEU A 481 -6.44 34.81 -34.94
CA LEU A 481 -6.64 33.44 -34.50
C LEU A 481 -6.65 32.46 -35.67
N LEU A 482 -7.56 32.68 -36.59
CA LEU A 482 -7.79 31.74 -37.70
C LEU A 482 -6.85 31.89 -38.90
N ASN A 483 -5.84 32.75 -38.81
CA ASN A 483 -4.87 32.87 -39.89
C ASN A 483 -3.39 32.85 -39.44
N GLN A 484 -3.09 31.96 -38.50
CA GLN A 484 -1.73 31.69 -38.04
C GLN A 484 -1.05 32.87 -37.33
N GLN A 485 -1.82 33.84 -36.84
CA GLN A 485 -1.22 35.06 -36.30
C GLN A 485 -1.43 35.42 -34.82
N LEU A 486 -2.29 34.69 -34.10
CA LEU A 486 -2.47 34.98 -32.67
C LEU A 486 -1.45 34.17 -31.88
N PRO A 487 -0.47 34.86 -31.27
CA PRO A 487 0.65 34.17 -30.60
C PRO A 487 0.26 33.47 -29.28
N ILE A 488 0.96 32.38 -28.98
CA ILE A 488 0.69 31.58 -27.78
C ILE A 488 1.54 32.05 -26.61
N GLU A 489 0.89 32.63 -25.61
CA GLU A 489 1.62 33.14 -24.46
C GLU A 489 1.46 32.28 -23.21
N SER A 490 2.01 32.75 -22.11
CA SER A 490 1.99 31.99 -20.87
C SER A 490 1.21 32.75 -19.81
N GLN A 491 0.28 32.05 -19.17
CA GLN A 491 -0.62 32.65 -18.20
C GLN A 491 -0.26 32.27 -16.78
N MET A 492 0.95 31.75 -16.61
CA MET A 492 1.39 31.21 -15.32
C MET A 492 1.25 32.17 -14.13
N VAL A 493 1.44 33.47 -14.35
CA VAL A 493 1.51 34.40 -13.22
C VAL A 493 0.17 34.50 -12.54
N SER A 494 -0.89 34.27 -13.30
CA SER A 494 -2.26 34.33 -12.79
C SER A 494 -2.46 33.31 -11.69
N LYS A 495 -1.82 32.15 -11.84
CA LYS A 495 -2.10 31.03 -10.98
C LYS A 495 -0.90 30.54 -10.20
N LEU A 496 0.12 31.39 -10.12
CA LEU A 496 1.40 31.05 -9.51
C LEU A 496 1.31 30.50 -8.08
N PRO A 497 0.67 31.23 -7.14
CA PRO A 497 0.75 30.76 -5.75
C PRO A 497 0.03 29.44 -5.50
N ASP A 498 -0.95 29.12 -6.33
CA ASP A 498 -1.63 27.84 -6.18
C ASP A 498 -0.78 26.76 -6.79
N MET A 499 -0.15 27.08 -7.92
CA MET A 499 0.71 26.15 -8.63
C MET A 499 1.98 25.81 -7.84
N LEU A 500 2.48 26.79 -7.10
CA LEU A 500 3.67 26.65 -6.29
C LEU A 500 3.34 25.73 -5.13
N ASN A 501 2.24 26.04 -4.47
CA ASN A 501 1.78 25.32 -3.30
C ASN A 501 1.66 23.83 -3.61
N ALA A 502 1.29 23.51 -4.83
CA ALA A 502 1.03 22.13 -5.20
C ALA A 502 2.32 21.35 -5.08
N GLU A 503 3.37 21.92 -5.64
CA GLU A 503 4.68 21.29 -5.70
C GLU A 503 5.24 21.19 -4.30
N ILE A 504 5.10 22.25 -3.52
CA ILE A 504 5.54 22.25 -2.13
C ILE A 504 4.96 21.07 -1.35
N VAL A 505 3.68 20.84 -1.55
CA VAL A 505 2.97 19.76 -0.88
C VAL A 505 3.49 18.39 -1.35
N LEU A 506 4.05 18.34 -2.55
CA LEU A 506 4.52 17.09 -3.11
C LEU A 506 5.94 16.76 -2.62
N GLY A 507 6.65 17.77 -2.16
CA GLY A 507 8.05 17.62 -1.79
C GLY A 507 8.98 17.92 -2.94
N ASN A 508 8.43 18.28 -4.09
CA ASN A 508 9.23 18.63 -5.26
C ASN A 508 10.00 19.93 -5.09
N VAL A 509 9.49 20.82 -4.25
CA VAL A 509 10.23 22.03 -3.88
C VAL A 509 10.13 22.32 -2.38
N GLN A 510 11.30 22.59 -1.78
CA GLN A 510 11.41 22.69 -0.34
C GLN A 510 11.79 24.11 0.09
N ASN A 511 12.16 24.93 -0.88
CA ASN A 511 12.66 26.27 -0.61
C ASN A 511 12.58 27.14 -1.87
N ALA A 512 12.76 28.43 -1.69
CA ALA A 512 12.75 29.40 -2.79
C ALA A 512 13.69 29.00 -3.94
N LYS A 513 14.86 28.47 -3.59
CA LYS A 513 15.82 27.99 -4.57
C LYS A 513 15.22 26.83 -5.37
N ASP A 514 14.63 25.87 -4.68
CA ASP A 514 13.96 24.76 -5.34
C ASP A 514 12.90 25.30 -6.29
N ALA A 515 12.14 26.25 -5.78
CA ALA A 515 11.08 26.91 -6.53
C ALA A 515 11.60 27.55 -7.79
N VAL A 516 12.62 28.40 -7.63
CA VAL A 516 13.21 29.16 -8.73
C VAL A 516 13.71 28.23 -9.84
N ASN A 517 14.08 27.01 -9.47
CA ASN A 517 14.52 26.02 -10.46
C ASN A 517 13.31 25.44 -11.16
N TRP A 518 12.25 25.20 -10.40
CA TRP A 518 10.99 24.70 -10.94
C TRP A 518 10.44 25.63 -12.02
N LEU A 519 10.46 26.92 -11.74
CA LEU A 519 10.01 27.92 -12.71
C LEU A 519 10.69 27.75 -14.06
N GLY A 520 11.95 27.36 -14.05
CA GLY A 520 12.69 27.13 -15.28
C GLY A 520 12.12 26.03 -16.16
N TYR A 521 11.24 25.20 -15.62
CA TYR A 521 10.63 24.16 -16.44
C TYR A 521 9.36 24.65 -17.11
N ALA A 522 8.86 25.79 -16.63
CA ALA A 522 7.61 26.35 -17.12
C ALA A 522 7.77 27.00 -18.48
N TYR A 523 6.71 26.99 -19.26
CA TYR A 523 6.64 27.67 -20.55
C TYR A 523 6.78 29.17 -20.34
N LEU A 524 6.44 29.59 -19.12
CA LEU A 524 6.59 30.97 -18.68
C LEU A 524 8.03 31.43 -18.80
N TYR A 525 8.96 30.57 -18.40
CA TYR A 525 10.38 30.89 -18.42
C TYR A 525 10.90 31.16 -19.84
N ILE A 526 10.58 30.25 -20.76
CA ILE A 526 10.99 30.38 -22.15
C ILE A 526 10.45 31.65 -22.81
N ARG A 527 9.22 32.02 -22.47
CA ARG A 527 8.62 33.22 -23.05
C ARG A 527 9.26 34.49 -22.49
N MET A 528 9.45 34.55 -21.18
CA MET A 528 10.08 35.71 -20.56
C MET A 528 11.44 35.98 -21.17
N LEU A 529 12.13 34.91 -21.59
CA LEU A 529 13.42 35.06 -22.25
C LEU A 529 13.24 35.67 -23.63
N ARG A 530 12.52 34.98 -24.50
CA ARG A 530 12.33 35.44 -25.88
C ARG A 530 11.44 36.69 -26.05
N SER A 531 10.79 37.15 -24.99
CA SER A 531 9.89 38.30 -25.08
C SER A 531 9.84 39.14 -23.81
N PRO A 532 11.01 39.46 -23.23
CA PRO A 532 11.08 40.00 -21.86
C PRO A 532 10.26 41.26 -21.68
N THR A 533 10.22 42.09 -22.71
CA THR A 533 9.54 43.36 -22.63
C THR A 533 8.04 43.11 -22.41
N LEU A 534 7.49 42.16 -23.15
CA LEU A 534 6.09 41.76 -23.02
C LEU A 534 5.74 41.32 -21.61
N TYR A 535 6.73 40.80 -20.88
CA TYR A 535 6.50 40.28 -19.54
C TYR A 535 7.06 41.20 -18.46
N GLY A 536 7.22 42.48 -18.79
CA GLY A 536 7.58 43.48 -17.80
C GLY A 536 9.05 43.50 -17.40
N ILE A 537 9.86 42.70 -18.07
CA ILE A 537 11.31 42.70 -17.88
C ILE A 537 11.91 43.69 -18.87
N SER A 538 12.85 44.51 -18.40
CA SER A 538 13.49 45.48 -19.30
C SER A 538 14.67 44.84 -20.03
N HIS A 539 15.06 45.43 -21.17
CA HIS A 539 16.18 44.92 -21.96
C HIS A 539 17.49 44.96 -21.18
N ASP A 540 17.57 45.89 -20.22
CA ASP A 540 18.79 46.06 -19.44
C ASP A 540 18.95 44.97 -18.37
N ASP A 541 17.83 44.57 -17.75
CA ASP A 541 17.85 43.47 -16.78
C ASP A 541 18.28 42.18 -17.46
N LEU A 542 17.72 41.95 -18.63
CA LEU A 542 18.00 40.73 -19.39
C LEU A 542 19.50 40.53 -19.70
N LYS A 543 20.17 41.58 -20.15
CA LYS A 543 21.59 41.44 -20.49
C LYS A 543 22.47 41.25 -19.25
N GLY A 544 22.04 41.80 -18.12
CA GLY A 544 22.78 41.66 -16.88
C GLY A 544 22.44 40.37 -16.16
N ASP A 545 21.32 39.78 -16.51
CA ASP A 545 20.82 38.58 -15.84
C ASP A 545 20.12 37.69 -16.86
N PRO A 546 20.90 37.02 -17.71
CA PRO A 546 20.38 36.31 -18.89
C PRO A 546 19.55 35.11 -18.53
N LEU A 547 19.68 34.63 -17.30
CA LEU A 547 18.94 33.45 -16.87
C LEU A 547 17.75 33.82 -15.99
N LEU A 548 17.48 35.12 -15.92
CA LEU A 548 16.35 35.67 -15.18
C LEU A 548 16.30 35.11 -13.76
N ASP A 549 17.42 35.21 -13.06
CA ASP A 549 17.51 34.72 -11.70
C ASP A 549 16.84 35.67 -10.71
N GLN A 550 16.78 36.95 -11.05
CA GLN A 550 16.16 37.93 -10.18
C GLN A 550 14.65 37.84 -10.27
N ARG A 551 14.13 37.92 -11.49
CA ARG A 551 12.71 37.84 -11.75
C ARG A 551 12.08 36.56 -11.22
N ARG A 552 12.73 35.41 -11.47
CA ARG A 552 12.15 34.14 -11.02
C ARG A 552 12.18 34.03 -9.49
N LEU A 553 13.15 34.66 -8.86
CA LEU A 553 13.21 34.66 -7.39
C LEU A 553 12.18 35.66 -6.86
N ASP A 554 12.11 36.83 -7.49
CA ASP A 554 11.13 37.84 -7.13
C ASP A 554 9.71 37.30 -7.27
N LEU A 555 9.48 36.58 -8.35
CA LEU A 555 8.22 35.92 -8.61
C LEU A 555 7.90 34.96 -7.46
N VAL A 556 8.79 34.01 -7.25
CA VAL A 556 8.65 33.04 -6.20
C VAL A 556 8.44 33.67 -4.81
N HIS A 557 9.25 34.68 -4.49
CA HIS A 557 9.17 35.38 -3.21
C HIS A 557 7.79 36.00 -2.99
N THR A 558 7.24 36.56 -4.04
CA THR A 558 5.94 37.20 -3.97
C THR A 558 4.84 36.18 -3.66
N ALA A 559 4.85 35.06 -4.38
CA ALA A 559 3.85 34.02 -4.18
C ALA A 559 4.03 33.34 -2.83
N ALA A 560 5.25 33.39 -2.33
CA ALA A 560 5.56 32.77 -1.05
C ALA A 560 4.89 33.54 0.07
N LEU A 561 4.97 34.87 -0.01
CA LEU A 561 4.35 35.73 0.98
C LEU A 561 2.85 35.55 1.00
N MET A 562 2.28 35.26 -0.16
CA MET A 562 0.85 35.02 -0.29
C MET A 562 0.42 33.73 0.43
N LEU A 563 1.13 32.64 0.16
CA LEU A 563 0.87 31.37 0.84
C LEU A 563 1.09 31.49 2.34
N ASP A 564 1.99 32.39 2.74
CA ASP A 564 2.30 32.57 4.15
C ASP A 564 1.20 33.34 4.86
N LYS A 565 0.78 34.45 4.25
CA LYS A 565 -0.32 35.25 4.75
C LYS A 565 -1.55 34.36 4.97
N ASN A 566 -1.86 33.52 3.98
CA ASN A 566 -3.03 32.65 4.04
C ASN A 566 -2.79 31.34 4.78
N ASN A 567 -1.61 31.20 5.37
CA ASN A 567 -1.27 30.04 6.20
C ASN A 567 -1.36 28.69 5.50
N LEU A 568 -1.02 28.66 4.21
CA LEU A 568 -0.91 27.40 3.46
C LEU A 568 0.50 26.85 3.66
N VAL A 569 1.42 27.75 4.02
CA VAL A 569 2.85 27.46 4.03
C VAL A 569 3.53 28.37 5.02
N LYS A 570 4.35 27.78 5.88
CA LYS A 570 5.25 28.57 6.73
C LYS A 570 6.53 28.87 5.96
N TYR A 571 6.78 30.16 5.75
CA TYR A 571 7.94 30.61 4.99
C TYR A 571 8.68 31.70 5.74
N ASP A 572 9.97 31.48 5.97
CA ASP A 572 10.79 32.54 6.58
C ASP A 572 11.72 33.19 5.56
N LYS A 573 11.69 34.52 5.53
CA LYS A 573 12.47 35.28 4.56
C LYS A 573 13.97 35.02 4.60
N LYS A 574 14.50 34.63 5.77
CA LYS A 574 15.94 34.46 5.97
C LYS A 574 16.52 33.29 5.17
N THR A 575 16.26 32.06 5.63
CA THR A 575 16.73 30.87 4.95
C THR A 575 16.03 30.63 3.61
N GLY A 576 14.78 31.05 3.53
CA GLY A 576 13.98 30.84 2.33
C GLY A 576 13.41 29.43 2.27
N ASN A 577 13.21 28.83 3.42
CA ASN A 577 12.64 27.49 3.49
C ASN A 577 11.10 27.46 3.60
N PHE A 578 10.50 26.42 3.05
CA PHE A 578 9.07 26.21 3.13
C PHE A 578 8.74 25.06 4.07
N GLN A 579 7.76 25.28 4.94
CA GLN A 579 7.12 24.20 5.68
C GLN A 579 5.67 24.09 5.25
N VAL A 580 5.21 22.86 5.01
CA VAL A 580 3.84 22.64 4.57
C VAL A 580 2.93 22.53 5.76
N THR A 581 1.76 23.14 5.66
CA THR A 581 0.74 23.03 6.69
C THR A 581 -0.41 22.13 6.25
N GLU A 582 -1.25 21.69 7.18
CA GLU A 582 -2.35 20.79 6.82
C GLU A 582 -3.36 21.50 5.95
N LEU A 583 -3.47 22.81 6.18
CA LEU A 583 -4.30 23.68 5.37
C LEU A 583 -3.88 23.71 3.88
N GLY A 584 -2.60 23.94 3.63
CA GLY A 584 -2.08 23.94 2.27
C GLY A 584 -2.10 22.54 1.65
N ARG A 585 -2.07 21.53 2.52
CA ARG A 585 -2.06 20.16 2.07
C ARG A 585 -3.42 19.85 1.48
N ILE A 586 -4.46 20.20 2.24
CA ILE A 586 -5.85 20.04 1.82
C ILE A 586 -6.15 20.88 0.59
N ALA A 587 -5.75 22.14 0.64
CA ALA A 587 -5.87 23.06 -0.49
C ALA A 587 -5.47 22.42 -1.81
N SER A 588 -4.22 21.96 -1.87
CA SER A 588 -3.69 21.33 -3.06
C SER A 588 -4.49 20.12 -3.46
N HIS A 589 -4.85 19.31 -2.47
CA HIS A 589 -5.49 18.02 -2.72
C HIS A 589 -6.91 18.16 -3.22
N TYR A 590 -7.62 19.15 -2.73
CA TYR A 590 -8.98 19.40 -3.19
C TYR A 590 -9.10 20.54 -4.20
N TYR A 591 -7.97 21.08 -4.64
CA TYR A 591 -7.91 22.05 -5.74
C TYR A 591 -8.72 23.28 -5.43
N ILE A 592 -8.38 23.94 -4.33
CA ILE A 592 -9.07 25.15 -3.92
C ILE A 592 -8.04 26.28 -3.80
N THR A 593 -8.40 27.48 -4.24
CA THR A 593 -7.47 28.60 -4.26
C THR A 593 -7.10 28.99 -2.83
N ASN A 594 -5.97 29.67 -2.67
CA ASN A 594 -5.45 29.96 -1.33
C ASN A 594 -6.32 30.90 -0.50
N ASP A 595 -6.95 31.86 -1.15
CA ASP A 595 -7.75 32.85 -0.44
C ASP A 595 -8.94 32.21 0.25
N THR A 596 -9.46 31.14 -0.34
CA THR A 596 -10.57 30.42 0.23
C THR A 596 -10.14 29.78 1.55
N VAL A 597 -9.04 29.07 1.51
CA VAL A 597 -8.50 28.42 2.69
C VAL A 597 -8.32 29.40 3.85
N GLN A 598 -7.92 30.62 3.56
CA GLN A 598 -7.81 31.63 4.61
C GLN A 598 -9.19 31.85 5.23
N THR A 599 -10.19 32.02 4.38
CA THR A 599 -11.54 32.30 4.83
C THR A 599 -12.04 31.19 5.73
N TYR A 600 -11.90 29.95 5.29
CA TYR A 600 -12.30 28.81 6.10
C TYR A 600 -11.53 28.82 7.42
N ASN A 601 -10.25 29.11 7.37
CA ASN A 601 -9.41 29.03 8.56
C ASN A 601 -9.86 30.11 9.54
N GLN A 602 -10.38 31.18 8.98
CA GLN A 602 -10.79 32.35 9.74
C GLN A 602 -12.21 32.23 10.32
N LEU A 603 -13.14 31.66 9.55
CA LEU A 603 -14.55 31.62 9.94
C LEU A 603 -14.99 30.35 10.65
N LEU A 604 -14.38 29.24 10.31
CA LEU A 604 -14.75 27.96 10.93
C LEU A 604 -14.41 27.99 12.41
N LYS A 605 -15.10 27.15 13.16
CA LYS A 605 -14.99 27.06 14.61
C LYS A 605 -15.89 25.92 15.06
N PRO A 606 -15.57 25.28 16.19
CA PRO A 606 -16.28 24.09 16.65
C PRO A 606 -17.79 24.28 16.73
N THR A 607 -18.23 25.45 17.18
CA THR A 607 -19.66 25.71 17.40
C THR A 607 -20.42 26.29 16.21
N LEU A 608 -19.91 26.07 15.00
CA LEU A 608 -20.57 26.56 13.79
C LEU A 608 -21.93 25.90 13.63
N SER A 609 -22.92 26.72 13.29
CA SER A 609 -24.27 26.25 13.04
C SER A 609 -24.40 25.91 11.57
N GLU A 610 -25.40 25.11 11.21
CA GLU A 610 -25.62 24.81 9.81
C GLU A 610 -25.93 26.08 9.04
N ILE A 611 -26.52 27.06 9.70
CA ILE A 611 -26.78 28.35 9.07
C ILE A 611 -25.46 29.03 8.70
N GLU A 612 -24.59 29.16 9.69
CA GLU A 612 -23.29 29.77 9.48
C GLU A 612 -22.44 28.92 8.52
N LEU A 613 -22.64 27.61 8.54
CA LEU A 613 -21.89 26.72 7.67
C LEU A 613 -22.20 27.07 6.23
N PHE A 614 -23.49 27.18 5.92
CA PHE A 614 -23.91 27.55 4.58
C PHE A 614 -23.35 28.91 4.19
N ARG A 615 -23.38 29.84 5.14
CA ARG A 615 -22.78 31.17 4.96
C ARG A 615 -21.31 31.08 4.55
N VAL A 616 -20.54 30.25 5.26
CA VAL A 616 -19.09 30.15 5.04
C VAL A 616 -18.80 29.67 3.62
N PHE A 617 -19.47 28.61 3.20
CA PHE A 617 -19.29 28.04 1.88
C PHE A 617 -19.44 29.08 0.78
N SER A 618 -20.31 30.06 1.01
CA SER A 618 -20.62 31.09 0.02
C SER A 618 -19.62 32.24 0.03
N LEU A 619 -18.68 32.18 0.96
CA LEU A 619 -17.63 33.18 1.00
C LEU A 619 -16.37 32.69 0.28
N SER A 620 -16.43 31.45 -0.20
CA SER A 620 -15.37 30.86 -1.00
C SER A 620 -14.98 31.78 -2.11
N SER A 621 -13.69 31.90 -2.37
CA SER A 621 -13.22 32.91 -3.29
C SER A 621 -13.40 32.53 -4.75
N GLU A 622 -13.72 31.27 -5.01
CA GLU A 622 -14.06 30.87 -6.38
C GLU A 622 -15.42 31.45 -6.78
N PHE A 623 -16.10 32.08 -5.82
CA PHE A 623 -17.38 32.72 -6.08
C PHE A 623 -17.24 34.22 -6.05
N LYS A 624 -16.01 34.71 -5.96
CA LYS A 624 -15.76 36.13 -5.73
C LYS A 624 -16.29 37.07 -6.82
N ASN A 625 -16.68 36.52 -7.96
CA ASN A 625 -17.16 37.35 -9.08
C ASN A 625 -18.67 37.27 -9.32
N ILE A 626 -19.29 36.21 -8.82
CA ILE A 626 -20.74 36.07 -8.91
C ILE A 626 -21.45 37.29 -8.33
N THR A 627 -22.29 37.92 -9.14
CA THR A 627 -23.13 39.02 -8.67
C THR A 627 -24.59 38.63 -8.76
N VAL A 628 -25.44 39.47 -8.17
CA VAL A 628 -26.89 39.24 -8.26
C VAL A 628 -27.53 40.26 -9.19
N ARG A 629 -27.97 39.76 -10.35
CA ARG A 629 -28.59 40.58 -11.37
C ARG A 629 -30.06 40.93 -11.03
N GLU A 630 -30.53 42.07 -11.50
CA GLU A 630 -31.93 42.45 -11.33
C GLU A 630 -32.88 41.47 -12.01
N GLU A 631 -32.56 41.06 -13.22
CA GLU A 631 -33.41 40.20 -14.01
C GLU A 631 -33.67 38.81 -13.40
N GLU A 632 -33.18 38.61 -12.18
CA GLU A 632 -33.29 37.32 -11.49
C GLU A 632 -33.57 37.46 -9.99
N LYS A 633 -33.68 38.70 -9.51
CA LYS A 633 -34.00 38.95 -8.12
C LYS A 633 -35.34 38.34 -7.71
N LEU A 634 -36.31 38.36 -8.62
CA LEU A 634 -37.63 37.80 -8.36
C LEU A 634 -37.57 36.31 -8.10
N GLU A 635 -36.90 35.58 -8.99
CA GLU A 635 -36.81 34.12 -8.91
C GLU A 635 -36.02 33.62 -7.71
N LEU A 636 -34.95 34.33 -7.37
CA LEU A 636 -34.22 34.07 -6.13
C LEU A 636 -35.12 34.15 -4.92
N GLN A 637 -36.02 35.14 -4.91
CA GLN A 637 -36.91 35.35 -3.77
C GLN A 637 -37.81 34.15 -3.59
N LYS A 638 -38.31 33.61 -4.71
CA LYS A 638 -39.14 32.42 -4.67
C LYS A 638 -38.36 31.25 -4.08
N LEU A 639 -37.11 31.12 -4.50
CA LEU A 639 -36.28 30.00 -4.05
C LEU A 639 -35.99 30.07 -2.56
N LEU A 640 -35.66 31.26 -2.07
CA LEU A 640 -35.41 31.49 -0.66
C LEU A 640 -36.58 31.08 0.24
N GLU A 641 -37.79 31.30 -0.24
CA GLU A 641 -38.98 30.92 0.52
C GLU A 641 -39.22 29.42 0.53
N ARG A 642 -38.49 28.69 -0.31
CA ARG A 642 -38.72 27.25 -0.43
C ARG A 642 -37.62 26.42 0.23
N VAL A 643 -36.47 27.04 0.46
CA VAL A 643 -35.32 26.32 0.99
C VAL A 643 -35.34 26.28 2.52
N PRO A 644 -34.86 25.17 3.09
CA PRO A 644 -34.98 24.84 4.52
C PRO A 644 -34.07 25.58 5.48
N ILE A 645 -32.86 25.92 5.04
CA ILE A 645 -31.93 26.58 5.95
C ILE A 645 -32.03 28.08 5.81
N PRO A 646 -32.34 28.76 6.92
CA PRO A 646 -32.43 30.21 6.97
C PRO A 646 -31.14 30.87 6.51
N VAL A 647 -31.25 31.93 5.72
CA VAL A 647 -30.08 32.68 5.30
C VAL A 647 -30.13 34.11 5.88
N LYS A 648 -29.45 34.24 7.02
CA LYS A 648 -29.49 35.40 7.92
C LYS A 648 -29.80 36.74 7.28
N GLU A 649 -28.76 37.53 7.02
CA GLU A 649 -28.97 38.89 6.56
C GLU A 649 -28.26 39.01 5.24
N SER A 650 -28.05 37.86 4.62
CA SER A 650 -27.33 37.84 3.36
C SER A 650 -28.19 38.48 2.27
N ILE A 651 -29.50 38.57 2.53
CA ILE A 651 -30.44 39.40 1.77
C ILE A 651 -30.38 39.40 0.22
N GLU A 652 -29.68 40.36 -0.35
CA GLU A 652 -29.55 40.51 -1.80
C GLU A 652 -28.06 40.70 -2.12
N GLU A 653 -27.21 40.14 -1.27
CA GLU A 653 -25.78 40.11 -1.51
C GLU A 653 -25.49 38.85 -2.32
N PRO A 654 -24.31 38.77 -2.96
CA PRO A 654 -24.00 37.56 -3.71
C PRO A 654 -23.90 36.33 -2.80
N SER A 655 -23.47 36.55 -1.57
CA SER A 655 -23.50 35.52 -0.55
C SER A 655 -24.87 34.81 -0.47
N ALA A 656 -25.94 35.59 -0.47
CA ALA A 656 -27.28 35.01 -0.36
C ALA A 656 -27.61 34.17 -1.58
N LYS A 657 -27.32 34.73 -2.75
CA LYS A 657 -27.55 34.06 -4.02
C LYS A 657 -26.94 32.67 -4.06
N ILE A 658 -25.67 32.60 -3.67
CA ILE A 658 -24.91 31.36 -3.69
C ILE A 658 -25.50 30.39 -2.66
N ASN A 659 -25.71 30.89 -1.46
CA ASN A 659 -26.31 30.08 -0.41
C ASN A 659 -27.60 29.38 -0.88
N VAL A 660 -28.58 30.16 -1.37
CA VAL A 660 -29.84 29.55 -1.78
C VAL A 660 -29.75 28.74 -3.09
N LEU A 661 -28.79 29.09 -3.94
CA LEU A 661 -28.58 28.33 -5.16
C LEU A 661 -28.20 26.89 -4.80
N LEU A 662 -27.34 26.74 -3.79
CA LEU A 662 -26.93 25.43 -3.30
C LEU A 662 -28.10 24.70 -2.68
N GLN A 663 -28.82 25.37 -1.79
CA GLN A 663 -29.99 24.77 -1.14
C GLN A 663 -30.99 24.30 -2.17
N ALA A 664 -31.22 25.14 -3.18
CA ALA A 664 -32.13 24.81 -4.25
C ALA A 664 -31.72 23.54 -4.96
N PHE A 665 -30.42 23.35 -5.12
CA PHE A 665 -29.89 22.17 -5.77
C PHE A 665 -30.23 20.90 -4.99
N ILE A 666 -30.11 20.95 -3.67
CA ILE A 666 -30.37 19.80 -2.82
C ILE A 666 -31.87 19.53 -2.73
N SER A 667 -32.65 20.60 -2.69
CA SER A 667 -34.10 20.52 -2.70
C SER A 667 -34.63 20.04 -4.05
N GLN A 668 -33.77 20.04 -5.06
CA GLN A 668 -34.11 19.68 -6.43
C GLN A 668 -35.23 20.55 -7.04
N LEU A 669 -35.24 21.82 -6.65
CA LEU A 669 -36.17 22.83 -7.19
C LEU A 669 -35.94 23.08 -8.69
N LYS A 670 -37.01 23.02 -9.47
CA LYS A 670 -36.89 23.37 -10.89
C LYS A 670 -36.57 24.85 -11.02
N LEU A 671 -35.52 25.18 -11.75
CA LEU A 671 -35.19 26.57 -12.01
C LEU A 671 -35.67 27.03 -13.40
N GLU A 672 -35.76 28.34 -13.55
CA GLU A 672 -36.41 28.96 -14.70
C GLU A 672 -35.46 29.91 -15.42
N GLY A 673 -34.78 30.76 -14.65
CA GLY A 673 -33.93 31.80 -15.20
C GLY A 673 -32.63 31.31 -15.79
N PHE A 674 -32.43 31.58 -17.08
CA PHE A 674 -31.15 31.31 -17.71
C PHE A 674 -30.12 32.13 -16.98
N ALA A 675 -28.85 31.73 -17.07
CA ALA A 675 -27.74 32.33 -16.31
C ALA A 675 -27.81 31.93 -14.84
N LEU A 676 -28.97 32.16 -14.22
CA LEU A 676 -29.20 31.71 -12.86
C LEU A 676 -29.04 30.21 -12.80
N MET A 677 -29.42 29.53 -13.87
CA MET A 677 -29.20 28.09 -14.00
C MET A 677 -27.71 27.82 -14.21
N ALA A 678 -27.09 28.61 -15.08
CA ALA A 678 -25.67 28.48 -15.39
C ALA A 678 -24.84 28.72 -14.15
N ASP A 679 -25.28 29.69 -13.35
CA ASP A 679 -24.64 29.96 -12.06
C ASP A 679 -24.81 28.77 -11.14
N MET A 680 -26.02 28.20 -11.08
CA MET A 680 -26.23 27.07 -10.20
C MET A 680 -25.31 25.89 -10.53
N VAL A 681 -25.24 25.54 -11.82
CA VAL A 681 -24.38 24.46 -12.26
C VAL A 681 -22.95 24.67 -11.76
N TYR A 682 -22.48 25.90 -11.89
CA TYR A 682 -21.13 26.24 -11.45
C TYR A 682 -20.88 26.02 -9.96
N VAL A 683 -21.71 26.57 -9.09
CA VAL A 683 -21.45 26.43 -7.66
C VAL A 683 -21.71 24.99 -7.19
N THR A 684 -22.49 24.24 -7.93
CA THR A 684 -22.77 22.87 -7.53
C THR A 684 -21.61 21.90 -7.81
N GLN A 685 -20.97 22.05 -8.97
CA GLN A 685 -19.81 21.21 -9.28
C GLN A 685 -18.61 21.48 -8.37
N LEU A 686 -18.46 22.72 -7.94
CA LEU A 686 -17.44 23.13 -6.97
C LEU A 686 -17.77 22.70 -5.56
N ALA A 687 -19.05 22.36 -5.33
CA ALA A 687 -19.55 22.26 -3.98
C ALA A 687 -19.10 20.99 -3.29
N GLY A 688 -18.90 19.94 -4.07
CA GLY A 688 -18.37 18.71 -3.54
C GLY A 688 -17.00 18.90 -2.92
N ARG A 689 -16.08 19.44 -3.73
CA ARG A 689 -14.70 19.65 -3.29
C ARG A 689 -14.61 20.57 -2.09
N LEU A 690 -15.15 21.78 -2.24
CA LEU A 690 -15.11 22.79 -1.17
C LEU A 690 -15.64 22.25 0.14
N MET A 691 -16.70 21.46 0.10
CA MET A 691 -17.25 20.89 1.32
C MET A 691 -16.34 19.83 1.89
N ARG A 692 -15.98 18.87 1.04
CA ARG A 692 -15.06 17.80 1.43
C ARG A 692 -13.78 18.37 2.05
N ALA A 693 -13.34 19.51 1.52
CA ALA A 693 -12.22 20.25 2.10
C ALA A 693 -12.52 20.76 3.49
N ILE A 694 -13.71 21.31 3.69
CA ILE A 694 -14.09 21.84 5.00
C ILE A 694 -14.22 20.68 5.98
N PHE A 695 -14.71 19.55 5.48
CA PHE A 695 -14.81 18.34 6.26
C PHE A 695 -13.46 17.90 6.79
N GLU A 696 -12.46 17.84 5.91
CA GLU A 696 -11.13 17.40 6.31
C GLU A 696 -10.47 18.36 7.28
N ILE A 697 -10.59 19.66 7.03
CA ILE A 697 -10.08 20.68 7.93
C ILE A 697 -10.61 20.46 9.33
N VAL A 698 -11.88 20.09 9.41
CA VAL A 698 -12.56 20.07 10.68
C VAL A 698 -12.45 18.69 11.33
N LEU A 699 -12.34 17.64 10.50
CA LEU A 699 -12.07 16.30 10.98
C LEU A 699 -10.79 16.36 11.76
N ASN A 700 -9.77 16.88 11.10
CA ASN A 700 -8.43 16.89 11.61
C ASN A 700 -8.29 17.66 12.92
N ARG A 701 -9.12 18.67 13.12
CA ARG A 701 -9.06 19.46 14.36
C ARG A 701 -9.86 18.79 15.48
N GLY A 702 -10.56 17.72 15.14
CA GLY A 702 -11.27 16.91 16.12
C GLY A 702 -12.60 17.50 16.56
N TRP A 703 -13.12 18.42 15.76
CA TRP A 703 -14.38 19.10 16.06
C TRP A 703 -15.58 18.19 15.77
N ALA A 704 -16.06 17.50 16.79
CA ALA A 704 -17.07 16.44 16.65
C ALA A 704 -18.35 16.89 15.97
N GLN A 705 -18.89 18.02 16.43
CA GLN A 705 -20.16 18.51 15.91
C GLN A 705 -20.05 19.03 14.49
N LEU A 706 -19.00 19.80 14.21
CA LEU A 706 -18.90 20.39 12.90
C LEU A 706 -18.47 19.35 11.89
N THR A 707 -17.74 18.35 12.36
CA THR A 707 -17.36 17.23 11.50
C THR A 707 -18.63 16.53 11.03
N ASP A 708 -19.55 16.33 11.96
CA ASP A 708 -20.81 15.65 11.66
C ASP A 708 -21.66 16.49 10.69
N LYS A 709 -21.75 17.79 10.97
CA LYS A 709 -22.44 18.71 10.09
C LYS A 709 -21.87 18.69 8.67
N THR A 710 -20.55 18.82 8.59
CA THR A 710 -19.87 18.96 7.31
C THR A 710 -19.90 17.69 6.48
N LEU A 711 -19.76 16.54 7.11
CA LEU A 711 -19.83 15.29 6.38
C LEU A 711 -21.24 15.07 5.86
N ASN A 712 -22.23 15.40 6.67
CA ASN A 712 -23.62 15.30 6.28
C ASN A 712 -23.90 16.21 5.09
N LEU A 713 -23.38 17.44 5.15
CA LEU A 713 -23.57 18.36 4.04
C LEU A 713 -22.90 17.86 2.76
N CYS A 714 -21.74 17.22 2.91
CA CYS A 714 -21.04 16.61 1.78
C CYS A 714 -21.99 15.60 1.13
N LYS A 715 -22.63 14.79 1.97
CA LYS A 715 -23.49 13.71 1.49
C LYS A 715 -24.83 14.20 0.89
N MET A 716 -25.38 15.29 1.44
CA MET A 716 -26.58 15.89 0.87
C MET A 716 -26.33 16.38 -0.55
N ILE A 717 -25.18 17.01 -0.78
CA ILE A 717 -24.80 17.48 -2.11
C ILE A 717 -24.59 16.33 -3.10
N ASP A 718 -23.96 15.27 -2.62
CA ASP A 718 -23.72 14.09 -3.44
C ASP A 718 -25.05 13.44 -3.77
N LYS A 719 -25.80 13.11 -2.73
CA LYS A 719 -27.01 12.32 -2.88
C LYS A 719 -28.25 13.17 -3.20
N ARG A 720 -28.07 14.48 -3.39
CA ARG A 720 -29.15 15.42 -3.70
C ARG A 720 -30.44 15.23 -2.89
N MET A 721 -30.31 15.29 -1.56
CA MET A 721 -31.46 15.21 -0.67
C MET A 721 -31.08 15.74 0.71
N TRP A 722 -32.04 16.32 1.42
CA TRP A 722 -31.76 16.83 2.76
C TRP A 722 -31.69 15.66 3.73
N GLN A 723 -31.22 15.95 4.94
CA GLN A 723 -30.91 14.87 5.88
C GLN A 723 -32.19 14.30 6.46
N SER A 724 -33.23 15.12 6.50
CA SER A 724 -34.51 14.73 7.06
C SER A 724 -35.29 13.75 6.20
N MET A 725 -35.06 13.78 4.89
CA MET A 725 -35.79 12.92 3.97
C MET A 725 -35.48 11.44 4.18
N CYS A 726 -36.13 10.59 3.40
CA CYS A 726 -36.02 9.15 3.61
C CYS A 726 -34.77 8.56 2.97
N PRO A 727 -33.97 7.85 3.77
CA PRO A 727 -32.78 7.10 3.34
C PRO A 727 -33.01 6.28 2.07
N LEU A 728 -34.25 5.84 1.84
CA LEU A 728 -34.59 5.07 0.64
C LEU A 728 -34.41 5.87 -0.65
N ARG A 729 -34.52 7.20 -0.58
CA ARG A 729 -34.36 8.03 -1.77
C ARG A 729 -33.01 7.78 -2.45
N GLN A 730 -32.02 7.39 -1.66
CA GLN A 730 -30.69 7.11 -2.16
C GLN A 730 -30.66 5.96 -3.18
N PHE A 731 -31.67 5.09 -3.13
CA PHE A 731 -31.83 4.08 -4.17
C PHE A 731 -32.51 4.71 -5.39
N ARG A 732 -31.74 4.85 -6.47
CA ARG A 732 -32.17 5.59 -7.65
C ARG A 732 -33.15 4.82 -8.54
N LYS A 733 -33.31 3.53 -8.26
CA LYS A 733 -34.20 2.67 -9.06
C LYS A 733 -35.50 2.38 -8.33
N LEU A 734 -35.87 3.28 -7.42
CA LEU A 734 -37.05 3.09 -6.58
C LEU A 734 -38.00 4.28 -6.75
N PRO A 735 -39.17 4.03 -7.40
CA PRO A 735 -40.23 4.98 -7.79
C PRO A 735 -40.46 6.14 -6.81
N GLU A 736 -40.19 7.37 -7.25
CA GLU A 736 -40.14 8.50 -6.32
C GLU A 736 -41.45 8.82 -5.60
N GLU A 737 -42.57 8.45 -6.19
CA GLU A 737 -43.86 8.66 -5.52
C GLU A 737 -44.04 7.71 -4.34
N VAL A 738 -43.41 6.54 -4.43
CA VAL A 738 -43.42 5.56 -3.34
C VAL A 738 -42.77 6.14 -2.10
N VAL A 739 -41.57 6.71 -2.30
CA VAL A 739 -40.79 7.24 -1.20
C VAL A 739 -41.50 8.41 -0.52
N LYS A 740 -42.20 9.21 -1.33
CA LYS A 740 -42.97 10.32 -0.83
C LYS A 740 -44.09 9.79 0.05
N LYS A 741 -44.62 8.63 -0.31
CA LYS A 741 -45.72 8.06 0.45
C LYS A 741 -45.29 7.66 1.85
N ILE A 742 -44.13 7.01 1.95
CA ILE A 742 -43.61 6.57 3.24
C ILE A 742 -43.14 7.75 4.09
N GLU A 743 -42.53 8.74 3.44
CA GLU A 743 -42.11 9.96 4.12
C GLU A 743 -43.26 10.62 4.88
N LYS A 744 -44.39 10.77 4.20
CA LYS A 744 -45.55 11.47 4.76
C LYS A 744 -46.19 10.73 5.92
N LYS A 745 -45.96 9.42 5.98
CA LYS A 745 -46.26 8.66 7.19
C LYS A 745 -45.23 9.11 8.22
N ASN A 746 -45.69 9.44 9.43
CA ASN A 746 -44.78 9.81 10.52
C ASN A 746 -43.96 8.61 11.01
N PHE A 747 -43.27 7.94 10.11
CA PHE A 747 -42.68 6.64 10.41
C PHE A 747 -41.15 6.69 10.46
N PRO A 748 -40.57 6.14 11.54
CA PRO A 748 -39.11 6.03 11.69
C PRO A 748 -38.52 4.88 10.86
N PHE A 749 -37.46 5.19 10.11
CA PHE A 749 -36.86 4.25 9.17
C PHE A 749 -36.41 2.96 9.83
N GLU A 750 -35.88 3.07 11.04
CA GLU A 750 -35.37 1.93 11.79
C GLU A 750 -36.42 0.83 11.99
N ARG A 751 -37.69 1.22 12.06
CA ARG A 751 -38.78 0.28 12.32
C ARG A 751 -39.10 -0.57 11.09
N LEU A 752 -38.61 -0.16 9.92
CA LEU A 752 -38.80 -0.94 8.70
C LEU A 752 -38.13 -2.31 8.77
N TYR A 753 -37.08 -2.40 9.60
CA TYR A 753 -36.35 -3.66 9.76
C TYR A 753 -37.19 -4.75 10.42
N ASP A 754 -38.21 -4.34 11.16
CA ASP A 754 -39.01 -5.28 11.94
C ASP A 754 -40.27 -5.74 11.20
N LEU A 755 -40.52 -5.15 10.04
CA LEU A 755 -41.70 -5.50 9.24
C LEU A 755 -41.34 -6.41 8.07
N ASN A 756 -42.32 -7.18 7.62
CA ASN A 756 -42.14 -8.00 6.42
C ASN A 756 -42.88 -7.37 5.24
N HIS A 757 -42.66 -7.91 4.04
CA HIS A 757 -43.16 -7.31 2.80
C HIS A 757 -44.66 -7.06 2.80
N ASN A 758 -45.40 -7.92 3.50
CA ASN A 758 -46.85 -7.77 3.55
C ASN A 758 -47.29 -6.64 4.49
N GLU A 759 -46.60 -6.51 5.62
CA GLU A 759 -46.94 -5.49 6.61
C GLU A 759 -46.54 -4.11 6.11
N ILE A 760 -45.50 -4.08 5.28
CA ILE A 760 -44.99 -2.83 4.72
C ILE A 760 -46.03 -2.17 3.83
N GLY A 761 -46.44 -2.88 2.78
CA GLY A 761 -47.46 -2.39 1.88
C GLY A 761 -48.71 -1.97 2.62
N GLU A 762 -49.06 -2.73 3.64
CA GLU A 762 -50.23 -2.45 4.46
C GLU A 762 -50.12 -1.18 5.30
N LEU A 763 -48.97 -0.52 5.25
CA LEU A 763 -48.78 0.72 5.98
C LEU A 763 -48.53 1.88 5.02
N ILE A 764 -48.01 1.55 3.85
CA ILE A 764 -47.78 2.54 2.80
C ILE A 764 -49.07 2.70 2.00
N ARG A 765 -49.99 1.77 2.23
CA ARG A 765 -51.25 1.67 1.48
C ARG A 765 -50.93 1.43 0.01
N MET A 766 -49.96 0.55 -0.23
CA MET A 766 -49.52 0.23 -1.58
C MET A 766 -48.90 -1.16 -1.60
N PRO A 767 -49.74 -2.18 -1.82
CA PRO A 767 -49.40 -3.60 -1.63
C PRO A 767 -48.48 -4.13 -2.71
N LYS A 768 -48.37 -3.41 -3.83
CA LYS A 768 -47.55 -3.84 -4.95
C LYS A 768 -46.06 -3.76 -4.59
N MET A 769 -45.62 -2.57 -4.20
CA MET A 769 -44.22 -2.30 -3.94
C MET A 769 -43.69 -2.94 -2.65
N GLY A 770 -44.60 -3.50 -1.85
CA GLY A 770 -44.26 -4.05 -0.55
C GLY A 770 -43.09 -5.01 -0.55
N LYS A 771 -42.97 -5.82 -1.59
CA LYS A 771 -41.90 -6.82 -1.65
C LYS A 771 -40.55 -6.24 -2.06
N THR A 772 -40.56 -5.26 -2.97
CA THR A 772 -39.30 -4.71 -3.48
C THR A 772 -38.67 -3.71 -2.50
N ILE A 773 -39.49 -3.09 -1.67
CA ILE A 773 -38.98 -2.22 -0.61
C ILE A 773 -38.20 -3.04 0.40
N HIS A 774 -38.74 -4.20 0.75
CA HIS A 774 -38.06 -5.12 1.65
C HIS A 774 -36.66 -5.49 1.13
N LYS A 775 -36.51 -5.57 -0.18
CA LYS A 775 -35.22 -5.87 -0.79
C LYS A 775 -34.21 -4.78 -0.47
N TYR A 776 -34.65 -3.53 -0.65
CA TYR A 776 -33.80 -2.35 -0.50
C TYR A 776 -33.42 -2.06 0.95
N VAL A 777 -34.39 -2.18 1.85
CA VAL A 777 -34.16 -2.02 3.29
C VAL A 777 -32.96 -2.85 3.74
N HIS A 778 -32.85 -4.06 3.22
CA HIS A 778 -31.78 -4.96 3.61
C HIS A 778 -30.51 -4.81 2.77
N LEU A 779 -30.60 -3.97 1.74
CA LEU A 779 -29.42 -3.60 0.97
C LEU A 779 -28.71 -2.45 1.64
N PHE A 780 -29.46 -1.68 2.42
CA PHE A 780 -28.91 -0.52 3.12
C PHE A 780 -27.82 -0.92 4.12
N PRO A 781 -26.63 -0.32 3.98
CA PRO A 781 -25.46 -0.56 4.83
C PRO A 781 -25.75 -0.43 6.32
N LYS A 782 -25.38 -1.47 7.05
CA LYS A 782 -25.68 -1.57 8.48
C LYS A 782 -24.56 -2.37 9.13
N LEU A 783 -23.98 -1.82 10.18
CA LEU A 783 -22.90 -2.50 10.88
C LEU A 783 -23.23 -2.70 12.34
N GLU A 784 -22.83 -3.86 12.87
CA GLU A 784 -22.85 -4.07 14.31
C GLU A 784 -21.47 -3.83 14.92
N LEU A 785 -21.45 -3.18 16.08
CA LEU A 785 -20.21 -2.84 16.73
C LEU A 785 -20.13 -3.51 18.08
N SER A 786 -18.99 -4.11 18.37
CA SER A 786 -18.75 -4.69 19.67
C SER A 786 -17.44 -4.15 20.18
N VAL A 787 -17.37 -3.89 21.47
CA VAL A 787 -16.15 -3.30 22.04
C VAL A 787 -15.58 -4.16 23.16
N HIS A 788 -14.26 -4.17 23.26
CA HIS A 788 -13.58 -4.78 24.40
C HIS A 788 -12.56 -3.80 24.94
N LEU A 789 -12.44 -3.75 26.25
CA LEU A 789 -11.61 -2.76 26.90
C LEU A 789 -10.56 -3.43 27.76
N GLN A 790 -9.36 -2.86 27.77
CA GLN A 790 -8.35 -3.18 28.77
C GLN A 790 -7.48 -1.98 29.01
N PRO A 791 -7.44 -1.48 30.26
CA PRO A 791 -6.61 -0.31 30.57
C PRO A 791 -5.11 -0.64 30.51
N ILE A 792 -4.34 0.29 29.95
CA ILE A 792 -2.90 0.13 29.83
C ILE A 792 -2.18 0.88 30.94
N THR A 793 -2.36 2.19 30.95
CA THR A 793 -1.92 3.01 32.07
C THR A 793 -3.18 3.69 32.60
N ARG A 794 -3.01 4.58 33.56
CA ARG A 794 -4.13 5.35 34.09
C ARG A 794 -4.54 6.46 33.15
N SER A 795 -3.88 6.54 32.00
CA SER A 795 -4.11 7.62 31.05
C SER A 795 -4.50 7.11 29.67
N THR A 796 -4.25 5.84 29.38
CA THR A 796 -4.62 5.27 28.10
C THR A 796 -5.27 3.92 28.28
N LEU A 797 -6.27 3.62 27.45
CA LEU A 797 -6.87 2.29 27.43
C LEU A 797 -6.75 1.68 26.05
N LYS A 798 -6.57 0.36 26.01
CA LYS A 798 -6.54 -0.35 24.75
C LYS A 798 -7.97 -0.74 24.43
N VAL A 799 -8.44 -0.33 23.25
CA VAL A 799 -9.79 -0.62 22.81
C VAL A 799 -9.82 -1.57 21.63
N GLU A 800 -10.58 -2.65 21.76
CA GLU A 800 -10.72 -3.59 20.67
C GLU A 800 -12.14 -3.55 20.11
N LEU A 801 -12.26 -2.88 18.96
CA LEU A 801 -13.54 -2.72 18.27
C LEU A 801 -13.73 -3.79 17.20
N THR A 802 -14.79 -4.56 17.36
CA THR A 802 -15.15 -5.58 16.38
C THR A 802 -16.36 -5.11 15.59
N ILE A 803 -16.13 -4.71 14.34
CA ILE A 803 -17.22 -4.34 13.46
C ILE A 803 -17.72 -5.57 12.70
N THR A 804 -19.05 -5.68 12.57
CA THR A 804 -19.68 -6.83 11.94
C THR A 804 -20.77 -6.40 10.96
N PRO A 805 -20.54 -6.61 9.67
CA PRO A 805 -21.48 -6.21 8.62
C PRO A 805 -22.79 -6.97 8.73
N ASP A 806 -23.90 -6.24 8.69
CA ASP A 806 -25.23 -6.82 8.86
C ASP A 806 -26.16 -6.39 7.73
N PHE A 807 -25.79 -6.74 6.50
CA PHE A 807 -26.63 -6.46 5.34
C PHE A 807 -26.24 -7.34 4.16
N GLN A 808 -27.02 -7.25 3.08
CA GLN A 808 -26.73 -8.03 1.88
C GLN A 808 -25.97 -7.18 0.88
N TRP A 809 -24.91 -7.74 0.31
CA TRP A 809 -24.08 -7.00 -0.64
C TRP A 809 -24.57 -7.20 -2.07
N ASP A 810 -24.40 -6.16 -2.89
CA ASP A 810 -24.81 -6.17 -4.27
C ASP A 810 -23.89 -5.26 -5.07
N GLU A 811 -23.04 -5.84 -5.92
CA GLU A 811 -21.98 -5.07 -6.57
C GLU A 811 -22.50 -3.92 -7.44
N LYS A 812 -23.79 -3.92 -7.73
CA LYS A 812 -24.38 -2.84 -8.51
C LYS A 812 -24.97 -1.73 -7.64
N VAL A 813 -24.94 -1.95 -6.32
CA VAL A 813 -25.41 -0.96 -5.37
C VAL A 813 -24.28 -0.49 -4.46
N HIS A 814 -23.46 -1.44 -4.01
CA HIS A 814 -22.37 -1.11 -3.09
C HIS A 814 -21.04 -0.97 -3.79
N GLY A 815 -20.97 -1.45 -5.03
CA GLY A 815 -19.72 -1.47 -5.74
C GLY A 815 -18.83 -2.53 -5.12
N SER A 816 -17.53 -2.26 -5.08
CA SER A 816 -16.58 -3.24 -4.59
C SER A 816 -16.14 -2.99 -3.14
N SER A 817 -16.72 -1.96 -2.52
CA SER A 817 -16.35 -1.57 -1.16
C SER A 817 -17.27 -0.51 -0.60
N GLU A 818 -17.19 -0.31 0.72
CA GLU A 818 -17.92 0.75 1.40
C GLU A 818 -17.05 1.40 2.47
N ALA A 819 -16.89 2.72 2.40
CA ALA A 819 -16.05 3.43 3.35
C ALA A 819 -16.81 3.90 4.59
N PHE A 820 -16.17 3.79 5.74
CA PHE A 820 -16.69 4.29 7.00
C PHE A 820 -15.64 5.09 7.76
N TRP A 821 -16.09 5.91 8.69
CA TRP A 821 -15.21 6.62 9.60
C TRP A 821 -15.48 6.18 11.02
N ILE A 822 -14.46 5.62 11.67
CA ILE A 822 -14.58 5.28 13.07
C ILE A 822 -14.28 6.51 13.92
N LEU A 823 -15.26 6.96 14.69
CA LEU A 823 -15.12 8.18 15.47
C LEU A 823 -15.32 7.90 16.96
N VAL A 824 -14.30 8.18 17.75
CA VAL A 824 -14.42 8.00 19.20
C VAL A 824 -14.39 9.36 19.87
N GLU A 825 -15.46 9.67 20.61
CA GLU A 825 -15.69 11.02 21.15
C GLU A 825 -15.93 10.99 22.66
N ASP A 826 -15.71 12.14 23.31
CA ASP A 826 -15.97 12.32 24.75
C ASP A 826 -17.46 12.28 25.09
N VAL A 827 -17.81 12.25 26.38
CA VAL A 827 -19.21 12.22 26.82
C VAL A 827 -20.07 13.31 26.20
N ASP A 828 -19.55 14.52 26.16
CA ASP A 828 -20.28 15.66 25.64
C ASP A 828 -20.39 15.61 24.13
N SER A 829 -19.76 14.60 23.53
CA SER A 829 -19.77 14.43 22.08
C SER A 829 -19.27 15.69 21.37
N GLU A 830 -18.32 16.38 21.99
CA GLU A 830 -17.79 17.63 21.46
C GLU A 830 -16.42 17.46 20.80
N VAL A 831 -15.65 16.49 21.26
CA VAL A 831 -14.28 16.29 20.74
C VAL A 831 -14.08 14.91 20.13
N ILE A 832 -13.42 14.85 18.98
CA ILE A 832 -13.01 13.57 18.44
C ILE A 832 -11.68 13.20 19.09
N LEU A 833 -11.71 12.18 19.93
CA LEU A 833 -10.53 11.76 20.69
C LEU A 833 -9.59 10.93 19.84
N HIS A 834 -10.15 10.15 18.92
CA HIS A 834 -9.39 9.35 17.98
C HIS A 834 -10.27 9.15 16.78
N HIS A 835 -9.67 8.90 15.63
CA HIS A 835 -10.44 8.60 14.45
C HIS A 835 -9.64 7.92 13.38
N GLU A 836 -10.32 7.03 12.68
CA GLU A 836 -9.69 6.39 11.54
C GLU A 836 -10.69 5.92 10.50
N TYR A 837 -10.16 5.58 9.34
CA TYR A 837 -10.94 5.29 8.16
C TYR A 837 -10.96 3.78 7.99
N PHE A 838 -12.15 3.20 8.00
CA PHE A 838 -12.31 1.77 7.85
C PHE A 838 -12.92 1.46 6.50
N LEU A 839 -12.38 0.47 5.80
CA LEU A 839 -12.79 0.16 4.44
C LEU A 839 -13.24 -1.29 4.34
N LEU A 840 -14.53 -1.48 4.07
CA LEU A 840 -15.10 -2.82 3.97
C LEU A 840 -15.04 -3.32 2.53
N LYS A 841 -14.05 -4.14 2.22
CA LYS A 841 -13.91 -4.66 0.86
C LYS A 841 -14.96 -5.72 0.62
N ALA A 842 -15.47 -5.78 -0.61
CA ALA A 842 -16.54 -6.70 -0.97
C ALA A 842 -16.20 -8.15 -0.67
N LYS A 843 -15.01 -8.58 -1.08
CA LYS A 843 -14.59 -9.98 -0.92
C LYS A 843 -14.72 -10.45 0.52
N TYR A 844 -14.55 -9.54 1.47
CA TYR A 844 -14.58 -9.89 2.88
C TYR A 844 -15.74 -9.25 3.63
N ALA A 845 -16.84 -9.01 2.92
CA ALA A 845 -18.07 -8.65 3.58
C ALA A 845 -18.53 -9.90 4.34
N GLN A 846 -19.37 -9.71 5.36
CA GLN A 846 -19.85 -10.81 6.19
C GLN A 846 -18.68 -11.51 6.90
N ASP A 847 -17.53 -10.83 6.96
CA ASP A 847 -16.33 -11.35 7.63
C ASP A 847 -15.98 -10.47 8.84
N GLU A 848 -15.48 -11.09 9.89
CA GLU A 848 -15.18 -10.36 11.13
C GLU A 848 -14.02 -9.39 10.95
N HIS A 849 -14.20 -8.17 11.46
CA HIS A 849 -13.19 -7.15 11.37
C HIS A 849 -12.86 -6.59 12.75
N LEU A 850 -11.60 -6.69 13.14
CA LEU A 850 -11.19 -6.26 14.47
C LEU A 850 -10.22 -5.08 14.40
N ILE A 851 -10.62 -3.98 15.01
CA ILE A 851 -9.87 -2.73 14.96
C ILE A 851 -9.33 -2.36 16.33
N THR A 852 -8.04 -2.12 16.43
CA THR A 852 -7.44 -1.85 17.72
C THR A 852 -6.93 -0.43 17.74
N PHE A 853 -6.98 0.20 18.90
CA PHE A 853 -6.47 1.55 19.07
C PHE A 853 -6.54 1.99 20.50
N PHE A 854 -5.75 3.00 20.82
CA PHE A 854 -5.69 3.50 22.19
C PHE A 854 -6.38 4.85 22.29
N VAL A 855 -6.89 5.13 23.48
CA VAL A 855 -7.61 6.36 23.74
C VAL A 855 -7.19 6.92 25.08
N PRO A 856 -7.13 8.26 25.17
CA PRO A 856 -6.75 8.91 26.42
C PRO A 856 -7.90 9.05 27.41
N VAL A 857 -7.59 8.89 28.69
CA VAL A 857 -8.57 9.10 29.76
C VAL A 857 -7.98 10.04 30.80
N PHE A 858 -8.87 10.77 31.48
CA PHE A 858 -8.44 11.88 32.33
C PHE A 858 -8.89 11.72 33.79
N GLU A 859 -8.20 12.42 34.70
CA GLU A 859 -8.19 12.12 36.13
C GLU A 859 -9.52 11.63 36.75
N PRO A 860 -10.60 12.44 36.67
CA PRO A 860 -11.87 11.85 37.11
C PRO A 860 -12.71 11.38 35.90
N LEU A 861 -12.76 10.07 35.69
CA LEU A 861 -13.40 9.53 34.49
C LEU A 861 -14.87 9.88 34.36
N PRO A 862 -15.31 10.09 33.11
CA PRO A 862 -16.72 10.25 32.76
C PRO A 862 -17.37 8.87 32.65
N PRO A 863 -18.71 8.82 32.61
CA PRO A 863 -19.46 7.56 32.50
C PRO A 863 -19.09 6.76 31.26
N GLN A 864 -19.06 7.41 30.10
CA GLN A 864 -18.83 6.73 28.84
C GLN A 864 -18.00 7.57 27.89
N TYR A 865 -17.50 6.90 26.85
CA TYR A 865 -17.13 7.57 25.61
C TYR A 865 -18.11 7.03 24.57
N PHE A 866 -18.03 7.54 23.34
CA PHE A 866 -18.86 7.01 22.27
C PHE A 866 -18.00 6.65 21.08
N ILE A 867 -18.24 5.46 20.53
CA ILE A 867 -17.65 5.10 19.26
C ILE A 867 -18.77 5.17 18.24
N ARG A 868 -18.57 5.99 17.21
CA ARG A 868 -19.57 6.14 16.17
C ARG A 868 -18.94 5.72 14.85
N VAL A 869 -19.62 4.85 14.13
CA VAL A 869 -19.11 4.38 12.84
C VAL A 869 -20.03 4.86 11.74
N VAL A 870 -19.52 5.77 10.93
CA VAL A 870 -20.34 6.53 9.99
C VAL A 870 -19.94 6.28 8.55
N SER A 871 -20.92 6.03 7.68
CA SER A 871 -20.65 5.87 6.27
C SER A 871 -20.05 7.13 5.70
N ASP A 872 -19.23 6.95 4.68
CA ASP A 872 -18.53 8.06 4.07
C ASP A 872 -19.39 8.60 2.92
N ARG A 873 -20.42 7.83 2.56
CA ARG A 873 -21.20 8.12 1.38
C ARG A 873 -22.69 8.06 1.61
N TRP A 874 -23.12 7.16 2.48
CA TRP A 874 -24.56 6.96 2.72
C TRP A 874 -25.13 7.90 3.79
N LEU A 875 -26.22 8.59 3.43
CA LEU A 875 -26.90 9.50 4.34
C LEU A 875 -27.70 8.72 5.35
N SER A 876 -27.73 9.21 6.59
CA SER A 876 -28.42 8.51 7.66
C SER A 876 -27.97 7.06 7.72
N CYS A 877 -26.66 6.85 7.75
CA CYS A 877 -26.10 5.50 7.84
C CYS A 877 -24.97 5.45 8.84
N GLU A 878 -25.31 5.28 10.11
CA GLU A 878 -24.29 5.14 11.13
C GLU A 878 -24.71 4.21 12.25
N THR A 879 -23.77 3.90 13.13
CA THR A 879 -24.00 3.01 14.26
C THR A 879 -23.23 3.57 15.46
N GLN A 880 -23.89 3.70 16.59
CA GLN A 880 -23.24 4.25 17.77
C GLN A 880 -23.15 3.21 18.87
N LEU A 881 -22.10 3.31 19.68
CA LEU A 881 -21.89 2.37 20.77
C LEU A 881 -21.25 3.05 21.97
N PRO A 882 -22.01 3.20 23.05
CA PRO A 882 -21.43 3.75 24.27
C PRO A 882 -20.40 2.80 24.85
N VAL A 883 -19.23 3.34 25.19
CA VAL A 883 -18.21 2.56 25.87
C VAL A 883 -18.27 2.90 27.35
N SER A 884 -18.89 2.02 28.14
CA SER A 884 -19.13 2.35 29.53
C SER A 884 -17.87 2.23 30.36
N PHE A 885 -17.71 3.15 31.30
CA PHE A 885 -16.56 3.14 32.19
C PHE A 885 -16.98 2.77 33.60
N ARG A 886 -18.25 2.42 33.76
CA ARG A 886 -18.83 2.20 35.09
C ARG A 886 -18.13 1.15 35.94
N HIS A 887 -17.58 0.10 35.31
CA HIS A 887 -16.88 -0.96 36.04
C HIS A 887 -15.37 -0.93 35.81
N LEU A 888 -14.89 0.19 35.28
CA LEU A 888 -13.49 0.31 34.92
C LEU A 888 -12.63 0.57 36.15
N ILE A 889 -11.76 -0.37 36.49
CA ILE A 889 -10.72 -0.13 37.49
C ILE A 889 -9.42 0.26 36.80
N LEU A 890 -8.98 1.49 37.00
CA LEU A 890 -7.69 1.91 36.48
C LEU A 890 -6.56 1.19 37.22
N PRO A 891 -5.44 0.95 36.54
CA PRO A 891 -4.30 0.31 37.18
C PRO A 891 -3.69 1.24 38.23
N GLU A 892 -2.91 0.70 39.16
CA GLU A 892 -2.30 1.53 40.20
C GLU A 892 -1.27 2.45 39.58
N LYS A 893 -1.10 3.63 40.19
CA LYS A 893 -0.05 4.56 39.80
C LYS A 893 1.32 3.87 39.86
N TYR A 894 2.09 3.98 38.80
CA TYR A 894 3.45 3.44 38.83
C TYR A 894 4.40 4.42 39.53
N PRO A 895 5.39 3.88 40.24
CA PRO A 895 6.40 4.68 40.94
C PRO A 895 7.30 5.46 39.98
N PRO A 896 7.89 6.58 40.45
CA PRO A 896 8.83 7.40 39.68
C PRO A 896 10.04 6.59 39.21
N PRO A 897 10.82 7.14 38.25
CA PRO A 897 11.98 6.39 37.82
C PRO A 897 13.08 6.54 38.85
N THR A 898 14.00 5.59 38.91
CA THR A 898 15.16 5.74 39.79
C THR A 898 15.96 6.93 39.28
N GLU A 899 16.32 7.82 40.20
CA GLU A 899 16.96 9.08 39.84
C GLU A 899 18.36 8.82 39.29
N LEU A 900 18.77 9.65 38.33
CA LEU A 900 20.10 9.55 37.77
C LEU A 900 21.06 10.45 38.55
N LEU A 901 21.91 9.83 39.37
CA LEU A 901 22.90 10.56 40.16
C LEU A 901 24.02 11.08 39.24
N ASP A 902 24.31 12.37 39.33
CA ASP A 902 25.32 12.99 38.48
C ASP A 902 26.74 12.76 39.01
N LEU A 903 26.99 11.55 39.48
CA LEU A 903 28.32 11.10 39.89
C LEU A 903 29.36 11.45 38.83
N GLN A 904 30.60 11.64 39.26
CA GLN A 904 31.67 11.83 38.29
C GLN A 904 31.98 10.50 37.61
N PRO A 905 32.18 10.53 36.28
CA PRO A 905 32.39 9.36 35.41
C PRO A 905 33.44 8.38 35.94
N LEU A 906 33.14 7.09 35.84
CA LEU A 906 33.98 6.06 36.43
C LEU A 906 34.98 5.46 35.43
N PRO A 907 36.28 5.66 35.68
CA PRO A 907 37.33 5.12 34.81
C PRO A 907 37.50 3.61 34.92
N VAL A 908 37.98 3.00 33.85
CA VAL A 908 38.16 1.55 33.76
C VAL A 908 39.04 0.98 34.88
N SER A 909 39.74 1.86 35.61
CA SER A 909 40.64 1.45 36.68
C SER A 909 39.92 0.90 37.94
N ALA A 910 38.62 1.17 38.07
CA ALA A 910 37.85 0.64 39.18
C ALA A 910 37.73 -0.88 39.10
N LEU A 911 37.72 -1.37 37.87
CA LEU A 911 37.89 -2.77 37.58
C LEU A 911 39.38 -3.01 37.81
N ARG A 912 39.73 -3.91 38.72
CA ARG A 912 41.14 -4.09 39.06
C ARG A 912 41.88 -4.96 38.04
N ASN A 913 41.59 -6.26 38.07
CA ASN A 913 42.13 -7.26 37.15
C ASN A 913 42.57 -6.74 35.79
N SER A 914 43.84 -6.94 35.45
CA SER A 914 44.42 -6.47 34.20
C SER A 914 43.98 -7.27 32.97
N ALA A 915 43.65 -8.54 33.19
CA ALA A 915 43.16 -9.38 32.11
C ALA A 915 41.75 -8.95 31.77
N PHE A 916 41.09 -8.36 32.76
CA PHE A 916 39.75 -7.81 32.59
C PHE A 916 39.80 -6.48 31.85
N GLU A 917 40.50 -5.51 32.43
CA GLU A 917 40.54 -4.15 31.89
C GLU A 917 40.88 -4.12 30.41
N SER A 918 41.77 -5.02 30.01
CA SER A 918 42.25 -5.10 28.62
C SER A 918 41.15 -5.09 27.56
N LEU A 919 40.10 -5.88 27.77
CA LEU A 919 39.04 -5.93 26.78
C LEU A 919 38.11 -4.72 26.82
N TYR A 920 38.51 -3.68 27.54
CA TYR A 920 37.72 -2.45 27.62
C TYR A 920 38.52 -1.19 27.33
N GLN A 921 39.73 -1.11 27.86
CA GLN A 921 40.56 0.09 27.77
C GLN A 921 40.74 0.59 26.34
N ASP A 922 40.82 -0.32 25.38
CA ASP A 922 41.08 0.03 23.99
C ASP A 922 39.86 0.67 23.33
N LYS A 923 38.73 0.63 24.05
CA LYS A 923 37.45 1.06 23.49
C LYS A 923 37.06 2.47 23.93
N PHE A 924 36.68 2.63 25.19
CA PHE A 924 36.24 3.93 25.70
C PHE A 924 36.96 4.31 26.99
N PRO A 925 37.13 5.62 27.23
CA PRO A 925 37.88 6.11 28.40
C PRO A 925 37.17 5.89 29.74
N PHE A 926 35.90 6.27 29.83
CA PHE A 926 35.14 6.19 31.09
C PHE A 926 33.80 5.48 30.90
N PHE A 927 33.16 5.10 32.00
CA PHE A 927 31.83 4.48 31.96
C PHE A 927 30.72 5.53 31.93
N ASN A 928 29.66 5.27 31.16
CA ASN A 928 28.52 6.18 31.12
C ASN A 928 27.84 6.30 32.49
N PRO A 929 27.04 7.37 32.71
CA PRO A 929 26.44 7.59 34.03
C PRO A 929 25.60 6.41 34.53
N ILE A 930 25.15 5.57 33.62
CA ILE A 930 24.34 4.41 33.96
C ILE A 930 25.19 3.27 34.50
N GLN A 931 26.29 2.98 33.82
CA GLN A 931 27.18 1.91 34.25
C GLN A 931 27.91 2.24 35.55
N THR A 932 28.23 3.51 35.76
CA THR A 932 28.92 3.93 36.98
C THR A 932 28.01 3.71 38.18
N GLN A 933 26.80 4.24 38.07
CA GLN A 933 25.81 4.14 39.12
C GLN A 933 25.50 2.67 39.43
N VAL A 934 25.52 1.85 38.39
CA VAL A 934 25.16 0.44 38.51
C VAL A 934 26.29 -0.45 39.05
N PHE A 935 27.50 -0.19 38.54
CA PHE A 935 28.74 -0.93 38.85
C PHE A 935 28.78 -1.55 40.23
N ASN A 936 28.87 -0.68 41.23
CA ASN A 936 29.06 -1.06 42.63
C ASN A 936 28.28 -2.30 43.00
N THR A 937 27.00 -2.31 42.64
CA THR A 937 26.07 -3.35 43.03
C THR A 937 26.26 -4.66 42.27
N VAL A 938 26.75 -4.59 41.05
CA VAL A 938 26.75 -5.78 40.22
C VAL A 938 28.11 -6.53 40.21
N TYR A 939 29.21 -5.77 40.23
CA TYR A 939 30.56 -6.35 40.21
C TYR A 939 31.08 -6.65 41.63
N ASN A 940 30.54 -5.94 42.63
CA ASN A 940 30.94 -6.15 44.02
C ASN A 940 30.00 -7.05 44.83
N SER A 941 28.70 -6.94 44.61
CA SER A 941 27.73 -7.77 45.33
C SER A 941 27.49 -9.10 44.61
N ASP A 942 27.09 -10.11 45.38
CA ASP A 942 26.78 -11.41 44.81
C ASP A 942 25.27 -11.62 44.77
N ASP A 943 24.53 -10.51 44.83
CA ASP A 943 23.07 -10.60 44.88
C ASP A 943 22.36 -10.21 43.58
N ASN A 944 21.04 -10.32 43.59
CA ASN A 944 20.20 -10.07 42.42
C ASN A 944 20.03 -8.60 42.11
N VAL A 945 19.97 -8.27 40.82
CA VAL A 945 19.91 -6.88 40.39
C VAL A 945 19.14 -6.69 39.07
N PHE A 946 18.35 -5.62 39.00
CA PHE A 946 17.59 -5.27 37.80
C PHE A 946 18.06 -3.94 37.22
N VAL A 947 18.34 -3.92 35.93
CA VAL A 947 18.74 -2.68 35.26
C VAL A 947 17.77 -2.30 34.14
N GLY A 948 17.15 -1.13 34.28
CA GLY A 948 16.20 -0.64 33.30
C GLY A 948 16.60 0.67 32.68
N ALA A 949 17.17 0.59 31.49
CA ALA A 949 17.62 1.77 30.76
C ALA A 949 17.17 1.61 29.31
N PRO A 950 17.09 2.72 28.57
CA PRO A 950 16.69 2.63 27.15
C PRO A 950 17.70 1.83 26.35
N THR A 951 17.28 1.22 25.24
CA THR A 951 18.24 0.52 24.41
C THR A 951 19.24 1.57 23.93
N GLY A 952 20.51 1.18 23.82
CA GLY A 952 21.59 2.09 23.44
C GLY A 952 22.35 2.66 24.64
N SER A 953 22.06 2.11 25.82
CA SER A 953 22.59 2.67 27.06
C SER A 953 23.81 1.93 27.60
N GLY A 954 24.03 0.71 27.12
CA GLY A 954 25.19 -0.05 27.55
C GLY A 954 24.94 -1.06 28.67
N LYS A 955 23.75 -1.66 28.68
CA LYS A 955 23.39 -2.63 29.69
C LYS A 955 24.11 -3.97 29.50
N THR A 956 24.58 -4.23 28.28
CA THR A 956 25.25 -5.49 27.98
C THR A 956 26.45 -5.70 28.90
N ILE A 957 27.30 -4.69 29.02
CA ILE A 957 28.47 -4.80 29.88
C ILE A 957 28.10 -4.74 31.36
N CYS A 958 26.95 -4.16 31.68
CA CYS A 958 26.44 -4.24 33.03
C CYS A 958 26.26 -5.70 33.40
N ALA A 959 25.77 -6.48 32.44
CA ALA A 959 25.61 -7.91 32.64
C ALA A 959 26.99 -8.54 32.75
N GLU A 960 27.91 -8.05 31.92
CA GLU A 960 29.26 -8.58 31.91
C GLU A 960 29.97 -8.39 33.24
N PHE A 961 29.68 -7.29 33.93
CA PHE A 961 30.17 -7.08 35.30
C PHE A 961 29.90 -8.33 36.12
N ALA A 962 28.63 -8.74 36.15
CA ALA A 962 28.22 -9.91 36.91
C ALA A 962 28.98 -11.16 36.51
N ILE A 963 29.38 -11.24 35.25
CA ILE A 963 30.07 -12.42 34.75
C ILE A 963 31.52 -12.45 35.21
N LEU A 964 32.18 -11.30 35.17
CA LEU A 964 33.55 -11.18 35.61
C LEU A 964 33.68 -11.60 37.07
N ARG A 965 32.73 -11.16 37.88
CA ARG A 965 32.68 -11.51 39.29
C ARG A 965 32.59 -13.02 39.50
N MET A 966 31.78 -13.69 38.67
CA MET A 966 31.68 -15.15 38.76
C MET A 966 33.00 -15.86 38.49
N LEU A 967 33.73 -15.39 37.48
CA LEU A 967 35.03 -15.94 37.10
C LEU A 967 36.08 -15.63 38.17
N LEU A 968 35.89 -14.49 38.81
CA LEU A 968 36.75 -14.03 39.89
C LEU A 968 36.51 -14.87 41.15
N GLN A 969 35.25 -15.17 41.42
CA GLN A 969 34.88 -15.87 42.65
C GLN A 969 34.92 -17.40 42.52
N SER A 970 34.89 -17.91 41.29
CA SER A 970 34.84 -19.35 41.10
C SER A 970 35.67 -19.76 39.89
N SER A 971 36.39 -20.87 40.01
CA SER A 971 37.31 -21.33 38.98
C SER A 971 36.60 -21.62 37.67
N GLU A 972 35.75 -22.65 37.70
CA GLU A 972 34.97 -23.03 36.54
C GLU A 972 33.48 -22.82 36.83
N GLY A 973 33.14 -21.63 37.32
CA GLY A 973 31.75 -21.27 37.57
C GLY A 973 30.97 -21.22 36.28
N ARG A 974 29.65 -21.39 36.37
CA ARG A 974 28.85 -21.38 35.15
C ARG A 974 27.67 -20.41 35.20
N CYS A 975 27.61 -19.55 34.18
CA CYS A 975 26.55 -18.57 34.07
C CYS A 975 25.66 -18.85 32.88
N VAL A 976 24.36 -18.69 33.06
CA VAL A 976 23.41 -18.85 31.97
C VAL A 976 22.90 -17.49 31.52
N TYR A 977 22.97 -17.22 30.22
CA TYR A 977 22.50 -15.96 29.66
C TYR A 977 21.40 -16.22 28.63
N ILE A 978 20.27 -15.55 28.81
CA ILE A 978 19.11 -15.73 27.93
C ILE A 978 18.70 -14.43 27.26
N THR A 979 18.75 -14.41 25.92
CA THR A 979 18.17 -13.34 25.14
C THR A 979 16.94 -13.89 24.44
N PRO A 980 15.88 -13.07 24.36
CA PRO A 980 14.60 -13.45 23.76
C PRO A 980 14.69 -13.73 22.25
N MET A 981 15.72 -13.22 21.60
CA MET A 981 15.82 -13.40 20.16
C MET A 981 17.04 -14.25 19.79
N GLU A 982 16.88 -15.11 18.79
CA GLU A 982 17.96 -15.98 18.36
C GLU A 982 19.07 -15.18 17.71
N ALA A 983 18.67 -14.23 16.87
CA ALA A 983 19.63 -13.34 16.21
C ALA A 983 20.38 -12.47 17.21
N LEU A 984 19.81 -12.29 18.40
CA LEU A 984 20.50 -11.60 19.48
C LEU A 984 21.43 -12.54 20.19
N ALA A 985 21.00 -13.80 20.31
CA ALA A 985 21.81 -14.81 20.96
C ALA A 985 23.12 -14.94 20.20
N GLU A 986 23.02 -15.02 18.88
CA GLU A 986 24.18 -15.19 18.02
C GLU A 986 25.06 -13.95 17.97
N GLN A 987 24.52 -12.82 18.38
CA GLN A 987 25.25 -11.55 18.36
C GLN A 987 26.17 -11.48 19.57
N VAL A 988 25.63 -11.85 20.72
CA VAL A 988 26.37 -11.82 21.98
C VAL A 988 27.44 -12.91 22.01
N TYR A 989 27.10 -14.08 21.48
CA TYR A 989 28.03 -15.19 21.41
C TYR A 989 29.27 -14.78 20.61
N MET A 990 29.07 -14.01 19.55
CA MET A 990 30.21 -13.49 18.81
C MET A 990 31.01 -12.51 19.67
N ASP A 991 30.31 -11.62 20.37
CA ASP A 991 30.99 -10.66 21.24
C ASP A 991 31.69 -11.36 22.39
N TRP A 992 31.02 -12.34 22.99
CA TRP A 992 31.51 -12.95 24.22
C TRP A 992 32.52 -14.09 24.04
N TYR A 993 32.45 -14.81 22.92
CA TYR A 993 33.39 -15.90 22.65
C TYR A 993 34.80 -15.34 22.52
N GLU A 994 34.96 -14.32 21.68
CA GLU A 994 36.26 -13.69 21.47
C GLU A 994 36.61 -12.79 22.65
N LYS A 995 35.74 -12.77 23.65
CA LYS A 995 35.98 -11.95 24.83
C LYS A 995 36.33 -12.86 25.98
N PHE A 996 35.63 -13.98 26.08
CA PHE A 996 35.75 -14.85 27.24
C PHE A 996 36.47 -16.18 26.97
N GLN A 997 36.47 -16.66 25.72
CA GLN A 997 37.19 -17.89 25.41
C GLN A 997 38.54 -17.61 24.74
N ASP A 998 38.67 -16.43 24.14
CA ASP A 998 39.94 -16.05 23.54
C ASP A 998 40.78 -15.17 24.48
N ARG A 999 40.20 -14.07 24.93
CA ARG A 999 40.90 -13.16 25.83
C ARG A 999 41.09 -13.77 27.21
N LEU A 1000 40.05 -14.45 27.70
CA LEU A 1000 40.06 -14.97 29.07
C LEU A 1000 40.16 -16.49 29.16
N ASN A 1001 40.12 -17.16 28.01
CA ASN A 1001 40.30 -18.62 27.92
C ASN A 1001 39.33 -19.45 28.78
N LYS A 1002 38.06 -19.11 28.67
CA LYS A 1002 37.00 -19.85 29.32
C LYS A 1002 35.95 -20.21 28.27
N LYS A 1003 35.60 -21.49 28.19
CA LYS A 1003 34.66 -21.96 27.18
C LYS A 1003 33.34 -21.18 27.17
N VAL A 1004 32.93 -20.73 26.00
CA VAL A 1004 31.65 -20.04 25.82
C VAL A 1004 30.83 -20.81 24.78
N VAL A 1005 29.61 -21.18 25.15
CA VAL A 1005 28.77 -22.01 24.29
C VAL A 1005 27.43 -21.37 23.90
N LEU A 1006 26.81 -21.92 22.86
CA LEU A 1006 25.53 -21.46 22.36
C LEU A 1006 24.61 -22.64 22.08
N LEU A 1007 23.50 -22.72 22.79
CA LEU A 1007 22.62 -23.88 22.67
C LEU A 1007 21.96 -23.96 21.30
N THR A 1008 21.48 -25.15 20.94
CA THR A 1008 20.81 -25.36 19.66
C THR A 1008 19.47 -26.08 19.85
N GLY A 1009 18.89 -26.56 18.76
CA GLY A 1009 17.62 -27.27 18.83
C GLY A 1009 17.72 -28.61 19.55
N GLU A 1010 18.69 -29.41 19.13
CA GLU A 1010 18.84 -30.80 19.60
C GLU A 1010 19.23 -30.93 21.07
N THR A 1011 18.53 -31.83 21.76
CA THR A 1011 18.64 -31.96 23.22
C THR A 1011 19.95 -32.58 23.70
N SER A 1012 20.33 -33.71 23.11
CA SER A 1012 21.51 -34.45 23.55
C SER A 1012 22.79 -33.63 23.45
N THR A 1013 23.04 -33.07 22.27
CA THR A 1013 24.24 -32.27 22.05
C THR A 1013 24.26 -31.00 22.90
N ASP A 1014 23.06 -30.50 23.22
CA ASP A 1014 22.93 -29.31 24.07
C ASP A 1014 23.28 -29.60 25.52
N LEU A 1015 22.84 -30.75 26.02
CA LEU A 1015 23.19 -31.21 27.35
C LEU A 1015 24.71 -31.15 27.52
N LYS A 1016 25.43 -31.59 26.49
CA LYS A 1016 26.88 -31.65 26.56
C LYS A 1016 27.48 -30.26 26.68
N LEU A 1017 26.91 -29.30 25.94
CA LEU A 1017 27.41 -27.92 25.94
C LEU A 1017 27.20 -27.27 27.30
N LEU A 1018 26.04 -27.53 27.90
CA LEU A 1018 25.75 -27.03 29.24
C LEU A 1018 26.83 -27.51 30.21
N GLY A 1019 27.31 -28.72 29.98
CA GLY A 1019 28.36 -29.29 30.81
C GLY A 1019 29.70 -28.60 30.72
N LYS A 1020 30.23 -28.43 29.52
CA LYS A 1020 31.58 -27.89 29.35
C LYS A 1020 31.64 -26.37 29.31
N GLY A 1021 30.49 -25.71 29.56
CA GLY A 1021 30.41 -24.27 29.43
C GLY A 1021 30.56 -23.47 30.70
N ASN A 1022 31.41 -22.44 30.64
CA ASN A 1022 31.47 -21.41 31.67
C ASN A 1022 30.35 -20.40 31.44
N ILE A 1023 30.15 -20.03 30.17
CA ILE A 1023 29.12 -19.07 29.79
C ILE A 1023 28.15 -19.73 28.81
N ILE A 1024 26.88 -19.81 29.19
CA ILE A 1024 25.87 -20.44 28.34
C ILE A 1024 24.93 -19.41 27.76
N ILE A 1025 24.68 -19.51 26.45
CA ILE A 1025 23.85 -18.57 25.73
C ILE A 1025 22.70 -19.35 25.13
N SER A 1026 21.49 -18.82 25.25
CA SER A 1026 20.31 -19.49 24.73
C SER A 1026 19.12 -18.55 24.57
N THR A 1027 18.25 -18.86 23.62
CA THR A 1027 16.92 -18.28 23.58
C THR A 1027 16.08 -18.98 24.66
N PRO A 1028 14.98 -18.36 25.09
CA PRO A 1028 14.19 -18.98 26.15
C PRO A 1028 13.66 -20.37 25.82
N GLU A 1029 13.19 -20.59 24.59
CA GLU A 1029 12.64 -21.88 24.20
C GLU A 1029 13.66 -23.01 24.35
N LYS A 1030 14.88 -22.78 23.89
CA LYS A 1030 15.94 -23.79 23.98
C LYS A 1030 16.24 -24.14 25.43
N TRP A 1031 16.24 -23.13 26.30
CA TRP A 1031 16.61 -23.34 27.69
C TRP A 1031 15.46 -23.98 28.45
N ASP A 1032 14.25 -23.82 27.93
CA ASP A 1032 13.06 -24.35 28.58
C ASP A 1032 13.07 -25.86 28.56
N ILE A 1033 13.30 -26.43 27.38
CA ILE A 1033 13.30 -27.89 27.20
C ILE A 1033 14.42 -28.61 27.97
N LEU A 1034 15.47 -27.88 28.34
CA LEU A 1034 16.50 -28.44 29.20
C LEU A 1034 16.05 -28.41 30.66
N SER A 1035 15.74 -27.20 31.14
CA SER A 1035 15.44 -26.98 32.55
C SER A 1035 14.08 -27.56 32.96
N ARG A 1036 13.33 -28.07 31.98
CA ARG A 1036 12.05 -28.71 32.28
C ARG A 1036 12.24 -29.96 33.14
N ARG A 1037 13.40 -30.58 33.00
CA ARG A 1037 13.70 -31.80 33.76
C ARG A 1037 14.82 -31.54 34.76
N TRP A 1038 14.88 -30.31 35.28
CA TRP A 1038 15.92 -29.85 36.21
C TRP A 1038 16.18 -30.79 37.38
N LYS A 1039 15.19 -31.61 37.72
CA LYS A 1039 15.38 -32.64 38.73
C LYS A 1039 16.41 -33.64 38.23
N GLN A 1040 16.17 -34.17 37.04
CA GLN A 1040 17.01 -35.19 36.43
C GLN A 1040 18.35 -34.65 35.91
N ARG A 1041 18.48 -33.34 35.76
CA ARG A 1041 19.72 -32.74 35.28
C ARG A 1041 20.40 -31.88 36.35
N LYS A 1042 21.58 -32.30 36.78
CA LYS A 1042 22.30 -31.60 37.83
C LYS A 1042 22.87 -30.25 37.37
N ASN A 1043 23.34 -30.19 36.13
CA ASN A 1043 23.99 -28.99 35.61
C ASN A 1043 23.10 -27.76 35.61
N VAL A 1044 21.79 -27.98 35.58
CA VAL A 1044 20.82 -26.88 35.64
C VAL A 1044 20.77 -26.34 37.06
N GLN A 1045 20.76 -27.25 38.02
CA GLN A 1045 20.72 -26.88 39.43
C GLN A 1045 21.93 -26.07 39.88
N ASN A 1046 23.13 -26.56 39.61
CA ASN A 1046 24.31 -25.81 40.02
C ASN A 1046 24.84 -24.82 38.99
N ILE A 1047 24.05 -23.79 38.71
CA ILE A 1047 24.55 -22.64 37.96
C ILE A 1047 24.69 -21.44 38.90
N ASN A 1048 25.84 -20.77 38.83
CA ASN A 1048 26.14 -19.66 39.72
C ASN A 1048 25.30 -18.44 39.42
N LEU A 1049 25.19 -18.16 38.11
CA LEU A 1049 24.69 -16.88 37.62
C LEU A 1049 23.68 -17.08 36.52
N PHE A 1050 22.63 -16.27 36.52
CA PHE A 1050 21.56 -16.35 35.54
C PHE A 1050 21.21 -14.94 35.08
N VAL A 1051 21.55 -14.61 33.83
CA VAL A 1051 21.26 -13.30 33.27
C VAL A 1051 20.09 -13.30 32.28
N VAL A 1052 19.09 -12.46 32.55
CA VAL A 1052 17.98 -12.29 31.62
C VAL A 1052 18.01 -10.93 30.95
N ASP A 1053 18.20 -10.93 29.64
CA ASP A 1053 18.27 -9.69 28.88
C ASP A 1053 16.96 -9.39 28.16
N GLU A 1054 16.64 -8.10 28.08
CA GLU A 1054 15.42 -7.62 27.44
C GLU A 1054 14.18 -8.21 28.12
N VAL A 1055 14.10 -8.15 29.45
CA VAL A 1055 12.99 -8.81 30.13
C VAL A 1055 11.66 -8.12 29.87
N HIS A 1056 11.67 -6.94 29.28
CA HIS A 1056 10.41 -6.25 28.93
C HIS A 1056 9.69 -7.04 27.86
N LEU A 1057 10.43 -7.81 27.07
CA LEU A 1057 9.83 -8.68 26.05
C LEU A 1057 8.86 -9.71 26.66
N ILE A 1058 8.81 -9.74 27.99
CA ILE A 1058 7.92 -10.63 28.72
C ILE A 1058 6.47 -10.34 28.31
N GLY A 1059 6.20 -9.08 27.96
CA GLY A 1059 4.87 -8.67 27.56
C GLY A 1059 4.58 -8.83 26.08
N GLY A 1060 5.48 -9.49 25.35
CA GLY A 1060 5.29 -9.68 23.93
C GLY A 1060 4.86 -11.07 23.56
N GLU A 1061 4.65 -11.30 22.26
CA GLU A 1061 4.40 -12.64 21.75
C GLU A 1061 5.59 -13.49 22.17
N ASN A 1062 5.32 -14.75 22.52
CA ASN A 1062 6.35 -15.64 23.05
C ASN A 1062 6.96 -15.17 24.36
N GLY A 1063 6.36 -14.12 24.93
CA GLY A 1063 6.66 -13.68 26.27
C GLY A 1063 6.45 -14.74 27.35
N PRO A 1064 5.34 -15.50 27.29
CA PRO A 1064 5.11 -16.59 28.25
C PRO A 1064 6.33 -17.46 28.55
N VAL A 1065 6.94 -18.06 27.54
CA VAL A 1065 8.05 -19.00 27.78
C VAL A 1065 9.19 -18.34 28.58
N LEU A 1066 9.46 -17.07 28.30
CA LEU A 1066 10.46 -16.31 29.04
C LEU A 1066 10.09 -16.23 30.51
N GLU A 1067 8.83 -15.95 30.78
CA GLU A 1067 8.34 -15.75 32.15
C GLU A 1067 8.37 -17.05 32.92
N VAL A 1068 8.11 -18.15 32.22
CA VAL A 1068 8.07 -19.47 32.83
C VAL A 1068 9.47 -19.93 33.28
N ILE A 1069 10.46 -19.75 32.42
CA ILE A 1069 11.82 -20.13 32.77
C ILE A 1069 12.40 -19.23 33.86
N CYS A 1070 12.04 -17.95 33.84
CA CYS A 1070 12.59 -17.02 34.82
C CYS A 1070 11.99 -17.30 36.18
N SER A 1071 10.79 -17.85 36.18
CA SER A 1071 10.13 -18.24 37.42
C SER A 1071 10.69 -19.56 37.92
N ARG A 1072 10.94 -20.46 36.99
CA ARG A 1072 11.59 -21.74 37.31
C ARG A 1072 12.96 -21.57 37.97
N MET A 1073 13.68 -20.51 37.63
CA MET A 1073 14.97 -20.26 38.28
C MET A 1073 14.77 -19.72 39.68
N ARG A 1074 13.75 -18.91 39.87
CA ARG A 1074 13.46 -18.35 41.18
C ARG A 1074 13.02 -19.46 42.12
N TYR A 1075 12.28 -20.41 41.58
CA TYR A 1075 11.78 -21.56 42.35
C TYR A 1075 12.95 -22.44 42.79
N ILE A 1076 13.80 -22.79 41.83
CA ILE A 1076 14.97 -23.65 42.09
C ILE A 1076 15.93 -23.03 43.10
N SER A 1077 16.34 -21.79 42.84
CA SER A 1077 17.27 -21.07 43.70
C SER A 1077 16.89 -21.08 45.18
N SER A 1078 15.62 -20.80 45.47
CA SER A 1078 15.13 -20.78 46.85
C SER A 1078 14.81 -22.18 47.38
N GLN A 1079 15.19 -23.21 46.63
CA GLN A 1079 14.85 -24.58 46.98
C GLN A 1079 16.09 -25.49 47.09
N ILE A 1080 17.27 -24.88 47.18
CA ILE A 1080 18.52 -25.63 47.24
C ILE A 1080 19.54 -24.91 48.14
N GLU A 1081 19.21 -23.68 48.52
CA GLU A 1081 19.96 -22.91 49.52
C GLU A 1081 21.41 -22.62 49.14
N ARG A 1082 21.69 -22.63 47.86
CA ARG A 1082 22.89 -21.99 47.32
C ARG A 1082 22.39 -21.02 46.25
N PRO A 1083 21.82 -19.89 46.71
CA PRO A 1083 21.07 -18.92 45.90
C PRO A 1083 21.70 -18.65 44.54
N ILE A 1084 20.92 -18.84 43.49
CA ILE A 1084 21.33 -18.53 42.13
C ILE A 1084 21.20 -17.02 41.96
N ARG A 1085 22.19 -16.39 41.35
CA ARG A 1085 22.13 -14.96 41.15
C ARG A 1085 21.29 -14.61 39.91
N ILE A 1086 20.23 -13.85 40.10
CA ILE A 1086 19.45 -13.39 38.96
C ILE A 1086 19.87 -11.97 38.57
N VAL A 1087 20.16 -11.78 37.29
CA VAL A 1087 20.48 -10.46 36.78
C VAL A 1087 19.66 -10.17 35.53
N ALA A 1088 18.70 -9.25 35.67
CA ALA A 1088 17.77 -8.96 34.58
C ALA A 1088 17.95 -7.56 33.99
N LEU A 1089 18.16 -7.50 32.68
CA LEU A 1089 18.32 -6.25 31.98
C LEU A 1089 17.06 -5.93 31.20
N SER A 1090 16.73 -4.65 31.07
CA SER A 1090 15.44 -4.29 30.49
C SER A 1090 15.36 -2.85 29.99
N SER A 1091 14.43 -2.61 29.08
CA SER A 1091 14.11 -1.26 28.64
C SER A 1091 13.44 -0.56 29.79
N SER A 1092 13.45 0.77 29.79
CA SER A 1092 12.84 1.55 30.85
C SER A 1092 11.41 1.10 31.08
N LEU A 1093 11.10 0.73 32.32
CA LEU A 1093 9.78 0.23 32.69
C LEU A 1093 9.05 1.22 33.58
N SER A 1094 7.72 1.24 33.46
CA SER A 1094 6.91 2.02 34.39
C SER A 1094 6.77 1.23 35.69
N ASN A 1095 6.47 -0.07 35.55
CA ASN A 1095 6.27 -0.96 36.68
C ASN A 1095 7.47 -1.85 36.97
N ALA A 1096 8.64 -1.26 37.22
CA ALA A 1096 9.82 -2.06 37.50
C ALA A 1096 9.76 -2.73 38.87
N LYS A 1097 9.04 -2.12 39.80
CA LYS A 1097 8.88 -2.69 41.13
C LYS A 1097 8.33 -4.10 41.03
N ASP A 1098 7.35 -4.28 40.15
CA ASP A 1098 6.69 -5.57 39.97
C ASP A 1098 7.68 -6.65 39.52
N VAL A 1099 8.60 -6.25 38.64
CA VAL A 1099 9.56 -7.21 38.08
C VAL A 1099 10.62 -7.57 39.09
N ALA A 1100 11.16 -6.57 39.78
CA ALA A 1100 12.17 -6.78 40.81
C ALA A 1100 11.67 -7.71 41.92
N HIS A 1101 10.48 -7.42 42.46
N HIS A 1101 10.48 -7.43 42.44
CA HIS A 1101 9.87 -8.25 43.48
CA HIS A 1101 9.88 -8.25 43.49
C HIS A 1101 9.74 -9.69 43.00
C HIS A 1101 9.68 -9.69 43.02
N TRP A 1102 9.41 -9.85 41.73
CA TRP A 1102 9.23 -11.15 41.12
C TRP A 1102 10.54 -11.91 40.98
N LEU A 1103 11.62 -11.19 40.67
CA LEU A 1103 12.91 -11.82 40.42
C LEU A 1103 13.89 -11.67 41.57
N GLY A 1104 13.40 -11.18 42.71
CA GLY A 1104 14.19 -11.18 43.93
C GLY A 1104 15.10 -9.99 44.14
N CYS A 1105 14.86 -8.91 43.40
CA CYS A 1105 15.66 -7.71 43.58
C CYS A 1105 15.07 -6.86 44.69
N SER A 1106 15.94 -6.18 45.43
CA SER A 1106 15.49 -5.25 46.45
C SER A 1106 15.42 -3.88 45.80
N ALA A 1107 14.57 -3.01 46.36
CA ALA A 1107 14.38 -1.65 45.86
C ALA A 1107 15.68 -0.93 45.52
N THR A 1108 16.64 -0.98 46.43
CA THR A 1108 17.93 -0.31 46.26
C THR A 1108 18.70 -0.85 45.06
N SER A 1109 18.77 -2.18 44.93
CA SER A 1109 19.44 -2.82 43.81
C SER A 1109 18.53 -2.97 42.57
N THR A 1110 17.59 -2.04 42.41
CA THR A 1110 16.69 -2.00 41.27
C THR A 1110 16.85 -0.67 40.54
N PHE A 1111 17.40 -0.71 39.33
CA PHE A 1111 17.83 0.51 38.64
C PHE A 1111 17.04 0.82 37.36
N ASN A 1112 15.87 1.40 37.55
CA ASN A 1112 14.97 1.71 36.46
C ASN A 1112 15.04 3.19 36.07
N PHE A 1113 15.86 3.51 35.08
CA PHE A 1113 16.07 4.90 34.68
C PHE A 1113 15.09 5.33 33.59
N HIS A 1114 14.83 6.63 33.53
CA HIS A 1114 13.91 7.18 32.54
C HIS A 1114 14.61 7.33 31.20
N PRO A 1115 13.87 7.14 30.10
CA PRO A 1115 14.39 7.31 28.73
C PRO A 1115 15.19 8.58 28.45
N ASN A 1116 14.99 9.65 29.21
CA ASN A 1116 15.79 10.86 29.02
C ASN A 1116 17.21 10.69 29.54
N VAL A 1117 17.43 9.62 30.30
CA VAL A 1117 18.73 9.30 30.87
C VAL A 1117 19.69 8.75 29.81
N ARG A 1118 19.13 8.30 28.69
CA ARG A 1118 19.90 7.74 27.57
C ARG A 1118 21.18 8.51 27.27
N PRO A 1119 22.34 7.85 27.43
CA PRO A 1119 23.68 8.44 27.27
C PRO A 1119 23.76 9.34 26.05
N VAL A 1120 23.50 8.80 24.87
CA VAL A 1120 23.37 9.65 23.68
C VAL A 1120 21.93 10.15 23.63
N PRO A 1121 21.74 11.48 23.74
CA PRO A 1121 20.38 12.01 23.75
C PRO A 1121 19.69 11.77 22.41
N LEU A 1122 18.39 11.57 22.45
CA LEU A 1122 17.62 11.21 21.26
C LEU A 1122 16.73 12.36 20.81
N GLU A 1123 16.75 12.63 19.50
CA GLU A 1123 15.83 13.59 18.90
C GLU A 1123 14.82 12.84 18.07
N LEU A 1124 13.61 12.67 18.62
CA LEU A 1124 12.55 11.94 17.92
C LEU A 1124 11.57 12.88 17.23
N HIS A 1125 11.22 12.54 15.99
CA HIS A 1125 10.22 13.26 15.23
C HIS A 1125 9.23 12.24 14.73
N ILE A 1126 7.94 12.48 14.97
CA ILE A 1126 6.93 11.60 14.42
C ILE A 1126 6.17 12.33 13.32
N GLN A 1127 6.13 11.70 12.16
CA GLN A 1127 5.57 12.31 10.96
C GLN A 1127 4.41 11.45 10.47
N GLY A 1128 3.20 11.95 10.66
CA GLY A 1128 2.02 11.23 10.24
C GLY A 1128 1.67 11.42 8.79
N PHE A 1129 1.08 10.40 8.18
CA PHE A 1129 0.58 10.49 6.83
C PHE A 1129 -0.88 10.06 6.80
N ASN A 1130 -1.76 11.02 6.58
CA ASN A 1130 -3.18 10.73 6.49
C ASN A 1130 -3.52 10.05 5.18
N ILE A 1131 -2.99 8.85 5.00
CA ILE A 1131 -3.23 8.06 3.81
C ILE A 1131 -3.50 6.62 4.23
N SER A 1132 -4.64 6.09 3.82
CA SER A 1132 -5.11 4.82 4.35
C SER A 1132 -4.57 3.62 3.58
N HIS A 1133 -4.49 3.74 2.27
CA HIS A 1133 -4.03 2.64 1.42
C HIS A 1133 -2.52 2.49 1.53
N THR A 1134 -2.07 1.40 2.12
CA THR A 1134 -0.65 1.23 2.45
C THR A 1134 0.31 1.45 1.27
N GLN A 1135 0.02 0.82 0.13
CA GLN A 1135 0.89 0.97 -1.04
C GLN A 1135 1.06 2.44 -1.41
N THR A 1136 -0.02 3.20 -1.28
CA THR A 1136 -0.01 4.62 -1.53
C THR A 1136 0.78 5.35 -0.44
N ARG A 1137 0.52 5.01 0.81
CA ARG A 1137 1.19 5.66 1.93
C ARG A 1137 2.68 5.53 1.76
N LEU A 1138 3.10 4.31 1.44
CA LEU A 1138 4.52 3.95 1.25
C LEU A 1138 5.15 4.77 0.14
N LEU A 1139 4.45 4.88 -0.98
CA LEU A 1139 4.98 5.56 -2.15
C LEU A 1139 5.13 7.06 -1.90
N SER A 1140 4.28 7.60 -1.05
CA SER A 1140 4.31 9.03 -0.78
C SER A 1140 5.23 9.34 0.39
N MET A 1141 5.80 8.29 0.99
CA MET A 1141 6.83 8.48 2.01
C MET A 1141 8.22 8.54 1.39
N ALA A 1142 8.29 8.35 0.07
CA ALA A 1142 9.57 8.22 -0.61
C ALA A 1142 10.35 9.52 -0.53
N LYS A 1143 9.80 10.57 -1.11
CA LYS A 1143 10.45 11.86 -1.07
C LYS A 1143 10.71 12.38 0.37
N PRO A 1144 9.77 12.12 1.30
CA PRO A 1144 10.09 12.56 2.67
C PRO A 1144 11.26 11.82 3.32
N VAL A 1145 11.56 10.63 2.85
CA VAL A 1145 12.71 9.88 3.38
C VAL A 1145 14.01 10.59 3.00
N TYR A 1146 14.16 10.89 1.72
CA TYR A 1146 15.32 11.63 1.24
C TYR A 1146 15.45 12.95 1.97
N HIS A 1147 14.34 13.69 2.04
CA HIS A 1147 14.37 15.03 2.58
C HIS A 1147 14.77 15.02 4.05
N ALA A 1148 14.52 13.89 4.71
CA ALA A 1148 14.85 13.72 6.12
C ALA A 1148 16.35 13.51 6.32
N ILE A 1149 16.93 12.67 5.47
CA ILE A 1149 18.37 12.48 5.44
C ILE A 1149 19.06 13.83 5.30
N THR A 1150 18.71 14.57 4.26
CA THR A 1150 19.40 15.82 3.97
C THR A 1150 19.19 16.91 5.03
N LYS A 1151 18.16 16.75 5.84
CA LYS A 1151 17.89 17.74 6.88
C LYS A 1151 18.58 17.33 8.18
N HIS A 1152 18.36 16.08 8.57
CA HIS A 1152 18.75 15.61 9.90
C HIS A 1152 20.14 14.98 9.97
N SER A 1153 20.56 14.34 8.90
CA SER A 1153 21.87 13.69 8.91
C SER A 1153 22.55 13.75 7.54
N PRO A 1154 22.75 14.97 7.01
CA PRO A 1154 23.23 15.10 5.63
C PRO A 1154 24.57 14.43 5.37
N LYS A 1155 25.47 14.42 6.36
CA LYS A 1155 26.77 13.78 6.21
C LYS A 1155 26.91 12.45 6.94
N LYS A 1156 26.52 12.41 8.21
CA LYS A 1156 26.67 11.21 9.05
C LYS A 1156 25.84 9.97 8.59
N PRO A 1157 26.07 8.79 9.20
CA PRO A 1157 25.40 7.62 8.61
C PRO A 1157 23.90 7.52 8.90
N VAL A 1158 23.19 6.78 8.05
CA VAL A 1158 21.74 6.67 8.10
C VAL A 1158 21.25 5.24 7.91
N ILE A 1159 20.38 4.77 8.81
CA ILE A 1159 19.66 3.51 8.59
C ILE A 1159 18.17 3.78 8.37
N VAL A 1160 17.62 3.20 7.31
CA VAL A 1160 16.20 3.25 7.01
C VAL A 1160 15.55 1.87 7.10
N PHE A 1161 14.58 1.72 8.00
CA PHE A 1161 13.82 0.46 8.10
C PHE A 1161 12.55 0.48 7.27
N VAL A 1162 12.31 -0.60 6.51
CA VAL A 1162 11.12 -0.72 5.66
C VAL A 1162 10.40 -2.04 5.94
N PRO A 1163 9.10 -2.11 5.63
CA PRO A 1163 8.34 -3.26 6.11
C PRO A 1163 8.62 -4.58 5.40
N SER A 1164 9.19 -4.54 4.21
CA SER A 1164 9.35 -5.78 3.45
C SER A 1164 10.69 -5.86 2.74
N ARG A 1165 10.98 -7.04 2.21
CA ARG A 1165 12.19 -7.28 1.46
C ARG A 1165 12.13 -6.59 0.11
N LYS A 1166 10.95 -6.63 -0.51
CA LYS A 1166 10.77 -6.00 -1.81
C LYS A 1166 10.93 -4.49 -1.67
N GLN A 1167 10.56 -3.95 -0.51
CA GLN A 1167 10.64 -2.51 -0.31
C GLN A 1167 12.07 -2.09 -0.14
N THR A 1168 12.84 -3.01 0.40
CA THR A 1168 14.22 -2.75 0.72
C THR A 1168 14.99 -2.36 -0.53
N ARG A 1169 14.85 -3.16 -1.58
CA ARG A 1169 15.52 -2.88 -2.83
C ARG A 1169 15.02 -1.56 -3.43
N LEU A 1170 13.71 -1.35 -3.37
CA LEU A 1170 13.06 -0.19 -3.97
C LEU A 1170 13.45 1.14 -3.35
N THR A 1171 13.35 1.22 -2.03
CA THR A 1171 13.66 2.45 -1.31
C THR A 1171 15.10 2.86 -1.56
N ALA A 1172 15.99 1.88 -1.55
CA ALA A 1172 17.39 2.12 -1.89
C ALA A 1172 17.49 2.83 -3.23
N ILE A 1173 16.94 2.19 -4.26
CA ILE A 1173 16.97 2.73 -5.61
C ILE A 1173 16.37 4.13 -5.69
N ASP A 1174 15.33 4.39 -4.91
CA ASP A 1174 14.72 5.72 -4.94
C ASP A 1174 15.71 6.74 -4.41
N ILE A 1175 16.43 6.37 -3.36
CA ILE A 1175 17.35 7.30 -2.71
C ILE A 1175 18.44 7.71 -3.67
N LEU A 1176 18.94 6.73 -4.43
CA LEU A 1176 19.93 6.98 -5.46
C LEU A 1176 19.43 7.94 -6.52
N THR A 1177 18.25 7.64 -7.06
CA THR A 1177 17.70 8.44 -8.14
C THR A 1177 17.36 9.86 -7.67
N THR A 1178 16.75 9.98 -6.49
CA THR A 1178 16.52 11.30 -5.94
C THR A 1178 17.84 12.05 -5.82
N CYS A 1179 18.83 11.38 -5.20
CA CYS A 1179 20.18 11.93 -5.05
C CYS A 1179 20.79 12.44 -6.36
N ALA A 1180 20.82 11.60 -7.39
CA ALA A 1180 21.36 11.99 -8.69
C ALA A 1180 20.58 13.15 -9.33
N ALA A 1181 19.28 13.21 -9.06
CA ALA A 1181 18.43 14.28 -9.60
C ALA A 1181 18.76 15.61 -8.93
N ASP A 1182 19.13 15.53 -7.64
CA ASP A 1182 19.56 16.71 -6.89
C ASP A 1182 20.94 17.20 -7.33
N ILE A 1183 21.43 16.65 -8.45
CA ILE A 1183 22.75 16.93 -9.05
C ILE A 1183 23.91 16.43 -8.17
N GLN A 1184 23.57 15.74 -7.09
CA GLN A 1184 24.58 15.21 -6.18
C GLN A 1184 25.25 13.96 -6.75
N ARG A 1185 24.43 13.06 -7.30
CA ARG A 1185 24.88 11.80 -7.91
C ARG A 1185 25.46 10.79 -6.92
N GLN A 1186 26.54 11.15 -6.23
CA GLN A 1186 27.23 10.20 -5.36
C GLN A 1186 27.67 10.81 -4.03
N ARG A 1187 26.74 11.49 -3.35
CA ARG A 1187 27.03 12.15 -2.08
C ARG A 1187 27.01 11.18 -0.90
N PHE A 1188 26.64 9.92 -1.15
CA PHE A 1188 26.55 8.93 -0.09
C PHE A 1188 27.68 7.94 -0.15
N LEU A 1189 28.56 8.12 -1.15
CA LEU A 1189 29.78 7.33 -1.28
C LEU A 1189 30.92 8.11 -0.67
N HIS A 1190 31.51 7.58 0.38
CA HIS A 1190 32.58 8.28 1.08
C HIS A 1190 33.94 7.64 0.89
N CYS A 1191 34.07 6.89 -0.20
CA CYS A 1191 35.34 6.37 -0.66
C CYS A 1191 35.30 6.49 -2.18
N THR A 1192 36.24 5.88 -2.88
CA THR A 1192 36.15 5.92 -4.33
C THR A 1192 35.62 4.59 -4.84
N GLU A 1193 34.98 4.61 -5.99
CA GLU A 1193 34.43 3.40 -6.58
C GLU A 1193 35.52 2.33 -6.81
N LYS A 1194 36.70 2.78 -7.20
CA LYS A 1194 37.83 1.88 -7.39
C LYS A 1194 38.11 1.05 -6.14
N ASP A 1195 37.99 1.68 -4.97
CA ASP A 1195 38.33 1.03 -3.71
C ASP A 1195 37.40 -0.14 -3.41
N LEU A 1196 36.21 -0.12 -4.02
CA LEU A 1196 35.16 -1.09 -3.70
C LEU A 1196 35.19 -2.36 -4.56
N ILE A 1197 35.59 -2.22 -5.83
CA ILE A 1197 35.62 -3.33 -6.78
C ILE A 1197 36.09 -4.69 -6.22
N PRO A 1198 37.19 -4.72 -5.44
CA PRO A 1198 37.63 -6.02 -4.93
C PRO A 1198 36.63 -6.71 -4.01
N TYR A 1199 35.81 -5.95 -3.29
CA TYR A 1199 34.81 -6.55 -2.42
C TYR A 1199 33.55 -6.95 -3.18
N LEU A 1200 33.08 -6.06 -4.04
CA LEU A 1200 31.88 -6.30 -4.82
C LEU A 1200 32.02 -7.39 -5.87
N GLU A 1201 33.22 -7.96 -5.99
CA GLU A 1201 33.43 -9.06 -6.94
C GLU A 1201 32.76 -10.32 -6.39
N LYS A 1202 32.63 -10.36 -5.07
CA LYS A 1202 32.01 -11.49 -4.39
C LYS A 1202 30.51 -11.27 -4.17
N LEU A 1203 29.86 -10.62 -5.13
CA LEU A 1203 28.42 -10.41 -5.08
C LEU A 1203 27.79 -10.93 -6.36
N SER A 1204 26.60 -11.51 -6.22
CA SER A 1204 25.90 -12.06 -7.39
C SER A 1204 24.50 -11.49 -7.50
N ASP A 1205 24.17 -10.56 -6.62
CA ASP A 1205 22.82 -10.01 -6.57
C ASP A 1205 22.56 -9.05 -7.72
N SER A 1206 23.64 -8.55 -8.32
CA SER A 1206 23.62 -7.67 -9.50
C SER A 1206 23.25 -6.22 -9.17
N THR A 1207 22.29 -6.05 -8.26
CA THR A 1207 21.69 -4.74 -8.02
C THR A 1207 22.25 -4.00 -6.78
N LEU A 1208 22.64 -4.71 -5.73
CA LEU A 1208 23.27 -3.99 -4.63
C LEU A 1208 24.72 -3.73 -4.94
N LYS A 1209 25.22 -4.47 -5.92
CA LYS A 1209 26.48 -4.12 -6.53
C LYS A 1209 26.29 -2.71 -7.06
N GLU A 1210 25.25 -2.52 -7.85
CA GLU A 1210 24.93 -1.21 -8.42
C GLU A 1210 24.69 -0.11 -7.37
N THR A 1211 23.88 -0.42 -6.36
CA THR A 1211 23.53 0.57 -5.35
C THR A 1211 24.71 0.93 -4.43
N LEU A 1212 25.51 -0.07 -4.06
CA LEU A 1212 26.65 0.17 -3.17
C LEU A 1212 27.65 1.09 -3.84
N LEU A 1213 27.79 0.92 -5.15
CA LEU A 1213 28.64 1.77 -5.99
C LEU A 1213 28.21 3.23 -5.94
N ASN A 1214 26.96 3.46 -5.57
CA ASN A 1214 26.38 4.79 -5.50
C ASN A 1214 26.27 5.27 -4.05
N GLY A 1215 26.72 4.43 -3.12
CA GLY A 1215 26.83 4.82 -1.73
C GLY A 1215 25.71 4.36 -0.81
N VAL A 1216 24.82 3.53 -1.34
CA VAL A 1216 23.67 3.06 -0.57
C VAL A 1216 23.57 1.54 -0.61
N GLY A 1217 23.42 0.92 0.55
CA GLY A 1217 23.29 -0.52 0.61
C GLY A 1217 21.93 -0.93 1.11
N TYR A 1218 21.63 -2.22 1.04
CA TYR A 1218 20.40 -2.70 1.64
C TYR A 1218 20.53 -4.09 2.28
N LEU A 1219 19.53 -4.46 3.08
CA LEU A 1219 19.59 -5.71 3.81
C LEU A 1219 18.23 -6.38 3.91
N HIS A 1220 18.15 -7.61 3.42
CA HIS A 1220 17.00 -8.46 3.67
C HIS A 1220 17.48 -9.88 3.90
N GLU A 1221 16.56 -10.83 3.99
CA GLU A 1221 16.90 -12.21 4.31
C GLU A 1221 17.07 -13.07 3.06
N GLY A 1222 17.04 -12.44 1.90
CA GLY A 1222 17.31 -13.13 0.65
C GLY A 1222 18.79 -13.10 0.34
N LEU A 1223 19.49 -12.18 1.00
CA LEU A 1223 20.93 -12.06 0.84
C LEU A 1223 21.65 -13.16 1.62
N SER A 1224 22.71 -13.68 1.00
CA SER A 1224 23.62 -14.62 1.65
C SER A 1224 24.17 -14.01 2.94
N PRO A 1225 24.47 -14.84 3.94
CA PRO A 1225 25.05 -14.35 5.19
C PRO A 1225 26.34 -13.59 4.91
N MET A 1226 27.05 -14.05 3.88
CA MET A 1226 28.25 -13.38 3.41
C MET A 1226 27.89 -12.00 2.88
N GLU A 1227 26.97 -11.96 1.92
CA GLU A 1227 26.51 -10.70 1.35
C GLU A 1227 26.07 -9.70 2.43
N ARG A 1228 25.44 -10.20 3.49
CA ARG A 1228 25.06 -9.35 4.61
C ARG A 1228 26.27 -8.74 5.32
N ARG A 1229 27.23 -9.60 5.67
CA ARG A 1229 28.43 -9.21 6.40
C ARG A 1229 29.19 -8.13 5.64
N LEU A 1230 29.27 -8.32 4.33
CA LEU A 1230 29.95 -7.40 3.46
C LEU A 1230 29.35 -6.01 3.65
N VAL A 1231 28.05 -5.92 3.40
CA VAL A 1231 27.32 -4.66 3.47
C VAL A 1231 27.44 -3.98 4.82
N GLU A 1232 27.30 -4.75 5.89
CA GLU A 1232 27.43 -4.19 7.23
C GLU A 1232 28.83 -3.61 7.46
N GLN A 1233 29.85 -4.34 7.01
CA GLN A 1233 31.23 -3.90 7.17
C GLN A 1233 31.45 -2.52 6.53
N LEU A 1234 31.04 -2.39 5.27
CA LEU A 1234 31.13 -1.14 4.53
C LEU A 1234 30.45 0.02 5.25
N PHE A 1235 29.33 -0.26 5.91
CA PHE A 1235 28.55 0.77 6.61
C PHE A 1235 29.27 1.26 7.86
N SER A 1236 29.63 0.33 8.74
CA SER A 1236 30.36 0.68 9.95
C SER A 1236 31.67 1.41 9.62
N SER A 1237 32.25 1.09 8.48
CA SER A 1237 33.53 1.67 8.06
C SER A 1237 33.41 3.12 7.66
N GLY A 1238 32.24 3.51 7.18
CA GLY A 1238 32.02 4.86 6.71
C GLY A 1238 31.90 4.97 5.20
N ALA A 1239 32.13 3.87 4.50
CA ALA A 1239 32.19 3.88 3.04
C ALA A 1239 30.84 4.26 2.43
N ILE A 1240 29.79 3.60 2.89
CA ILE A 1240 28.44 3.96 2.51
C ILE A 1240 27.73 4.66 3.66
N GLN A 1241 26.89 5.65 3.31
CA GLN A 1241 26.26 6.48 4.32
C GLN A 1241 24.91 5.92 4.71
N VAL A 1242 24.33 5.11 3.83
CA VAL A 1242 22.95 4.66 3.98
C VAL A 1242 22.75 3.18 3.71
N VAL A 1243 22.14 2.48 4.67
CA VAL A 1243 21.55 1.16 4.40
C VAL A 1243 20.06 1.15 4.70
N VAL A 1244 19.32 0.51 3.80
CA VAL A 1244 17.91 0.26 3.96
C VAL A 1244 17.73 -1.19 4.37
N ALA A 1245 17.18 -1.42 5.55
CA ALA A 1245 16.99 -2.80 6.02
C ALA A 1245 15.53 -3.10 6.31
N SER A 1246 15.12 -4.34 6.07
CA SER A 1246 13.76 -4.77 6.40
C SER A 1246 13.56 -4.83 7.92
N ARG A 1247 12.29 -4.71 8.34
CA ARG A 1247 11.92 -4.64 9.75
C ARG A 1247 12.41 -5.85 10.53
N SER A 1248 12.44 -7.00 9.86
CA SER A 1248 12.81 -8.25 10.48
C SER A 1248 14.27 -8.26 10.89
N LEU A 1249 15.07 -7.41 10.25
CA LEU A 1249 16.51 -7.41 10.52
C LEU A 1249 16.91 -6.42 11.59
N CYS A 1250 15.95 -5.87 12.32
CA CYS A 1250 16.33 -4.86 13.31
C CYS A 1250 16.91 -5.56 14.54
N TRP A 1251 16.61 -6.85 14.66
CA TRP A 1251 17.16 -7.66 15.73
C TRP A 1251 18.53 -8.23 15.35
N GLY A 1252 18.71 -8.53 14.07
CA GLY A 1252 19.96 -9.08 13.59
C GLY A 1252 20.84 -8.08 12.88
N MET A 1253 21.12 -6.97 13.54
CA MET A 1253 22.00 -5.95 12.98
C MET A 1253 22.96 -5.42 14.01
N ASN A 1254 24.25 -5.62 13.76
CA ASN A 1254 25.26 -5.01 14.58
C ASN A 1254 25.82 -3.79 13.87
N VAL A 1255 24.96 -2.78 13.70
CA VAL A 1255 25.30 -1.57 12.98
C VAL A 1255 24.55 -0.38 13.58
N ALA A 1256 25.25 0.73 13.79
CA ALA A 1256 24.58 1.92 14.33
C ALA A 1256 24.70 3.09 13.38
N ALA A 1257 23.59 3.82 13.23
CA ALA A 1257 23.57 5.03 12.43
C ALA A 1257 23.52 6.27 13.32
N HIS A 1258 23.56 7.43 12.69
CA HIS A 1258 23.35 8.68 13.40
C HIS A 1258 21.88 9.06 13.30
N LEU A 1259 21.27 8.69 12.19
CA LEU A 1259 19.84 8.88 11.96
C LEU A 1259 19.16 7.56 11.60
N VAL A 1260 18.14 7.18 12.35
CA VAL A 1260 17.30 6.04 11.99
C VAL A 1260 15.94 6.53 11.49
N ILE A 1261 15.56 6.10 10.29
CA ILE A 1261 14.26 6.40 9.72
C ILE A 1261 13.39 5.15 9.62
N ILE A 1262 12.30 5.11 10.38
CA ILE A 1262 11.33 4.02 10.28
C ILE A 1262 10.25 4.38 9.25
N MET A 1263 10.26 3.72 8.10
CA MET A 1263 9.35 4.08 7.01
C MET A 1263 8.11 3.23 7.05
N ASP A 1264 7.00 3.81 7.53
CA ASP A 1264 5.76 3.09 7.85
C ASP A 1264 5.98 2.11 9.02
N THR A 1265 4.89 1.71 9.67
CA THR A 1265 4.99 0.92 10.90
C THR A 1265 3.99 -0.21 10.91
N GLN A 1266 3.58 -0.64 9.72
CA GLN A 1266 2.64 -1.73 9.59
C GLN A 1266 3.10 -2.70 8.52
N TYR A 1267 2.81 -3.98 8.73
CA TYR A 1267 3.09 -5.01 7.75
C TYR A 1267 1.79 -5.74 7.44
N TYR A 1268 1.69 -6.30 6.24
CA TYR A 1268 0.49 -7.01 5.83
C TYR A 1268 0.48 -8.42 6.41
N ASN A 1269 -0.69 -8.83 6.90
CA ASN A 1269 -0.91 -10.19 7.37
C ASN A 1269 -2.00 -10.86 6.56
N GLY A 1270 -1.60 -11.73 5.63
CA GLY A 1270 -2.53 -12.33 4.70
C GLY A 1270 -3.57 -13.24 5.29
N LYS A 1271 -3.41 -13.63 6.54
CA LYS A 1271 -4.35 -14.54 7.16
C LYS A 1271 -5.68 -13.85 7.39
N ILE A 1272 -5.61 -12.61 7.86
CA ILE A 1272 -6.82 -11.84 8.18
C ILE A 1272 -7.05 -10.75 7.17
N HIS A 1273 -6.30 -10.80 6.07
CA HIS A 1273 -6.42 -9.84 4.99
C HIS A 1273 -6.40 -8.43 5.53
N ALA A 1274 -5.29 -8.06 6.16
CA ALA A 1274 -5.18 -6.77 6.83
C ALA A 1274 -3.75 -6.40 7.17
N TYR A 1275 -3.52 -5.11 7.34
CA TYR A 1275 -2.26 -4.61 7.84
C TYR A 1275 -2.31 -4.51 9.36
N VAL A 1276 -1.22 -4.92 9.99
CA VAL A 1276 -1.11 -4.88 11.44
C VAL A 1276 0.14 -4.11 11.86
N ASP A 1277 0.12 -3.59 13.08
CA ASP A 1277 1.15 -2.65 13.55
C ASP A 1277 2.43 -3.36 14.01
N TYR A 1278 3.56 -2.68 13.85
CA TYR A 1278 4.83 -3.19 14.37
C TYR A 1278 4.66 -3.32 15.87
N PRO A 1279 5.14 -4.43 16.46
CA PRO A 1279 5.16 -4.45 17.92
C PRO A 1279 5.98 -3.27 18.44
N ILE A 1280 5.57 -2.68 19.56
CA ILE A 1280 6.26 -1.52 20.11
C ILE A 1280 7.70 -1.90 20.42
N TYR A 1281 7.88 -3.16 20.79
CA TYR A 1281 9.17 -3.76 21.03
C TYR A 1281 10.06 -3.67 19.81
N ASP A 1282 9.48 -3.96 18.65
CA ASP A 1282 10.23 -3.92 17.42
C ASP A 1282 10.65 -2.49 17.10
N VAL A 1283 9.84 -1.52 17.52
CA VAL A 1283 10.13 -0.11 17.26
C VAL A 1283 11.16 0.45 18.25
N LEU A 1284 11.00 0.12 19.52
CA LEU A 1284 11.98 0.49 20.55
C LEU A 1284 13.40 0.11 20.12
N GLN A 1285 13.49 -1.07 19.53
CA GLN A 1285 14.74 -1.60 19.02
C GLN A 1285 15.28 -0.76 17.86
N MET A 1286 14.45 -0.57 16.84
CA MET A 1286 14.80 0.25 15.69
C MET A 1286 15.42 1.59 16.09
N VAL A 1287 14.91 2.17 17.15
CA VAL A 1287 15.28 3.52 17.52
C VAL A 1287 16.63 3.45 18.21
N GLY A 1288 16.90 2.32 18.85
CA GLY A 1288 18.16 2.12 19.54
C GLY A 1288 19.38 2.15 18.63
N HIS A 1289 19.15 1.84 17.36
CA HIS A 1289 20.17 1.86 16.35
C HIS A 1289 20.65 3.27 16.06
N ALA A 1290 19.92 4.27 16.51
CA ALA A 1290 20.36 5.64 16.31
C ALA A 1290 21.06 6.16 17.55
N ASN A 1291 22.19 5.53 17.87
CA ASN A 1291 23.10 6.06 18.89
C ASN A 1291 24.54 5.59 18.68
N ARG A 1292 25.44 6.54 18.62
CA ARG A 1292 26.86 6.26 18.46
C ARG A 1292 27.61 7.11 19.47
N PRO A 1293 27.74 6.57 20.70
CA PRO A 1293 28.29 7.25 21.88
C PRO A 1293 29.65 7.92 21.66
N LEU A 1294 30.45 7.42 20.73
CA LEU A 1294 31.78 7.96 20.57
C LEU A 1294 31.87 9.05 19.50
N GLN A 1295 30.89 9.12 18.61
CA GLN A 1295 31.01 9.98 17.45
C GLN A 1295 29.96 11.09 17.29
N ASP A 1296 28.78 10.90 17.85
CA ASP A 1296 27.74 11.91 17.71
C ASP A 1296 27.38 12.55 19.04
N ASP A 1297 26.98 13.82 18.99
CA ASP A 1297 26.48 14.49 20.19
C ASP A 1297 25.03 14.10 20.43
N GLU A 1298 24.41 13.45 19.45
CA GLU A 1298 23.00 13.10 19.53
C GLU A 1298 22.62 12.02 18.53
N GLY A 1299 21.50 11.35 18.80
CA GLY A 1299 20.89 10.43 17.86
C GLY A 1299 19.58 11.00 17.35
N ARG A 1300 19.27 10.72 16.09
CA ARG A 1300 18.06 11.27 15.49
C ARG A 1300 17.17 10.17 14.93
N CYS A 1301 15.88 10.27 15.20
CA CYS A 1301 14.92 9.31 14.68
C CYS A 1301 13.70 9.99 14.07
N VAL A 1302 13.35 9.57 12.87
CA VAL A 1302 12.13 10.01 12.21
C VAL A 1302 11.26 8.80 11.92
N ILE A 1303 10.15 8.71 12.63
CA ILE A 1303 9.15 7.68 12.40
C ILE A 1303 8.08 8.22 11.47
N MET A 1304 7.80 7.49 10.41
CA MET A 1304 6.77 7.88 9.46
C MET A 1304 5.66 6.86 9.57
N CYS A 1305 4.44 7.31 9.87
CA CYS A 1305 3.34 6.38 10.14
C CYS A 1305 2.03 6.94 9.68
N GLN A 1306 1.06 6.06 9.47
CA GLN A 1306 -0.31 6.50 9.21
C GLN A 1306 -0.75 7.40 10.35
N GLY A 1307 -1.49 8.44 10.03
CA GLY A 1307 -1.94 9.42 11.01
C GLY A 1307 -2.67 8.84 12.20
N SER A 1308 -3.40 7.75 11.98
CA SER A 1308 -4.12 7.10 13.07
C SER A 1308 -3.21 6.47 14.10
N LYS A 1309 -1.90 6.59 13.87
CA LYS A 1309 -0.91 5.92 14.70
C LYS A 1309 -0.01 6.91 15.40
N LYS A 1310 0.08 8.12 14.86
CA LYS A 1310 0.91 9.17 15.45
C LYS A 1310 0.78 9.35 16.97
N ASP A 1311 -0.45 9.46 17.47
CA ASP A 1311 -0.66 9.78 18.89
C ASP A 1311 -0.19 8.67 19.83
N PHE A 1312 -0.20 7.45 19.32
CA PHE A 1312 0.23 6.27 20.06
C PHE A 1312 1.75 6.29 20.28
N PHE A 1313 2.50 6.60 19.22
CA PHE A 1313 3.95 6.69 19.30
C PHE A 1313 4.42 7.86 20.16
N LYS A 1314 3.60 8.91 20.23
CA LYS A 1314 3.97 10.12 20.97
C LYS A 1314 4.00 9.91 22.48
N LYS A 1315 3.39 8.82 22.96
CA LYS A 1315 3.40 8.52 24.39
C LYS A 1315 4.38 7.39 24.73
N PHE A 1316 4.23 6.27 24.05
CA PHE A 1316 4.99 5.07 24.38
C PHE A 1316 6.44 5.07 23.92
N LEU A 1317 6.94 6.21 23.45
CA LEU A 1317 8.35 6.29 23.10
C LEU A 1317 9.13 7.15 24.09
N TYR A 1318 8.57 8.33 24.42
CA TYR A 1318 9.19 9.22 25.39
C TYR A 1318 9.09 8.69 26.82
N GLU A 1319 7.90 8.28 27.22
CA GLU A 1319 7.65 7.78 28.58
C GLU A 1319 8.14 6.35 28.78
N PRO A 1320 8.34 5.92 30.04
CA PRO A 1320 8.60 4.51 30.32
C PRO A 1320 7.50 3.59 29.81
N LEU A 1321 7.79 2.30 29.77
CA LEU A 1321 6.90 1.33 29.14
C LEU A 1321 6.25 0.44 30.19
N PRO A 1322 4.95 0.19 30.05
CA PRO A 1322 4.29 -0.72 30.97
C PRO A 1322 4.26 -2.11 30.37
N VAL A 1323 4.30 -3.15 31.20
CA VAL A 1323 4.26 -4.51 30.70
C VAL A 1323 3.31 -5.39 31.47
N GLU A 1324 2.64 -6.27 30.74
CA GLU A 1324 1.72 -7.22 31.33
C GLU A 1324 2.14 -8.64 30.97
N SER A 1325 1.61 -9.62 31.68
CA SER A 1325 1.82 -11.01 31.30
C SER A 1325 0.71 -11.51 30.36
N HIS A 1326 1.05 -12.46 29.49
CA HIS A 1326 0.05 -13.21 28.75
C HIS A 1326 0.24 -14.70 28.99
N LEU A 1327 0.68 -15.03 30.20
CA LEU A 1327 0.94 -16.39 30.58
C LEU A 1327 -0.37 -17.15 30.54
N ASP A 1328 -1.41 -16.51 31.06
CA ASP A 1328 -2.73 -17.10 31.19
C ASP A 1328 -3.32 -17.56 29.84
N HIS A 1329 -2.88 -16.93 28.75
CA HIS A 1329 -3.32 -17.34 27.42
C HIS A 1329 -2.38 -18.37 26.78
N CYS A 1330 -1.49 -18.95 27.58
CA CYS A 1330 -0.55 -19.97 27.11
C CYS A 1330 -0.22 -20.93 28.26
N MET A 1331 -1.23 -21.19 29.07
CA MET A 1331 -1.06 -21.84 30.37
C MET A 1331 -1.05 -23.36 30.29
N HIS A 1332 -1.66 -23.91 29.25
CA HIS A 1332 -1.81 -25.36 29.13
C HIS A 1332 -0.50 -26.12 29.05
N ASP A 1333 0.29 -25.83 28.02
CA ASP A 1333 1.49 -26.60 27.73
C ASP A 1333 2.48 -26.67 28.88
N HIS A 1334 2.55 -25.60 29.67
CA HIS A 1334 3.49 -25.57 30.78
C HIS A 1334 2.98 -26.35 31.98
N PHE A 1335 1.67 -26.35 32.16
CA PHE A 1335 1.08 -27.19 33.19
C PHE A 1335 1.32 -28.65 32.81
N ASN A 1336 0.97 -29.00 31.58
CA ASN A 1336 1.16 -30.36 31.09
C ASN A 1336 2.59 -30.89 31.28
N ALA A 1337 3.57 -29.99 31.21
CA ALA A 1337 4.96 -30.37 31.40
C ALA A 1337 5.29 -30.53 32.86
N GLU A 1338 4.66 -29.73 33.71
CA GLU A 1338 4.93 -29.79 35.14
C GLU A 1338 4.33 -31.05 35.73
N ILE A 1339 3.20 -31.47 35.18
CA ILE A 1339 2.53 -32.66 35.65
C ILE A 1339 3.34 -33.89 35.21
N VAL A 1340 3.96 -33.79 34.05
CA VAL A 1340 4.89 -34.81 33.56
C VAL A 1340 6.14 -34.89 34.43
N THR A 1341 6.71 -33.73 34.76
CA THR A 1341 7.89 -33.66 35.63
C THR A 1341 7.50 -33.91 37.09
N LYS A 1342 6.19 -33.88 37.35
CA LYS A 1342 5.62 -34.11 38.67
C LYS A 1342 5.96 -32.99 39.65
N THR A 1343 6.13 -31.78 39.13
CA THR A 1343 6.23 -30.58 39.97
C THR A 1343 4.80 -30.23 40.41
N ILE A 1344 3.84 -30.54 39.54
CA ILE A 1344 2.44 -30.41 39.86
C ILE A 1344 1.82 -31.80 40.03
N GLU A 1345 1.62 -32.18 41.29
CA GLU A 1345 1.11 -33.51 41.62
C GLU A 1345 -0.37 -33.44 41.94
N ASN A 1346 -0.84 -32.24 42.30
CA ASN A 1346 -2.25 -32.02 42.61
C ASN A 1346 -2.74 -30.64 42.18
N LYS A 1347 -4.00 -30.35 42.46
CA LYS A 1347 -4.58 -29.06 42.09
C LYS A 1347 -4.00 -27.92 42.91
N GLN A 1348 -3.67 -28.18 44.17
CA GLN A 1348 -3.08 -27.14 45.01
C GLN A 1348 -1.72 -26.68 44.48
N ASP A 1349 -0.89 -27.64 44.10
CA ASP A 1349 0.45 -27.35 43.59
C ASP A 1349 0.39 -26.46 42.36
N ALA A 1350 -0.72 -26.55 41.63
CA ALA A 1350 -0.92 -25.70 40.47
C ALA A 1350 -1.15 -24.25 40.89
N VAL A 1351 -1.91 -24.06 41.96
CA VAL A 1351 -2.14 -22.72 42.50
C VAL A 1351 -0.85 -22.18 43.07
N ASP A 1352 -0.10 -23.03 43.76
CA ASP A 1352 1.18 -22.65 44.34
C ASP A 1352 2.17 -22.21 43.26
N TYR A 1353 2.20 -22.92 42.14
CA TYR A 1353 3.15 -22.63 41.08
C TYR A 1353 2.97 -21.24 40.48
N LEU A 1354 1.73 -20.78 40.43
CA LEU A 1354 1.45 -19.50 39.81
C LEU A 1354 1.97 -18.35 40.66
N THR A 1355 2.13 -18.60 41.95
CA THR A 1355 2.59 -17.60 42.90
C THR A 1355 4.03 -17.13 42.61
N TRP A 1356 4.72 -17.83 41.70
CA TRP A 1356 6.09 -17.49 41.38
C TRP A 1356 6.22 -16.71 40.08
N THR A 1357 5.09 -16.37 39.47
CA THR A 1357 5.06 -15.78 38.13
C THR A 1357 4.86 -14.28 38.15
N PHE A 1358 5.13 -13.63 37.03
CA PHE A 1358 4.92 -12.19 36.88
C PHE A 1358 3.43 -11.93 36.80
N LEU A 1359 2.72 -12.88 36.20
CA LEU A 1359 1.27 -12.85 36.10
C LEU A 1359 0.64 -12.61 37.47
N TYR A 1360 1.17 -13.30 38.47
CA TYR A 1360 0.65 -13.24 39.84
C TYR A 1360 0.74 -11.84 40.43
N ARG A 1361 1.80 -11.11 40.08
CA ARG A 1361 1.99 -9.75 40.57
C ARG A 1361 1.08 -8.76 39.86
N ARG A 1362 0.92 -8.92 38.55
CA ARG A 1362 0.20 -7.94 37.76
C ARG A 1362 -1.34 -8.03 37.86
N MET A 1363 -1.86 -9.22 38.13
CA MET A 1363 -3.32 -9.38 38.29
C MET A 1363 -3.91 -8.48 39.36
N THR A 1364 -3.13 -8.20 40.40
CA THR A 1364 -3.55 -7.34 41.50
C THR A 1364 -3.44 -5.88 41.11
N GLN A 1365 -2.53 -5.58 40.19
CA GLN A 1365 -2.18 -4.21 39.86
C GLN A 1365 -3.00 -3.66 38.70
N ASN A 1366 -3.40 -4.52 37.80
CA ASN A 1366 -4.22 -4.12 36.68
C ASN A 1366 -5.21 -5.23 36.34
N PRO A 1367 -6.25 -5.37 37.18
CA PRO A 1367 -7.21 -6.48 37.11
C PRO A 1367 -8.00 -6.55 35.81
N ASN A 1368 -8.44 -5.42 35.27
CA ASN A 1368 -9.30 -5.44 34.09
C ASN A 1368 -8.60 -5.92 32.84
N TYR A 1369 -7.28 -5.86 32.85
CA TYR A 1369 -6.48 -6.38 31.77
C TYR A 1369 -6.58 -7.90 31.71
N TYR A 1370 -6.62 -8.53 32.88
CA TYR A 1370 -6.65 -9.98 32.97
C TYR A 1370 -8.07 -10.44 33.22
N ASN A 1371 -8.99 -9.49 33.03
CA ASN A 1371 -10.42 -9.73 33.19
C ASN A 1371 -10.79 -10.28 34.57
N LEU A 1372 -10.17 -9.73 35.61
CA LEU A 1372 -10.59 -9.95 36.98
C LEU A 1372 -11.74 -8.98 37.18
N GLN A 1373 -12.96 -9.46 36.96
CA GLN A 1373 -14.14 -8.59 37.00
C GLN A 1373 -14.24 -7.84 38.33
N GLY A 1374 -13.75 -8.48 39.40
CA GLY A 1374 -13.68 -7.84 40.69
C GLY A 1374 -12.43 -7.00 40.86
N ILE A 1375 -11.92 -6.93 42.08
CA ILE A 1375 -10.75 -6.11 42.38
C ILE A 1375 -9.56 -6.90 42.94
N SER A 1376 -9.53 -7.13 44.25
CA SER A 1376 -8.34 -7.68 44.90
C SER A 1376 -8.60 -8.60 46.12
N HIS A 1377 -7.56 -9.38 46.46
CA HIS A 1377 -7.49 -10.21 47.69
C HIS A 1377 -8.36 -11.47 47.71
N ARG A 1378 -9.64 -11.31 47.37
CA ARG A 1378 -10.56 -12.44 47.34
C ARG A 1378 -10.68 -12.91 45.91
N HIS A 1379 -10.93 -11.94 45.03
CA HIS A 1379 -11.09 -12.20 43.60
C HIS A 1379 -9.82 -12.80 43.06
N LEU A 1380 -8.71 -12.53 43.73
CA LEU A 1380 -7.42 -13.00 43.27
C LEU A 1380 -7.36 -14.51 43.44
N SER A 1381 -7.57 -14.99 44.67
CA SER A 1381 -7.56 -16.42 44.94
C SER A 1381 -8.62 -17.14 44.11
N ASP A 1382 -9.79 -16.52 43.99
CA ASP A 1382 -10.86 -17.01 43.14
C ASP A 1382 -10.40 -17.20 41.70
N HIS A 1383 -9.85 -16.13 41.12
CA HIS A 1383 -9.48 -16.17 39.71
C HIS A 1383 -8.32 -17.11 39.41
N LEU A 1384 -7.39 -17.25 40.36
CA LEU A 1384 -6.32 -18.23 40.21
C LEU A 1384 -6.92 -19.62 40.13
N SER A 1385 -7.84 -19.92 41.05
CA SER A 1385 -8.43 -21.25 41.15
C SER A 1385 -9.37 -21.56 39.98
N GLU A 1386 -9.92 -20.52 39.37
CA GLU A 1386 -10.80 -20.72 38.22
C GLU A 1386 -9.95 -20.92 36.97
N LEU A 1387 -8.72 -20.43 37.04
CA LEU A 1387 -7.79 -20.50 35.93
C LEU A 1387 -7.14 -21.88 35.88
N VAL A 1388 -6.69 -22.35 37.04
CA VAL A 1388 -6.08 -23.67 37.11
C VAL A 1388 -7.14 -24.72 36.80
N GLU A 1389 -8.39 -24.41 37.13
CA GLU A 1389 -9.49 -25.32 36.89
C GLU A 1389 -9.71 -25.56 35.40
N GLN A 1390 -9.77 -24.48 34.63
CA GLN A 1390 -9.98 -24.56 33.18
C GLN A 1390 -8.86 -25.30 32.49
N THR A 1391 -7.64 -25.00 32.89
CA THR A 1391 -6.48 -25.53 32.20
C THR A 1391 -6.39 -27.04 32.41
N LEU A 1392 -6.67 -27.47 33.63
CA LEU A 1392 -6.65 -28.90 33.96
C LEU A 1392 -7.81 -29.63 33.30
N SER A 1393 -8.96 -28.97 33.25
CA SER A 1393 -10.11 -29.49 32.53
C SER A 1393 -9.77 -29.72 31.06
N ASP A 1394 -9.17 -28.71 30.43
CA ASP A 1394 -8.83 -28.79 29.01
C ASP A 1394 -7.78 -29.86 28.76
N LEU A 1395 -6.87 -30.01 29.72
CA LEU A 1395 -5.80 -30.97 29.59
C LEU A 1395 -6.31 -32.39 29.79
N GLU A 1396 -7.35 -32.52 30.61
CA GLU A 1396 -7.92 -33.82 30.91
C GLU A 1396 -8.78 -34.29 29.76
N GLN A 1397 -9.58 -33.36 29.22
CA GLN A 1397 -10.46 -33.64 28.10
C GLN A 1397 -9.67 -33.98 26.86
N SER A 1398 -8.42 -33.53 26.81
CA SER A 1398 -7.57 -33.74 25.65
C SER A 1398 -6.62 -34.91 25.83
N LYS A 1399 -6.91 -35.77 26.81
CA LYS A 1399 -6.17 -37.01 27.07
C LYS A 1399 -4.72 -36.82 27.55
N CYS A 1400 -4.39 -35.61 28.01
CA CYS A 1400 -3.01 -35.33 28.39
C CYS A 1400 -2.74 -35.64 29.84
N ILE A 1401 -3.68 -35.26 30.70
CA ILE A 1401 -3.55 -35.60 32.11
C ILE A 1401 -4.77 -36.37 32.57
N SER A 1402 -4.67 -36.94 33.77
CA SER A 1402 -5.80 -37.59 34.41
C SER A 1402 -6.16 -36.86 35.71
N ILE A 1403 -7.46 -36.62 35.91
CA ILE A 1403 -7.91 -36.01 37.14
C ILE A 1403 -8.57 -37.04 38.04
N GLU A 1404 -8.00 -37.21 39.24
CA GLU A 1404 -8.44 -38.19 40.23
C GLU A 1404 -8.73 -37.52 41.57
N ASP A 1405 -9.94 -37.76 42.10
CA ASP A 1405 -10.37 -37.20 43.39
C ASP A 1405 -10.44 -35.68 43.39
N GLU A 1406 -10.57 -35.08 42.22
CA GLU A 1406 -10.54 -33.63 42.05
C GLU A 1406 -9.19 -32.96 42.39
N MET A 1407 -8.59 -33.37 43.50
CA MET A 1407 -7.35 -32.76 43.98
C MET A 1407 -6.14 -33.17 43.15
N ASP A 1408 -5.95 -34.48 42.97
CA ASP A 1408 -4.73 -35.02 42.38
C ASP A 1408 -4.74 -35.11 40.85
N VAL A 1409 -3.56 -34.97 40.26
CA VAL A 1409 -3.37 -35.06 38.82
C VAL A 1409 -2.23 -36.01 38.48
N ALA A 1410 -2.20 -36.45 37.23
CA ALA A 1410 -1.18 -37.40 36.77
C ALA A 1410 -1.02 -37.33 35.26
N PRO A 1411 0.21 -37.57 34.76
CA PRO A 1411 0.46 -37.56 33.32
C PRO A 1411 -0.08 -38.81 32.64
N LEU A 1412 -0.69 -38.61 31.46
CA LEU A 1412 -1.15 -39.72 30.63
C LEU A 1412 -0.25 -39.81 29.42
N ASN A 1413 -0.53 -40.76 28.52
CA ASN A 1413 0.38 -41.01 27.40
C ASN A 1413 0.58 -39.81 26.48
N LEU A 1414 -0.53 -39.26 25.98
CA LEU A 1414 -0.46 -38.10 25.08
C LEU A 1414 0.25 -36.91 25.73
N GLY A 1415 0.13 -36.80 27.05
CA GLY A 1415 0.77 -35.72 27.77
C GLY A 1415 2.27 -35.92 27.85
N MET A 1416 2.67 -37.18 27.92
CA MET A 1416 4.09 -37.53 28.03
C MET A 1416 4.83 -37.24 26.73
N ILE A 1417 4.17 -37.48 25.61
CA ILE A 1417 4.83 -37.31 24.32
C ILE A 1417 4.92 -35.84 23.94
N ALA A 1418 4.01 -35.02 24.44
CA ALA A 1418 3.96 -33.60 24.09
C ALA A 1418 5.00 -32.81 24.89
N ALA A 1419 5.18 -33.20 26.15
CA ALA A 1419 6.20 -32.60 26.99
C ALA A 1419 7.60 -32.94 26.49
N TYR A 1420 7.77 -34.19 26.05
CA TYR A 1420 9.04 -34.71 25.59
C TYR A 1420 9.57 -33.99 24.35
N TYR A 1421 8.75 -33.94 23.31
CA TYR A 1421 9.14 -33.36 22.04
C TYR A 1421 8.93 -31.84 21.97
N TYR A 1422 8.37 -31.27 23.03
CA TYR A 1422 8.02 -29.84 23.06
C TYR A 1422 6.99 -29.50 21.99
N ILE A 1423 5.88 -30.22 22.01
CA ILE A 1423 4.81 -30.03 21.03
C ILE A 1423 3.53 -29.61 21.74
N ASN A 1424 2.84 -28.61 21.19
CA ASN A 1424 1.60 -28.12 21.77
C ASN A 1424 0.56 -29.23 21.93
N TYR A 1425 -0.17 -29.18 23.04
CA TYR A 1425 -1.05 -30.28 23.42
C TYR A 1425 -2.20 -30.52 22.44
N THR A 1426 -2.59 -29.49 21.71
CA THR A 1426 -3.68 -29.62 20.76
C THR A 1426 -3.22 -30.32 19.50
N THR A 1427 -1.94 -30.13 19.16
CA THR A 1427 -1.33 -30.81 18.02
C THR A 1427 -1.43 -32.32 18.21
N ILE A 1428 -1.05 -32.78 19.39
CA ILE A 1428 -1.08 -34.21 19.68
C ILE A 1428 -2.50 -34.68 19.98
N GLU A 1429 -3.38 -33.75 20.35
CA GLU A 1429 -4.80 -34.08 20.46
C GLU A 1429 -5.33 -34.40 19.08
N LEU A 1430 -4.98 -33.55 18.12
CA LEU A 1430 -5.40 -33.74 16.72
C LEU A 1430 -4.67 -34.92 16.09
N PHE A 1431 -3.47 -35.21 16.56
CA PHE A 1431 -2.70 -36.31 16.01
C PHE A 1431 -3.36 -37.65 16.34
N SER A 1432 -3.85 -37.78 17.57
CA SER A 1432 -4.43 -39.03 18.03
C SER A 1432 -5.89 -39.12 17.59
N MET A 1433 -6.42 -37.98 17.14
CA MET A 1433 -7.80 -37.92 16.71
C MET A 1433 -7.90 -38.20 15.22
N SER A 1434 -6.77 -38.03 14.52
CA SER A 1434 -6.76 -38.11 13.06
C SER A 1434 -5.98 -39.29 12.49
N LEU A 1435 -5.34 -40.06 13.37
CA LEU A 1435 -4.55 -41.19 12.91
C LEU A 1435 -5.28 -42.49 13.15
N ASN A 1436 -5.50 -43.24 12.07
CA ASN A 1436 -6.20 -44.51 12.14
C ASN A 1436 -5.31 -45.70 11.77
N ALA A 1437 -5.93 -46.81 11.41
CA ALA A 1437 -5.22 -48.04 11.09
C ALA A 1437 -4.68 -48.07 9.66
N LYS A 1438 -5.34 -47.34 8.76
CA LYS A 1438 -4.96 -47.34 7.35
C LYS A 1438 -4.35 -46.02 6.85
N THR A 1439 -3.88 -45.18 7.77
CA THR A 1439 -3.26 -43.91 7.37
C THR A 1439 -1.91 -44.15 6.70
N LYS A 1440 -1.74 -43.56 5.51
CA LYS A 1440 -0.52 -43.70 4.73
C LYS A 1440 0.26 -42.38 4.70
N VAL A 1441 1.39 -42.35 4.01
CA VAL A 1441 2.25 -41.17 3.94
C VAL A 1441 1.58 -39.96 3.29
N ARG A 1442 0.43 -40.18 2.64
CA ARG A 1442 -0.33 -39.09 2.06
C ARG A 1442 -1.13 -38.36 3.14
N GLY A 1443 -1.89 -39.13 3.91
CA GLY A 1443 -2.67 -38.57 5.01
C GLY A 1443 -1.77 -38.07 6.12
N LEU A 1444 -0.61 -38.71 6.27
CA LEU A 1444 0.35 -38.33 7.30
C LEU A 1444 0.85 -36.91 7.10
N ILE A 1445 1.15 -36.56 5.85
CA ILE A 1445 1.59 -35.22 5.51
C ILE A 1445 0.49 -34.21 5.83
N GLU A 1446 -0.73 -34.54 5.44
CA GLU A 1446 -1.86 -33.66 5.72
C GLU A 1446 -2.01 -33.46 7.22
N ILE A 1447 -1.86 -34.53 7.97
CA ILE A 1447 -2.05 -34.47 9.41
C ILE A 1447 -0.95 -33.68 10.08
N ILE A 1448 0.28 -33.93 9.66
CA ILE A 1448 1.41 -33.29 10.30
C ILE A 1448 1.41 -31.80 10.00
N SER A 1449 0.99 -31.43 8.79
CA SER A 1449 0.99 -30.03 8.40
C SER A 1449 -0.14 -29.25 9.08
N ASN A 1450 -1.14 -29.97 9.59
CA ASN A 1450 -2.19 -29.33 10.37
C ASN A 1450 -1.76 -29.06 11.80
N ALA A 1451 -0.46 -29.18 12.05
CA ALA A 1451 0.11 -28.95 13.38
C ALA A 1451 -0.15 -27.52 13.82
N ALA A 1452 -0.45 -27.34 15.10
CA ALA A 1452 -0.60 -26.00 15.67
C ALA A 1452 0.72 -25.22 15.62
N GLU A 1453 1.82 -25.91 15.35
CA GLU A 1453 3.12 -25.27 15.28
C GLU A 1453 3.21 -24.38 14.04
N TYR A 1454 2.60 -24.82 12.96
CA TYR A 1454 2.65 -24.09 11.70
C TYR A 1454 1.62 -22.96 11.61
N GLU A 1455 0.88 -22.73 12.70
CA GLU A 1455 -0.11 -21.66 12.73
C GLU A 1455 0.53 -20.30 12.45
N ASN A 1456 1.73 -20.10 13.00
CA ASN A 1456 2.40 -18.82 12.89
C ASN A 1456 3.10 -18.60 11.55
N ILE A 1457 3.01 -19.58 10.66
CA ILE A 1457 3.56 -19.41 9.32
C ILE A 1457 2.80 -18.28 8.64
N PRO A 1458 3.54 -17.27 8.14
CA PRO A 1458 2.86 -16.07 7.65
C PRO A 1458 2.33 -16.25 6.23
N ILE A 1459 1.30 -15.50 5.90
CA ILE A 1459 0.85 -15.37 4.52
C ILE A 1459 1.07 -13.93 4.10
N ARG A 1460 1.91 -13.71 3.09
CA ARG A 1460 2.28 -12.35 2.69
C ARG A 1460 1.47 -11.85 1.50
N HIS A 1461 1.65 -10.58 1.17
CA HIS A 1461 0.85 -9.91 0.14
C HIS A 1461 1.00 -10.59 -1.22
N HIS A 1462 -0.13 -10.97 -1.80
CA HIS A 1462 -0.16 -11.55 -3.13
C HIS A 1462 0.64 -12.85 -3.25
N GLU A 1463 0.58 -13.67 -2.21
CA GLU A 1463 1.12 -15.03 -2.28
C GLU A 1463 0.00 -16.02 -2.53
N ASP A 1464 -1.24 -15.55 -2.37
CA ASP A 1464 -2.41 -16.40 -2.66
C ASP A 1464 -2.46 -16.77 -4.13
N ASN A 1465 -2.01 -15.85 -4.99
CA ASN A 1465 -1.90 -16.14 -6.42
C ASN A 1465 -0.76 -17.12 -6.67
N LEU A 1466 0.28 -17.02 -5.83
CA LEU A 1466 1.49 -17.81 -5.99
C LEU A 1466 1.28 -19.26 -5.54
N LEU A 1467 0.55 -19.42 -4.44
CA LEU A 1467 0.25 -20.73 -3.88
C LEU A 1467 -0.78 -21.47 -4.73
N ARG A 1468 -1.69 -20.71 -5.33
CA ARG A 1468 -2.70 -21.27 -6.22
C ARG A 1468 -2.03 -21.96 -7.40
N GLN A 1469 -0.94 -21.37 -7.88
CA GLN A 1469 -0.18 -21.96 -8.98
C GLN A 1469 0.46 -23.26 -8.56
N LEU A 1470 1.11 -23.26 -7.40
CA LEU A 1470 1.83 -24.42 -6.91
C LEU A 1470 0.91 -25.63 -6.74
N ALA A 1471 -0.29 -25.38 -6.23
CA ALA A 1471 -1.24 -26.44 -5.96
C ALA A 1471 -1.59 -27.23 -7.21
N GLN A 1472 -1.62 -26.55 -8.35
CA GLN A 1472 -1.89 -27.22 -9.61
C GLN A 1472 -0.58 -27.68 -10.25
N LYS A 1473 0.42 -27.96 -9.40
CA LYS A 1473 1.73 -28.42 -9.85
C LYS A 1473 2.31 -29.48 -8.92
N VAL A 1474 1.56 -29.90 -7.91
CA VAL A 1474 2.06 -30.85 -6.91
C VAL A 1474 1.51 -32.26 -7.09
N PRO A 1475 2.30 -33.27 -6.68
CA PRO A 1475 1.92 -34.69 -6.77
C PRO A 1475 0.57 -35.01 -6.14
N HIS A 1476 0.35 -34.51 -4.93
CA HIS A 1476 -0.87 -34.82 -4.20
C HIS A 1476 -1.79 -33.60 -4.10
N LYS A 1477 -2.83 -33.60 -4.93
CA LYS A 1477 -3.78 -32.50 -5.02
C LYS A 1477 -4.59 -32.36 -3.74
N LEU A 1478 -4.94 -31.13 -3.40
CA LEU A 1478 -5.72 -30.85 -2.21
C LEU A 1478 -7.12 -30.41 -2.62
N ASN A 1479 -8.14 -30.84 -1.88
CA ASN A 1479 -9.50 -30.40 -2.19
C ASN A 1479 -10.02 -29.34 -1.21
N ASN A 1480 -10.70 -28.33 -1.75
CA ASN A 1480 -11.10 -27.16 -1.00
C ASN A 1480 -9.97 -26.60 -0.12
N PRO A 1481 -8.91 -26.10 -0.75
CA PRO A 1481 -7.74 -25.61 -0.03
C PRO A 1481 -7.67 -24.09 0.00
N LYS A 1482 -8.20 -23.48 1.06
CA LYS A 1482 -8.19 -22.03 1.20
C LYS A 1482 -6.75 -21.52 1.33
N PHE A 1483 -6.36 -20.63 0.41
CA PHE A 1483 -4.96 -20.22 0.28
C PHE A 1483 -4.52 -19.07 1.19
N ASN A 1484 -5.26 -18.83 2.26
CA ASN A 1484 -4.81 -17.92 3.31
C ASN A 1484 -4.60 -18.71 4.60
N ASP A 1485 -4.74 -20.03 4.47
CA ASP A 1485 -4.55 -20.95 5.58
C ASP A 1485 -3.12 -21.45 5.58
N PRO A 1486 -2.36 -21.11 6.64
CA PRO A 1486 -0.95 -21.46 6.74
C PRO A 1486 -0.74 -22.97 6.59
N HIS A 1487 -1.73 -23.74 7.01
CA HIS A 1487 -1.65 -25.19 6.91
C HIS A 1487 -1.68 -25.65 5.46
N VAL A 1488 -2.52 -25.00 4.67
CA VAL A 1488 -2.56 -25.27 3.24
C VAL A 1488 -1.21 -24.91 2.63
N LYS A 1489 -0.60 -23.86 3.16
CA LYS A 1489 0.70 -23.42 2.68
C LYS A 1489 1.79 -24.45 2.99
N THR A 1490 1.88 -24.86 4.26
CA THR A 1490 2.90 -25.82 4.68
C THR A 1490 2.74 -27.14 3.94
N ASN A 1491 1.49 -27.54 3.70
CA ASN A 1491 1.20 -28.79 3.00
C ASN A 1491 1.80 -28.80 1.61
N LEU A 1492 1.66 -27.68 0.90
CA LEU A 1492 2.21 -27.54 -0.44
C LEU A 1492 3.71 -27.35 -0.40
N LEU A 1493 4.16 -26.52 0.53
CA LEU A 1493 5.58 -26.22 0.67
C LEU A 1493 6.35 -27.48 1.02
N LEU A 1494 5.64 -28.44 1.61
CA LEU A 1494 6.25 -29.70 2.04
C LEU A 1494 6.42 -30.65 0.86
N GLN A 1495 5.43 -30.67 -0.03
CA GLN A 1495 5.52 -31.49 -1.24
C GLN A 1495 6.58 -30.94 -2.18
N ALA A 1496 6.63 -29.62 -2.30
CA ALA A 1496 7.60 -28.96 -3.17
C ALA A 1496 9.04 -29.26 -2.73
N HIS A 1497 9.23 -29.44 -1.43
CA HIS A 1497 10.53 -29.81 -0.88
C HIS A 1497 10.83 -31.28 -1.19
N LEU A 1498 9.81 -32.11 -1.12
CA LEU A 1498 9.93 -33.53 -1.46
C LEU A 1498 10.19 -33.73 -2.95
N SER A 1499 9.59 -32.84 -3.75
CA SER A 1499 9.70 -32.91 -5.21
C SER A 1499 10.91 -32.14 -5.72
N ARG A 1500 11.78 -31.73 -4.80
CA ARG A 1500 13.01 -31.02 -5.15
C ARG A 1500 12.74 -29.81 -6.04
N MET A 1501 11.71 -29.05 -5.69
CA MET A 1501 11.35 -27.86 -6.46
C MET A 1501 11.98 -26.61 -5.86
N GLN A 1502 12.66 -25.83 -6.71
CA GLN A 1502 13.12 -24.52 -6.31
C GLN A 1502 12.05 -23.51 -6.70
N LEU A 1503 11.78 -22.56 -5.82
CA LEU A 1503 10.65 -21.67 -5.98
C LEU A 1503 11.00 -20.28 -5.43
N SER A 1504 9.97 -19.49 -5.12
CA SER A 1504 10.18 -18.16 -4.56
C SER A 1504 11.17 -18.14 -3.40
N ALA A 1505 11.91 -17.04 -3.28
CA ALA A 1505 12.95 -16.92 -2.26
C ALA A 1505 12.41 -17.08 -0.85
N GLU A 1506 11.37 -16.32 -0.52
CA GLU A 1506 10.78 -16.39 0.82
C GLU A 1506 10.10 -17.73 1.08
N LEU A 1507 9.71 -18.44 0.02
CA LEU A 1507 9.10 -19.74 0.18
C LEU A 1507 10.14 -20.77 0.60
N GLN A 1508 11.30 -20.74 -0.04
CA GLN A 1508 12.43 -21.57 0.39
C GLN A 1508 12.81 -21.18 1.81
N SER A 1509 12.66 -19.90 2.11
CA SER A 1509 12.94 -19.37 3.43
C SER A 1509 11.89 -19.85 4.43
N ASP A 1510 10.66 -20.05 3.96
CA ASP A 1510 9.59 -20.53 4.82
C ASP A 1510 9.73 -22.03 5.00
N THR A 1511 10.10 -22.71 3.92
CA THR A 1511 10.35 -24.14 3.96
C THR A 1511 11.36 -24.47 5.05
N GLU A 1512 12.34 -23.59 5.25
CA GLU A 1512 13.34 -23.81 6.28
C GLU A 1512 12.74 -23.78 7.68
N GLU A 1513 11.88 -22.80 7.95
CA GLU A 1513 11.25 -22.73 9.26
C GLU A 1513 10.29 -23.90 9.48
N ILE A 1514 9.80 -24.46 8.38
CA ILE A 1514 8.90 -25.62 8.46
C ILE A 1514 9.67 -26.88 8.82
N LEU A 1515 10.71 -27.18 8.04
CA LEU A 1515 11.51 -28.38 8.24
C LEU A 1515 12.17 -28.38 9.61
N SER A 1516 12.41 -27.18 10.14
CA SER A 1516 13.09 -27.02 11.42
C SER A 1516 12.30 -27.63 12.57
N LYS A 1517 11.00 -27.82 12.36
CA LYS A 1517 10.15 -28.42 13.38
C LYS A 1517 9.54 -29.73 12.89
N ALA A 1518 9.90 -30.13 11.69
CA ALA A 1518 9.30 -31.30 11.05
C ALA A 1518 9.66 -32.62 11.74
N ILE A 1519 10.93 -32.77 12.11
CA ILE A 1519 11.40 -34.03 12.65
C ILE A 1519 10.67 -34.44 13.93
N ARG A 1520 10.69 -33.56 14.92
CA ARG A 1520 10.07 -33.86 16.20
C ARG A 1520 8.59 -34.23 16.05
N LEU A 1521 7.94 -33.63 15.03
CA LEU A 1521 6.54 -33.90 14.73
C LEU A 1521 6.32 -35.31 14.17
N ILE A 1522 7.19 -35.71 13.26
CA ILE A 1522 7.10 -37.04 12.68
C ILE A 1522 7.33 -38.10 13.75
N GLN A 1523 8.38 -37.91 14.54
CA GLN A 1523 8.73 -38.81 15.63
C GLN A 1523 7.57 -38.95 16.61
N ALA A 1524 6.85 -37.86 16.84
CA ALA A 1524 5.69 -37.92 17.74
C ALA A 1524 4.63 -38.84 17.17
N CYS A 1525 4.45 -38.80 15.86
CA CYS A 1525 3.42 -39.62 15.21
C CYS A 1525 3.71 -41.10 15.38
N VAL A 1526 4.97 -41.46 15.25
CA VAL A 1526 5.43 -42.81 15.48
C VAL A 1526 5.01 -43.30 16.87
N ASP A 1527 5.21 -42.45 17.87
CA ASP A 1527 4.89 -42.77 19.26
C ASP A 1527 3.41 -43.05 19.46
N VAL A 1528 2.57 -42.30 18.76
CA VAL A 1528 1.13 -42.43 18.94
C VAL A 1528 0.60 -43.69 18.25
N LEU A 1529 1.03 -43.93 17.03
CA LEU A 1529 0.62 -45.11 16.29
C LEU A 1529 1.09 -46.39 16.99
N SER A 1530 2.26 -46.34 17.62
CA SER A 1530 2.79 -47.49 18.33
C SER A 1530 2.14 -47.64 19.70
N SER A 1531 1.67 -46.53 20.27
CA SER A 1531 0.89 -46.57 21.50
C SER A 1531 -0.48 -47.20 21.25
N ASN A 1532 -0.85 -47.30 19.98
CA ASN A 1532 -2.15 -47.82 19.59
C ASN A 1532 -2.08 -49.14 18.83
N GLY A 1533 -0.87 -49.69 18.72
CA GLY A 1533 -0.66 -51.01 18.17
C GLY A 1533 -0.92 -51.13 16.68
N TRP A 1534 -0.77 -50.03 15.95
CA TRP A 1534 -0.91 -50.07 14.51
C TRP A 1534 0.44 -50.26 13.83
N LEU A 1535 0.51 -51.24 12.93
CA LEU A 1535 1.76 -51.57 12.28
C LEU A 1535 2.00 -50.75 11.02
N SER A 1536 1.06 -50.83 10.08
CA SER A 1536 1.20 -50.17 8.78
C SER A 1536 1.50 -48.66 8.87
N PRO A 1537 0.62 -47.88 9.54
CA PRO A 1537 0.89 -46.43 9.58
C PRO A 1537 2.23 -46.09 10.22
N ALA A 1538 2.60 -46.83 11.26
CA ALA A 1538 3.83 -46.56 11.99
C ALA A 1538 5.06 -46.62 11.11
N LEU A 1539 5.18 -47.68 10.32
CA LEU A 1539 6.35 -47.89 9.46
C LEU A 1539 6.43 -46.83 8.38
N ALA A 1540 5.27 -46.53 7.77
CA ALA A 1540 5.19 -45.52 6.73
C ALA A 1540 5.56 -44.16 7.30
N ALA A 1541 5.20 -43.94 8.56
CA ALA A 1541 5.56 -42.71 9.26
C ALA A 1541 7.06 -42.57 9.40
N MET A 1542 7.76 -43.69 9.53
CA MET A 1542 9.21 -43.68 9.67
C MET A 1542 9.87 -43.41 8.33
N GLU A 1543 9.25 -43.92 7.27
CA GLU A 1543 9.71 -43.64 5.90
C GLU A 1543 9.67 -42.14 5.65
N LEU A 1544 8.62 -41.50 6.16
CA LEU A 1544 8.45 -40.07 6.00
C LEU A 1544 9.61 -39.31 6.63
N ALA A 1545 10.04 -39.77 7.80
CA ALA A 1545 11.14 -39.15 8.53
C ALA A 1545 12.41 -39.08 7.69
N GLN A 1546 12.71 -40.17 7.01
CA GLN A 1546 13.92 -40.23 6.21
C GLN A 1546 13.75 -39.49 4.87
N MET A 1547 12.60 -39.64 4.23
CA MET A 1547 12.38 -39.03 2.93
C MET A 1547 12.21 -37.51 3.03
N VAL A 1548 11.95 -37.02 4.23
CA VAL A 1548 11.94 -35.58 4.47
C VAL A 1548 13.38 -35.10 4.53
N THR A 1549 14.19 -35.84 5.27
CA THR A 1549 15.57 -35.46 5.50
C THR A 1549 16.34 -35.40 4.19
N GLN A 1550 16.09 -36.37 3.32
CA GLN A 1550 16.80 -36.44 2.05
C GLN A 1550 16.02 -35.80 0.91
N ALA A 1551 14.78 -35.38 1.20
CA ALA A 1551 13.92 -34.72 0.23
C ALA A 1551 13.70 -35.56 -1.04
N MET A 1552 12.96 -36.65 -0.88
CA MET A 1552 12.61 -37.49 -2.02
C MET A 1552 11.30 -38.21 -1.73
N TRP A 1553 10.71 -38.81 -2.75
CA TRP A 1553 9.39 -39.40 -2.60
C TRP A 1553 9.39 -40.90 -2.30
N SER A 1554 8.19 -41.45 -2.12
CA SER A 1554 8.01 -42.82 -1.63
C SER A 1554 8.51 -43.89 -2.61
N LYS A 1555 8.47 -43.58 -3.90
CA LYS A 1555 8.98 -44.50 -4.92
C LYS A 1555 10.04 -43.85 -5.81
N ASP A 1556 10.67 -42.81 -5.29
CA ASP A 1556 11.79 -42.19 -5.99
C ASP A 1556 13.00 -43.09 -5.89
N SER A 1557 13.80 -43.12 -6.95
CA SER A 1557 14.98 -43.98 -7.01
C SER A 1557 15.95 -43.65 -5.88
N TYR A 1558 16.46 -44.68 -5.22
CA TYR A 1558 17.40 -44.52 -4.12
C TYR A 1558 18.73 -43.91 -4.59
N LEU A 1559 18.83 -43.67 -5.89
CA LEU A 1559 20.02 -43.10 -6.48
C LEU A 1559 20.07 -41.58 -6.26
N LYS A 1560 18.95 -41.01 -5.83
CA LYS A 1560 18.87 -39.56 -5.64
C LYS A 1560 19.54 -39.09 -4.35
N GLN A 1561 19.97 -40.03 -3.52
CA GLN A 1561 20.62 -39.70 -2.25
C GLN A 1561 22.03 -39.16 -2.45
N LEU A 1562 22.55 -39.34 -3.65
CA LEU A 1562 23.92 -38.94 -3.97
C LEU A 1562 23.95 -37.59 -4.70
N PRO A 1563 24.89 -36.71 -4.30
CA PRO A 1563 25.00 -35.35 -4.84
C PRO A 1563 25.25 -35.29 -6.35
N HIS A 1564 24.71 -34.24 -6.98
CA HIS A 1564 24.92 -33.90 -8.39
C HIS A 1564 24.09 -34.74 -9.38
N PHE A 1565 23.43 -35.79 -8.88
CA PHE A 1565 22.62 -36.65 -9.74
C PHE A 1565 21.37 -35.95 -10.25
N THR A 1566 21.17 -35.97 -11.56
CA THR A 1566 19.95 -35.41 -12.13
C THR A 1566 19.01 -36.54 -12.51
N SER A 1567 17.79 -36.17 -12.92
CA SER A 1567 16.75 -37.15 -13.21
C SER A 1567 17.05 -37.99 -14.45
N GLU A 1568 18.07 -37.59 -15.20
CA GLU A 1568 18.50 -38.35 -16.38
C GLU A 1568 19.67 -39.27 -16.02
N HIS A 1569 20.37 -38.96 -14.93
CA HIS A 1569 21.47 -39.80 -14.46
C HIS A 1569 20.95 -41.09 -13.88
N ILE A 1570 19.70 -41.07 -13.45
CA ILE A 1570 19.03 -42.25 -12.89
C ILE A 1570 18.74 -43.28 -13.97
N LYS A 1571 18.19 -42.82 -15.10
CA LYS A 1571 17.82 -43.73 -16.19
C LYS A 1571 19.05 -44.26 -16.93
N ARG A 1572 20.19 -43.56 -16.79
CA ARG A 1572 21.46 -44.07 -17.29
C ARG A 1572 22.10 -45.03 -16.29
N CYS A 1573 21.35 -45.33 -15.24
CA CYS A 1573 21.72 -46.35 -14.26
C CYS A 1573 20.58 -47.35 -14.10
N THR A 1574 19.37 -46.92 -14.46
CA THR A 1574 18.22 -47.81 -14.49
C THR A 1574 18.40 -48.84 -15.59
N ASP A 1575 18.81 -48.36 -16.77
CA ASP A 1575 19.11 -49.23 -17.90
C ASP A 1575 20.39 -50.01 -17.63
N LYS A 1576 21.38 -49.33 -17.06
CA LYS A 1576 22.70 -49.92 -16.80
C LYS A 1576 22.63 -51.14 -15.89
N GLY A 1577 21.83 -51.06 -14.84
CA GLY A 1577 21.69 -52.16 -13.91
C GLY A 1577 22.03 -51.78 -12.48
N VAL A 1578 22.22 -50.48 -12.25
CA VAL A 1578 22.53 -49.97 -10.91
C VAL A 1578 21.36 -49.13 -10.41
N GLU A 1579 20.57 -49.68 -9.49
CA GLU A 1579 19.40 -48.98 -8.96
C GLU A 1579 19.42 -48.87 -7.43
N SER A 1580 20.58 -49.12 -6.83
CA SER A 1580 20.73 -49.09 -5.38
C SER A 1580 22.05 -48.47 -4.97
N VAL A 1581 22.15 -48.07 -3.70
CA VAL A 1581 23.39 -47.51 -3.18
C VAL A 1581 24.33 -48.65 -2.78
N PHE A 1582 23.75 -49.83 -2.57
CA PHE A 1582 24.54 -51.02 -2.28
C PHE A 1582 25.33 -51.46 -3.51
N ASP A 1583 24.80 -51.15 -4.68
CA ASP A 1583 25.44 -51.56 -5.94
C ASP A 1583 26.74 -50.80 -6.22
N ILE A 1584 26.71 -49.48 -6.01
CA ILE A 1584 27.85 -48.62 -6.30
C ILE A 1584 29.01 -48.78 -5.29
N MET A 1585 28.75 -49.46 -4.19
CA MET A 1585 29.76 -49.63 -3.15
C MET A 1585 30.57 -50.91 -3.30
N GLU A 1586 30.05 -51.85 -4.09
CA GLU A 1586 30.72 -53.14 -4.28
C GLU A 1586 31.45 -53.25 -5.62
N MET A 1587 31.21 -52.31 -6.52
CA MET A 1587 31.90 -52.30 -7.81
C MET A 1587 33.14 -51.42 -7.79
N GLU A 1588 34.19 -51.90 -8.46
CA GLU A 1588 35.51 -51.26 -8.45
C GLU A 1588 35.49 -49.79 -8.88
N ASP A 1589 36.52 -49.06 -8.49
CA ASP A 1589 36.56 -47.61 -8.66
C ASP A 1589 36.66 -47.17 -10.12
N GLU A 1590 37.49 -47.87 -10.89
CA GLU A 1590 37.65 -47.56 -12.31
C GLU A 1590 36.34 -47.74 -13.08
N GLU A 1591 35.58 -48.77 -12.69
CA GLU A 1591 34.30 -49.06 -13.31
C GLU A 1591 33.23 -48.09 -12.80
N ARG A 1592 33.50 -47.49 -11.64
CA ARG A 1592 32.55 -46.61 -10.98
C ARG A 1592 32.49 -45.22 -11.62
N ASN A 1593 33.65 -44.61 -11.81
CA ASN A 1593 33.73 -43.28 -12.40
C ASN A 1593 33.60 -43.30 -13.91
N ALA A 1594 33.71 -44.51 -14.49
CA ALA A 1594 33.54 -44.68 -15.93
C ALA A 1594 32.06 -44.83 -16.27
N LEU A 1595 31.24 -45.07 -15.26
CA LEU A 1595 29.81 -45.23 -15.45
C LEU A 1595 29.20 -43.93 -15.99
N LEU A 1596 29.34 -42.86 -15.21
CA LEU A 1596 28.83 -41.54 -15.59
C LEU A 1596 29.92 -40.48 -15.58
N GLN A 1597 29.52 -39.21 -15.65
CA GLN A 1597 30.47 -38.11 -15.71
C GLN A 1597 30.91 -37.64 -14.32
N LEU A 1598 32.23 -37.51 -14.14
CA LEU A 1598 32.79 -37.16 -12.84
C LEU A 1598 33.70 -35.93 -12.91
N THR A 1599 33.89 -35.30 -11.77
CA THR A 1599 34.95 -34.30 -11.60
C THR A 1599 35.72 -34.63 -10.33
N ASP A 1600 36.83 -33.94 -10.11
CA ASP A 1600 37.67 -34.19 -8.93
C ASP A 1600 36.94 -33.83 -7.64
N SER A 1601 36.13 -32.77 -7.70
CA SER A 1601 35.39 -32.29 -6.54
C SER A 1601 34.09 -33.06 -6.33
N GLN A 1602 33.61 -33.72 -7.38
CA GLN A 1602 32.43 -34.57 -7.28
C GLN A 1602 32.76 -35.88 -6.59
N ILE A 1603 33.91 -36.45 -6.96
CA ILE A 1603 34.40 -37.66 -6.30
C ILE A 1603 34.66 -37.38 -4.81
N ALA A 1604 35.10 -36.16 -4.51
CA ALA A 1604 35.42 -35.76 -3.14
C ALA A 1604 34.19 -35.65 -2.24
N ASP A 1605 33.06 -35.23 -2.82
CA ASP A 1605 31.82 -35.08 -2.05
C ASP A 1605 31.11 -36.41 -1.82
N VAL A 1606 31.12 -37.27 -2.83
CA VAL A 1606 30.45 -38.58 -2.76
C VAL A 1606 31.23 -39.56 -1.87
N ALA A 1607 32.55 -39.46 -1.90
CA ALA A 1607 33.41 -40.30 -1.08
C ALA A 1607 33.10 -40.08 0.39
N ARG A 1608 33.03 -38.80 0.79
CA ARG A 1608 32.76 -38.45 2.18
C ARG A 1608 31.32 -38.79 2.54
N PHE A 1609 30.48 -38.92 1.52
CA PHE A 1609 29.08 -39.33 1.71
C PHE A 1609 28.99 -40.77 2.18
N CYS A 1610 29.71 -41.66 1.52
CA CYS A 1610 29.71 -43.08 1.89
C CYS A 1610 30.69 -43.39 3.03
N ASN A 1611 31.22 -42.34 3.64
CA ASN A 1611 32.03 -42.47 4.84
C ASN A 1611 31.18 -42.23 6.07
N ARG A 1612 29.90 -41.98 5.84
CA ARG A 1612 28.95 -41.72 6.91
C ARG A 1612 27.61 -42.39 6.63
N TYR A 1613 27.53 -43.06 5.49
CA TYR A 1613 26.38 -43.89 5.16
C TYR A 1613 26.48 -45.15 6.00
N PRO A 1614 25.59 -45.28 7.00
CA PRO A 1614 25.68 -46.33 8.03
C PRO A 1614 25.69 -47.75 7.47
N ASN A 1615 26.73 -48.50 7.80
CA ASN A 1615 26.82 -49.90 7.38
C ASN A 1615 26.14 -50.82 8.38
N ILE A 1616 25.14 -51.55 7.90
CA ILE A 1616 24.22 -52.25 8.79
C ILE A 1616 24.31 -53.78 8.73
N GLU A 1617 24.30 -54.40 9.91
CA GLU A 1617 24.16 -55.86 10.02
C GLU A 1617 23.53 -56.22 11.37
N LEU A 1618 22.59 -57.17 11.35
CA LEU A 1618 21.82 -57.49 12.54
C LEU A 1618 21.83 -58.97 12.92
N SER A 1619 22.15 -59.23 14.18
CA SER A 1619 22.04 -60.57 14.76
C SER A 1619 21.00 -60.54 15.87
N TYR A 1620 20.22 -61.61 15.96
CA TYR A 1620 19.19 -61.66 17.01
C TYR A 1620 18.89 -63.07 17.51
N GLU A 1621 18.54 -63.14 18.80
CA GLU A 1621 18.12 -64.40 19.41
C GLU A 1621 16.86 -64.20 20.26
N VAL A 1622 16.03 -65.23 20.32
CA VAL A 1622 14.88 -65.23 21.22
C VAL A 1622 15.28 -65.89 22.54
N VAL A 1623 15.41 -65.08 23.58
CA VAL A 1623 15.77 -65.58 24.90
C VAL A 1623 14.72 -66.57 25.41
N ASP A 1624 15.18 -67.74 25.84
CA ASP A 1624 14.31 -68.86 26.21
C ASP A 1624 13.44 -69.28 25.05
N LYS A 1625 14.03 -69.39 23.86
CA LYS A 1625 13.31 -69.71 22.64
C LYS A 1625 12.50 -71.00 22.79
N ASP A 1626 13.10 -71.97 23.45
CA ASP A 1626 12.47 -73.26 23.67
C ASP A 1626 11.32 -73.14 24.66
N SER A 1627 11.65 -72.82 25.91
CA SER A 1627 10.65 -72.73 26.97
C SER A 1627 9.99 -71.34 27.07
N ILE A 1628 8.90 -71.15 26.34
CA ILE A 1628 8.08 -69.95 26.45
C ILE A 1628 6.59 -70.31 26.39
N ARG A 1629 5.79 -69.69 27.26
CA ARG A 1629 4.37 -70.01 27.34
C ARG A 1629 3.49 -68.78 27.22
N SER A 1630 2.17 -69.02 27.24
CA SER A 1630 1.18 -67.96 27.12
C SER A 1630 1.16 -67.07 28.37
N GLY A 1631 1.02 -65.76 28.13
CA GLY A 1631 0.97 -64.79 29.22
C GLY A 1631 2.34 -64.44 29.77
N GLY A 1632 3.36 -65.14 29.29
CA GLY A 1632 4.72 -64.93 29.75
C GLY A 1632 5.54 -64.03 28.84
N PRO A 1633 6.60 -63.42 29.39
CA PRO A 1633 7.47 -62.51 28.63
C PRO A 1633 8.29 -63.23 27.56
N VAL A 1634 8.40 -62.61 26.38
CA VAL A 1634 9.21 -63.15 25.29
C VAL A 1634 10.28 -62.15 24.90
N VAL A 1635 11.52 -62.40 25.32
CA VAL A 1635 12.60 -61.46 25.11
C VAL A 1635 13.29 -61.67 23.77
N VAL A 1636 13.33 -60.61 22.96
CA VAL A 1636 14.09 -60.64 21.72
C VAL A 1636 15.29 -59.72 21.84
N LEU A 1637 16.48 -60.32 21.86
CA LEU A 1637 17.73 -59.58 22.04
C LEU A 1637 18.35 -59.25 20.68
N VAL A 1638 18.37 -57.96 20.34
CA VAL A 1638 18.87 -57.53 19.04
C VAL A 1638 20.29 -56.95 19.14
N GLN A 1639 21.22 -57.53 18.38
CA GLN A 1639 22.60 -57.08 18.39
C GLN A 1639 22.87 -56.13 17.22
N LEU A 1640 23.48 -54.99 17.52
CA LEU A 1640 23.74 -53.97 16.50
C LEU A 1640 25.19 -53.49 16.49
N GLU A 1641 25.78 -53.40 15.30
CA GLU A 1641 27.16 -52.94 15.16
C GLU A 1641 27.49 -52.49 13.74
N ARG A 1642 28.13 -51.33 13.63
CA ARG A 1642 28.57 -50.80 12.34
C ARG A 1642 30.04 -51.15 12.09
N GLU A 1643 30.39 -51.33 10.82
CA GLU A 1643 31.78 -51.66 10.45
C GLU A 1643 32.53 -50.45 9.89
N GLU A 1644 31.80 -49.35 9.70
CA GLU A 1644 32.38 -48.14 9.16
C GLU A 1644 33.46 -47.57 10.06
N GLU A 1645 33.19 -47.61 11.38
CA GLU A 1645 34.04 -46.98 12.39
C GLU A 1645 34.04 -45.45 12.25
N VAL A 1646 34.26 -44.97 11.03
CA VAL A 1646 34.16 -43.56 10.70
C VAL A 1646 32.76 -43.03 11.01
N THR A 1647 32.70 -41.87 11.65
CA THR A 1647 31.45 -41.21 11.97
C THR A 1647 31.57 -39.72 11.70
N GLY A 1648 30.45 -39.00 11.83
CA GLY A 1648 30.42 -37.58 11.58
C GLY A 1648 29.00 -37.06 11.43
N PRO A 1649 28.85 -35.80 11.01
CA PRO A 1649 27.53 -35.17 10.87
C PRO A 1649 26.75 -35.77 9.71
N VAL A 1650 25.49 -36.12 9.96
CA VAL A 1650 24.62 -36.72 8.94
C VAL A 1650 24.41 -35.78 7.75
N ILE A 1651 24.75 -36.27 6.57
CA ILE A 1651 24.68 -35.46 5.36
C ILE A 1651 23.33 -35.58 4.66
N ALA A 1652 22.59 -34.47 4.65
CA ALA A 1652 21.32 -34.38 3.95
C ALA A 1652 21.20 -33.00 3.32
N PRO A 1653 21.93 -32.78 2.22
CA PRO A 1653 22.18 -31.47 1.59
C PRO A 1653 20.98 -30.54 1.59
N LEU A 1654 19.80 -31.08 1.32
CA LEU A 1654 18.59 -30.28 1.21
C LEU A 1654 17.84 -30.19 2.54
N PHE A 1655 18.57 -29.92 3.62
CA PHE A 1655 18.01 -29.90 4.96
C PHE A 1655 18.76 -28.91 5.84
N PRO A 1656 18.06 -27.86 6.31
CA PRO A 1656 18.60 -26.70 7.01
C PRO A 1656 19.28 -27.01 8.34
N GLN A 1657 18.90 -28.12 8.96
CA GLN A 1657 19.48 -28.50 10.25
C GLN A 1657 20.58 -29.53 10.06
N LYS A 1658 21.59 -29.49 10.94
CA LYS A 1658 22.64 -30.51 10.92
C LYS A 1658 22.29 -31.58 11.95
N ARG A 1659 21.53 -32.59 11.52
CA ARG A 1659 20.98 -33.57 12.44
C ARG A 1659 21.85 -34.82 12.58
N GLU A 1660 21.50 -35.66 13.57
CA GLU A 1660 22.24 -36.88 13.87
C GLU A 1660 21.44 -38.14 13.52
N GLU A 1661 22.12 -39.28 13.43
CA GLU A 1661 21.46 -40.55 13.09
C GLU A 1661 20.52 -41.05 14.19
N GLY A 1662 19.39 -41.60 13.76
CA GLY A 1662 18.41 -42.17 14.68
C GLY A 1662 17.84 -43.45 14.12
N TRP A 1663 17.52 -44.39 15.01
CA TRP A 1663 17.07 -45.70 14.57
C TRP A 1663 15.91 -46.23 15.39
N TRP A 1664 15.02 -46.96 14.72
CA TRP A 1664 13.95 -47.68 15.39
C TRP A 1664 14.10 -49.18 15.17
N VAL A 1665 14.07 -49.94 16.26
CA VAL A 1665 14.01 -51.40 16.16
C VAL A 1665 12.59 -51.82 16.53
N VAL A 1666 11.91 -52.49 15.60
CA VAL A 1666 10.47 -52.74 15.72
C VAL A 1666 10.11 -54.19 15.47
N ILE A 1667 9.21 -54.72 16.31
CA ILE A 1667 8.67 -56.07 16.13
C ILE A 1667 7.16 -55.97 15.94
N GLY A 1668 6.64 -56.66 14.92
CA GLY A 1668 5.22 -56.62 14.67
C GLY A 1668 4.68 -57.79 13.88
N ASP A 1669 3.36 -57.91 13.82
CA ASP A 1669 2.71 -58.95 13.02
C ASP A 1669 2.17 -58.37 11.73
N ALA A 1670 2.82 -58.72 10.61
CA ALA A 1670 2.46 -58.18 9.31
C ALA A 1670 1.09 -58.70 8.83
N LYS A 1671 0.72 -59.89 9.28
CA LYS A 1671 -0.52 -60.51 8.84
C LYS A 1671 -1.75 -59.75 9.34
N SER A 1672 -1.77 -59.43 10.63
CA SER A 1672 -2.94 -58.81 11.24
C SER A 1672 -2.76 -57.33 11.54
N ASN A 1673 -1.67 -56.74 11.02
CA ASN A 1673 -1.40 -55.32 11.18
C ASN A 1673 -1.30 -54.91 12.65
N SER A 1674 -0.32 -55.46 13.37
CA SER A 1674 -0.14 -55.16 14.79
C SER A 1674 1.31 -54.84 15.15
N LEU A 1675 1.50 -53.72 15.86
CA LEU A 1675 2.82 -53.35 16.34
C LEU A 1675 3.00 -53.92 17.76
N ILE A 1676 4.07 -54.67 17.95
CA ILE A 1676 4.24 -55.46 19.18
C ILE A 1676 5.27 -54.89 20.15
N SER A 1677 6.35 -54.34 19.63
CA SER A 1677 7.39 -53.74 20.47
C SER A 1677 8.13 -52.66 19.70
N ILE A 1678 8.73 -51.72 20.41
CA ILE A 1678 9.44 -50.63 19.76
C ILE A 1678 10.48 -49.99 20.68
N LYS A 1679 11.59 -49.53 20.10
CA LYS A 1679 12.63 -48.87 20.86
C LYS A 1679 13.46 -47.97 19.95
N ARG A 1680 13.69 -46.74 20.39
CA ARG A 1680 14.50 -45.79 19.62
C ARG A 1680 15.87 -45.62 20.27
N LEU A 1681 16.90 -45.46 19.45
CA LEU A 1681 18.25 -45.31 19.96
C LEU A 1681 19.16 -44.59 18.99
N THR A 1682 20.38 -44.33 19.43
CA THR A 1682 21.46 -43.89 18.55
C THR A 1682 22.57 -44.93 18.63
N LEU A 1683 23.30 -45.12 17.53
CA LEU A 1683 24.16 -46.30 17.35
C LEU A 1683 25.37 -46.40 18.27
N GLN A 1684 26.23 -45.39 18.25
CA GLN A 1684 27.47 -45.38 19.04
C GLN A 1684 28.38 -46.57 18.70
N GLN A 1685 28.34 -46.99 17.44
CA GLN A 1685 29.19 -48.08 16.91
C GLN A 1685 28.84 -49.51 17.39
N LYS A 1686 28.50 -49.66 18.66
CA LYS A 1686 28.04 -50.95 19.19
C LYS A 1686 26.85 -50.79 20.13
N ALA A 1687 25.82 -51.62 19.97
CA ALA A 1687 24.60 -51.50 20.76
C ALA A 1687 23.86 -52.82 20.98
N LYS A 1688 23.28 -52.96 22.18
CA LYS A 1688 22.47 -54.12 22.53
C LYS A 1688 21.08 -53.65 22.96
N VAL A 1689 20.08 -53.91 22.12
CA VAL A 1689 18.73 -53.49 22.43
C VAL A 1689 17.84 -54.67 22.80
N LYS A 1690 17.26 -54.61 24.00
CA LYS A 1690 16.30 -55.62 24.42
C LYS A 1690 14.89 -55.06 24.38
N LEU A 1691 13.94 -55.90 23.98
CA LEU A 1691 12.53 -55.53 23.96
C LEU A 1691 11.64 -56.76 24.00
N ASP A 1692 10.78 -56.82 25.02
CA ASP A 1692 9.94 -58.00 25.26
C ASP A 1692 8.45 -57.76 25.06
N PHE A 1693 7.71 -58.85 24.90
CA PHE A 1693 6.25 -58.79 24.74
C PHE A 1693 5.56 -59.99 25.38
N VAL A 1694 4.28 -60.18 25.09
CA VAL A 1694 3.47 -61.21 25.74
C VAL A 1694 2.95 -62.22 24.71
N ALA A 1695 2.95 -63.50 25.08
CA ALA A 1695 2.54 -64.57 24.17
C ALA A 1695 1.03 -64.81 24.14
N PRO A 1696 0.49 -65.17 22.96
CA PRO A 1696 -0.91 -65.56 22.78
C PRO A 1696 -1.21 -66.92 23.40
N ALA A 1697 -2.49 -67.27 23.46
CA ALA A 1697 -2.96 -68.48 24.15
C ALA A 1697 -2.12 -69.75 23.94
N THR A 1698 -1.93 -70.14 22.68
CA THR A 1698 -1.14 -71.33 22.37
C THR A 1698 -0.66 -71.33 20.92
N GLY A 1699 0.18 -72.31 20.61
CA GLY A 1699 0.66 -72.50 19.25
C GLY A 1699 1.93 -71.72 18.93
N ALA A 1700 2.24 -71.64 17.63
CA ALA A 1700 3.36 -70.84 17.15
C ALA A 1700 2.87 -69.83 16.13
N HIS A 1701 3.38 -68.61 16.21
CA HIS A 1701 2.94 -67.53 15.34
C HIS A 1701 4.06 -67.09 14.40
N ASN A 1702 3.68 -66.43 13.31
CA ASN A 1702 4.65 -65.87 12.37
C ASN A 1702 4.78 -64.35 12.52
N TYR A 1703 5.97 -63.90 12.91
CA TYR A 1703 6.22 -62.49 13.16
C TYR A 1703 7.15 -61.87 12.13
N THR A 1704 7.46 -60.59 12.33
CA THR A 1704 8.38 -59.86 11.46
C THR A 1704 9.21 -58.86 12.27
N LEU A 1705 10.49 -58.75 11.94
CA LEU A 1705 11.38 -57.81 12.64
C LEU A 1705 11.77 -56.66 11.72
N TYR A 1706 11.57 -55.43 12.17
CA TYR A 1706 11.85 -54.27 11.33
C TYR A 1706 13.00 -53.41 11.86
N PHE A 1707 13.77 -52.84 10.94
CA PHE A 1707 14.87 -51.95 11.27
C PHE A 1707 14.84 -50.71 10.38
N MET A 1708 14.27 -49.62 10.89
CA MET A 1708 14.07 -48.41 10.09
C MET A 1708 14.96 -47.26 10.52
N SER A 1709 15.33 -46.41 9.57
CA SER A 1709 16.09 -45.19 9.88
C SER A 1709 15.16 -43.98 9.86
N ASP A 1710 15.60 -42.89 10.47
CA ASP A 1710 14.84 -41.65 10.46
C ASP A 1710 15.55 -40.62 9.61
N ALA A 1711 16.63 -41.03 8.96
CA ALA A 1711 17.52 -40.11 8.26
C ALA A 1711 17.88 -40.50 6.82
N TYR A 1712 18.12 -41.80 6.59
CA TYR A 1712 18.53 -42.26 5.26
C TYR A 1712 17.52 -43.20 4.62
N MET A 1713 17.44 -43.16 3.30
CA MET A 1713 16.50 -44.00 2.54
C MET A 1713 17.10 -45.34 2.13
N GLY A 1714 16.41 -46.42 2.49
CA GLY A 1714 16.77 -47.73 2.00
C GLY A 1714 17.95 -48.39 2.68
N CYS A 1715 18.08 -48.20 3.99
CA CYS A 1715 19.02 -48.98 4.78
C CYS A 1715 18.21 -50.00 5.55
N ASP A 1716 16.90 -49.94 5.34
CA ASP A 1716 15.94 -50.73 6.09
C ASP A 1716 16.06 -52.23 5.83
N GLN A 1717 16.08 -53.01 6.91
CA GLN A 1717 16.18 -54.46 6.82
C GLN A 1717 14.91 -55.13 7.33
N GLU A 1718 14.68 -56.36 6.88
CA GLU A 1718 13.54 -57.15 7.33
C GLU A 1718 13.95 -58.60 7.66
N TYR A 1719 13.28 -59.18 8.65
CA TYR A 1719 13.57 -60.54 9.10
C TYR A 1719 12.31 -61.25 9.53
N LYS A 1720 12.08 -62.46 9.01
CA LYS A 1720 10.97 -63.29 9.46
C LYS A 1720 11.46 -64.32 10.47
N PHE A 1721 10.76 -64.42 11.61
CA PHE A 1721 11.18 -65.30 12.69
C PHE A 1721 9.98 -65.88 13.43
N SER A 1722 10.20 -66.96 14.17
CA SER A 1722 9.14 -67.61 14.93
C SER A 1722 9.58 -68.10 16.30
N VAL A 1723 8.60 -68.24 17.21
CA VAL A 1723 8.83 -68.76 18.55
C VAL A 1723 7.69 -69.73 18.91
N ASP A 1724 7.93 -70.58 19.91
CA ASP A 1724 6.93 -71.51 20.42
C ASP A 1724 6.44 -72.47 19.34
#